data_2KVQ
#
_entry.id   2KVQ
#
_cell.length_a   1.000
_cell.length_b   1.000
_cell.length_c   1.000
_cell.angle_alpha   90.00
_cell.angle_beta   90.00
_cell.angle_gamma   90.00
#
_symmetry.space_group_name_H-M   'P 1'
#
loop_
_entity.id
_entity.type
_entity.pdbx_description
1 polymer NusE
2 polymer 'Transcription antitermination protein nusG'
#
loop_
_entity_poly.entity_id
_entity_poly.type
_entity_poly.pdbx_seq_one_letter_code
_entity_poly.pdbx_strand_id
1 'polypeptide(L)'
;GPLGSMQNQRIRIRLKAFDHRLIDQATAEIVETAKRTGAQVRGPIPLPTRSRTHLRLVDIVEPTEKTVDALMRLDLAAGV
DVQISLG
;
E
2 'polypeptide(L)' GAMGRPKTLFEPGEMVRVNDGPFADFNGVVEEVDYEKSRLKVSVSIFGRATPVELDFSQVEKA G
#
# COMPACT_ATOMS: atom_id res chain seq x y z
N ASN A 8 10.95 -12.86 -3.15
CA ASN A 8 9.82 -13.23 -3.98
C ASN A 8 8.55 -12.43 -3.70
N GLN A 9 8.69 -11.33 -2.97
CA GLN A 9 7.57 -10.45 -2.69
C GLN A 9 7.59 -9.27 -3.64
N ARG A 10 6.41 -8.72 -3.80
CA ARG A 10 6.14 -7.66 -4.73
C ARG A 10 5.37 -6.57 -3.99
N ILE A 11 5.64 -5.31 -4.30
CA ILE A 11 4.76 -4.21 -3.87
C ILE A 11 3.80 -3.91 -5.04
N ARG A 12 2.51 -4.02 -4.79
CA ARG A 12 1.49 -3.72 -5.78
C ARG A 12 0.81 -2.43 -5.40
N ILE A 13 0.74 -1.52 -6.36
CA ILE A 13 0.16 -0.21 -6.13
C ILE A 13 -0.92 0.07 -7.17
N ARG A 14 -2.05 0.59 -6.71
CA ARG A 14 -3.11 1.09 -7.56
C ARG A 14 -3.33 2.54 -7.20
N LEU A 15 -3.32 3.40 -8.21
CA LEU A 15 -3.56 4.82 -8.06
C LEU A 15 -4.89 5.18 -8.67
N LYS A 16 -5.58 6.12 -8.04
CA LYS A 16 -6.80 6.71 -8.61
C LYS A 16 -6.77 8.20 -8.39
N ALA A 17 -7.34 8.94 -9.33
CA ALA A 17 -7.46 10.40 -9.16
C ALA A 17 -8.48 10.91 -10.11
N PHE A 18 -9.14 12.01 -9.76
CA PHE A 18 -9.94 12.74 -10.75
C PHE A 18 -9.09 13.61 -11.68
N ASP A 19 -7.90 13.99 -11.26
CA ASP A 19 -7.01 14.86 -12.03
C ASP A 19 -5.87 14.03 -12.63
N HIS A 20 -5.84 13.89 -13.96
CA HIS A 20 -4.82 13.07 -14.61
C HIS A 20 -3.42 13.64 -14.40
N ARG A 21 -3.30 14.95 -14.25
CA ARG A 21 -1.99 15.54 -14.04
C ARG A 21 -1.40 15.05 -12.71
N LEU A 22 -2.25 14.99 -11.70
CA LEU A 22 -1.80 14.53 -10.37
C LEU A 22 -1.45 13.05 -10.43
N ILE A 23 -2.23 12.25 -11.15
CA ILE A 23 -1.99 10.81 -11.15
C ILE A 23 -0.69 10.50 -11.86
N ASP A 24 -0.39 11.21 -12.95
CA ASP A 24 0.85 10.93 -13.68
C ASP A 24 2.07 11.42 -12.93
N GLN A 25 1.93 12.53 -12.21
CA GLN A 25 3.03 12.99 -11.36
C GLN A 25 3.30 12.00 -10.21
N ALA A 26 2.25 11.49 -9.56
CA ALA A 26 2.42 10.57 -8.46
C ALA A 26 3.05 9.28 -8.99
N THR A 27 2.61 8.82 -10.16
CA THR A 27 3.15 7.62 -10.76
C THR A 27 4.63 7.79 -11.04
N ALA A 28 5.02 8.92 -11.61
CA ALA A 28 6.42 9.20 -11.88
C ALA A 28 7.26 9.21 -10.60
N GLU A 29 6.72 9.80 -9.56
CA GLU A 29 7.41 9.89 -8.28
C GLU A 29 7.64 8.50 -7.67
N ILE A 30 6.65 7.64 -7.74
CA ILE A 30 6.76 6.29 -7.25
C ILE A 30 7.81 5.50 -8.05
N VAL A 31 7.76 5.61 -9.37
CA VAL A 31 8.76 4.95 -10.22
C VAL A 31 10.16 5.40 -9.86
N GLU A 32 10.37 6.71 -9.74
CA GLU A 32 11.69 7.24 -9.46
C GLU A 32 12.16 6.77 -8.12
N THR A 33 11.28 6.79 -7.12
CA THR A 33 11.65 6.37 -5.77
C THR A 33 12.08 4.92 -5.77
N ALA A 34 11.36 4.07 -6.48
CA ALA A 34 11.67 2.66 -6.55
C ALA A 34 13.01 2.41 -7.22
N LYS A 35 13.21 3.00 -8.38
CA LYS A 35 14.42 2.79 -9.14
C LYS A 35 15.67 3.31 -8.43
N ARG A 36 15.57 4.42 -7.69
CA ARG A 36 16.73 4.99 -6.97
C ARG A 36 17.13 4.20 -5.73
N THR A 37 16.29 3.22 -5.49
CA THR A 37 16.16 2.40 -4.32
C THR A 37 16.83 1.06 -4.58
N GLY A 38 17.16 0.81 -5.84
CA GLY A 38 17.71 -0.50 -6.25
C GLY A 38 16.65 -1.56 -6.57
N ALA A 39 15.40 -1.13 -6.69
CA ALA A 39 14.25 -2.00 -7.02
C ALA A 39 13.89 -1.86 -8.47
N GLN A 40 13.06 -2.76 -8.97
CA GLN A 40 12.65 -2.73 -10.36
C GLN A 40 11.17 -2.43 -10.44
N VAL A 41 10.76 -1.83 -11.53
CA VAL A 41 9.39 -1.42 -11.72
C VAL A 41 8.77 -2.29 -12.81
N ARG A 42 7.53 -2.71 -12.60
CA ARG A 42 6.70 -3.32 -13.63
C ARG A 42 5.53 -2.40 -13.87
N GLY A 43 5.19 -2.18 -15.12
CA GLY A 43 4.31 -1.10 -15.50
C GLY A 43 5.11 0.19 -15.43
N PRO A 44 4.48 1.30 -15.08
CA PRO A 44 3.07 1.47 -14.75
C PRO A 44 2.21 1.37 -15.96
N ILE A 45 0.98 0.96 -15.78
CA ILE A 45 0.03 1.00 -16.87
C ILE A 45 -1.21 1.80 -16.53
N PRO A 46 -1.80 2.45 -17.53
CA PRO A 46 -3.10 3.08 -17.34
C PRO A 46 -4.21 2.09 -17.63
N LEU A 47 -5.29 2.20 -16.87
CA LEU A 47 -6.51 1.44 -17.18
C LEU A 47 -7.51 2.40 -17.80
N PRO A 48 -8.55 1.88 -18.48
CA PRO A 48 -9.58 2.81 -18.96
C PRO A 48 -10.19 3.61 -17.83
N THR A 49 -10.41 4.89 -18.08
CA THR A 49 -11.04 5.79 -17.11
C THR A 49 -12.48 5.36 -16.80
N ARG A 50 -12.84 5.36 -15.52
CA ARG A 50 -14.13 4.84 -15.06
C ARG A 50 -14.74 5.89 -14.18
N SER A 51 -15.97 6.30 -14.49
CA SER A 51 -16.66 7.32 -13.70
C SER A 51 -15.79 8.54 -13.45
N ARG A 52 -15.18 9.03 -14.52
CA ARG A 52 -14.31 10.23 -14.55
C ARG A 52 -13.07 10.09 -13.66
N THR A 53 -12.74 8.86 -13.31
CA THR A 53 -11.60 8.56 -12.43
C THR A 53 -10.52 7.92 -13.26
N HIS A 54 -9.35 8.51 -13.20
CA HIS A 54 -8.16 7.95 -13.82
C HIS A 54 -7.56 6.89 -12.93
N LEU A 55 -6.99 5.86 -13.54
CA LEU A 55 -6.52 4.70 -12.84
C LEU A 55 -5.17 4.30 -13.39
N ARG A 56 -4.25 3.98 -12.49
CA ARG A 56 -2.93 3.46 -12.87
C ARG A 56 -2.58 2.29 -11.98
N LEU A 57 -1.84 1.34 -12.53
CA LEU A 57 -1.28 0.21 -11.76
C LEU A 57 0.21 0.22 -11.92
N VAL A 58 0.93 -0.04 -10.83
CA VAL A 58 2.37 -0.19 -10.92
C VAL A 58 2.81 -1.16 -9.86
N ASP A 59 3.83 -1.95 -10.16
CA ASP A 59 4.38 -2.86 -9.17
C ASP A 59 5.87 -2.63 -9.02
N ILE A 60 6.35 -2.96 -7.85
CA ILE A 60 7.78 -2.88 -7.55
C ILE A 60 8.28 -4.27 -7.20
N VAL A 61 9.20 -4.78 -8.00
CA VAL A 61 9.78 -6.09 -7.68
C VAL A 61 11.15 -5.93 -7.07
N GLU A 62 11.57 -7.00 -6.42
CA GLU A 62 12.81 -6.99 -5.61
C GLU A 62 12.90 -5.73 -4.74
N PRO A 63 11.84 -5.42 -4.00
CA PRO A 63 11.97 -4.28 -3.09
C PRO A 63 12.97 -4.58 -1.96
N THR A 64 13.66 -3.53 -1.53
CA THR A 64 14.57 -3.58 -0.39
C THR A 64 13.98 -2.79 0.77
N GLU A 65 14.61 -2.88 1.93
CA GLU A 65 14.26 -2.03 3.06
C GLU A 65 14.38 -0.57 2.67
N LYS A 66 15.44 -0.21 1.95
CA LYS A 66 15.60 1.20 1.46
C LYS A 66 14.40 1.64 0.56
N THR A 67 13.89 0.73 -0.29
CA THR A 67 12.66 0.99 -1.09
C THR A 67 11.47 1.33 -0.24
N VAL A 68 11.20 0.49 0.75
CA VAL A 68 10.04 0.67 1.62
C VAL A 68 10.18 2.00 2.38
N ASP A 69 11.37 2.28 2.89
CA ASP A 69 11.60 3.51 3.61
C ASP A 69 11.45 4.74 2.73
N ALA A 70 11.92 4.65 1.49
CA ALA A 70 11.78 5.75 0.54
C ALA A 70 10.33 5.99 0.17
N LEU A 71 9.55 4.92 0.03
CA LEU A 71 8.13 5.06 -0.26
C LEU A 71 7.37 5.70 0.91
N MET A 72 7.74 5.34 2.12
CA MET A 72 7.09 5.92 3.26
C MET A 72 7.39 7.42 3.31
N ARG A 73 8.64 7.80 3.05
CA ARG A 73 9.03 9.21 3.13
C ARG A 73 8.38 10.05 2.05
N LEU A 74 8.12 9.44 0.90
CA LEU A 74 7.54 10.16 -0.23
C LEU A 74 6.20 10.78 0.16
N ASP A 75 6.04 12.07 -0.09
CA ASP A 75 4.76 12.77 0.14
C ASP A 75 3.92 12.81 -1.11
N LEU A 76 2.84 12.05 -1.12
CA LEU A 76 2.00 11.97 -2.30
C LEU A 76 0.94 13.09 -2.22
N ALA A 77 0.74 13.78 -3.34
CA ALA A 77 -0.14 14.95 -3.42
C ALA A 77 -1.53 14.65 -2.94
N ALA A 78 -2.16 15.66 -2.36
CA ALA A 78 -3.58 15.60 -2.14
C ALA A 78 -4.28 15.37 -3.48
N GLY A 79 -5.30 14.54 -3.45
CA GLY A 79 -6.11 14.31 -4.61
C GLY A 79 -5.73 13.04 -5.36
N VAL A 80 -4.77 12.27 -4.84
CA VAL A 80 -4.47 10.95 -5.44
C VAL A 80 -4.66 9.89 -4.35
N ASP A 81 -5.39 8.85 -4.68
CA ASP A 81 -5.56 7.73 -3.79
C ASP A 81 -4.60 6.62 -4.17
N VAL A 82 -3.88 6.13 -3.18
CA VAL A 82 -2.93 5.06 -3.42
C VAL A 82 -3.25 3.87 -2.54
N GLN A 83 -3.54 2.73 -3.14
CA GLN A 83 -3.72 1.45 -2.45
C GLN A 83 -2.42 0.67 -2.66
N ILE A 84 -1.87 0.16 -1.56
CA ILE A 84 -0.55 -0.47 -1.61
C ILE A 84 -0.52 -1.73 -0.79
N SER A 85 0.14 -2.76 -1.33
CA SER A 85 0.30 -4.02 -0.63
C SER A 85 1.67 -4.59 -0.89
N LEU A 86 2.10 -5.44 0.03
CA LEU A 86 3.35 -6.18 -0.12
C LEU A 86 3.09 -7.64 0.14
N GLY A 87 3.50 -8.48 -0.80
CA GLY A 87 3.41 -9.93 -0.61
C GLY A 87 3.88 -10.72 -1.82
N ARG B 5 2.10 -12.27 23.79
CA ARG B 5 1.06 -13.31 23.52
C ARG B 5 -0.08 -12.69 22.72
N PRO B 6 0.21 -12.22 21.50
CA PRO B 6 -0.78 -11.59 20.63
C PRO B 6 -1.97 -12.52 20.36
N LYS B 7 -3.15 -11.98 20.23
CA LYS B 7 -4.34 -12.83 19.98
C LYS B 7 -4.55 -12.98 18.47
N THR B 8 -4.99 -14.13 18.03
CA THR B 8 -5.22 -14.34 16.58
C THR B 8 -6.71 -14.17 16.26
N LEU B 9 -7.46 -13.66 17.20
CA LEU B 9 -8.92 -13.47 16.95
C LEU B 9 -9.16 -12.06 16.41
N PHE B 10 -9.30 -11.93 15.11
CA PHE B 10 -9.55 -10.57 14.53
C PHE B 10 -10.91 -10.56 13.83
N GLU B 11 -11.59 -9.44 13.86
CA GLU B 11 -12.91 -9.36 13.20
C GLU B 11 -13.04 -8.03 12.46
N PRO B 12 -13.96 -7.96 11.48
CA PRO B 12 -14.19 -6.74 10.69
C PRO B 12 -14.46 -5.53 11.58
N GLY B 13 -13.75 -4.45 11.36
CA GLY B 13 -13.96 -3.24 12.19
C GLY B 13 -13.02 -3.27 13.40
N GLU B 14 -12.24 -4.31 13.53
CA GLU B 14 -11.31 -4.39 14.69
C GLU B 14 -10.00 -3.68 14.35
N MET B 15 -9.49 -2.89 15.25
CA MET B 15 -8.23 -2.16 14.98
C MET B 15 -7.04 -3.11 15.18
N VAL B 16 -6.00 -2.94 14.41
CA VAL B 16 -4.81 -3.82 14.55
C VAL B 16 -3.54 -2.97 14.63
N ARG B 17 -2.40 -3.60 14.77
CA ARG B 17 -1.13 -2.82 14.86
C ARG B 17 -0.11 -3.41 13.88
N VAL B 18 0.61 -2.57 13.19
CA VAL B 18 1.62 -3.09 12.22
C VAL B 18 3.03 -2.88 12.78
N ASN B 19 3.85 -3.89 12.73
CA ASN B 19 5.24 -3.75 13.28
C ASN B 19 6.24 -4.37 12.30
N ASP B 20 5.84 -4.51 11.06
CA ASP B 20 6.77 -5.11 10.05
C ASP B 20 6.62 -4.38 8.72
N GLY B 21 7.67 -4.28 7.97
CA GLY B 21 7.60 -3.57 6.65
C GLY B 21 7.42 -2.07 6.89
N PRO B 22 7.38 -1.28 5.80
CA PRO B 22 7.22 0.17 5.89
C PRO B 22 5.97 0.56 6.68
N PHE B 23 5.03 -0.35 6.81
CA PHE B 23 3.79 -0.03 7.57
C PHE B 23 4.02 -0.28 9.06
N ALA B 24 5.23 -0.58 9.44
CA ALA B 24 5.53 -0.84 10.88
C ALA B 24 5.32 0.45 11.68
N ASP B 25 4.91 0.34 12.92
CA ASP B 25 4.70 1.56 13.75
C ASP B 25 3.43 2.27 13.28
N PHE B 26 2.48 1.54 12.77
CA PHE B 26 1.21 2.17 12.30
C PHE B 26 0.02 1.32 12.73
N ASN B 27 -1.11 1.93 12.93
CA ASN B 27 -2.31 1.15 13.35
C ASN B 27 -3.40 1.28 12.28
N GLY B 28 -4.39 0.42 12.33
CA GLY B 28 -5.48 0.49 11.31
C GLY B 28 -6.59 -0.48 11.69
N VAL B 29 -7.57 -0.63 10.85
CA VAL B 29 -8.68 -1.58 11.16
C VAL B 29 -8.76 -2.66 10.08
N VAL B 30 -9.24 -3.83 10.42
CA VAL B 30 -9.34 -4.91 9.42
C VAL B 30 -10.73 -4.92 8.80
N GLU B 31 -10.89 -4.34 7.64
CA GLU B 31 -12.22 -4.32 6.99
C GLU B 31 -12.60 -5.73 6.55
N GLU B 32 -11.64 -6.50 6.10
CA GLU B 32 -11.95 -7.88 5.65
C GLU B 32 -10.91 -8.85 6.23
N VAL B 33 -11.29 -10.07 6.47
CA VAL B 33 -10.32 -11.05 7.03
C VAL B 33 -10.30 -12.31 6.17
N ASP B 34 -9.19 -13.00 6.10
CA ASP B 34 -9.11 -14.23 5.28
C ASP B 34 -8.38 -15.32 6.05
N TYR B 35 -9.09 -16.09 6.85
CA TYR B 35 -8.43 -17.16 7.63
C TYR B 35 -7.89 -18.23 6.67
N GLU B 36 -8.60 -18.51 5.61
CA GLU B 36 -8.13 -19.54 4.65
C GLU B 36 -6.80 -19.09 4.03
N LYS B 37 -6.72 -17.85 3.65
CA LYS B 37 -5.44 -17.35 3.04
C LYS B 37 -4.52 -16.84 4.14
N SER B 38 -4.93 -16.92 5.37
CA SER B 38 -4.06 -16.44 6.48
C SER B 38 -3.61 -15.01 6.20
N ARG B 39 -4.54 -14.13 5.91
CA ARG B 39 -4.16 -12.72 5.62
C ARG B 39 -5.26 -11.79 6.15
N LEU B 40 -4.87 -10.67 6.70
CA LEU B 40 -5.89 -9.72 7.24
C LEU B 40 -5.95 -8.48 6.34
N LYS B 41 -7.14 -8.05 6.01
CA LYS B 41 -7.27 -6.84 5.14
C LYS B 41 -7.39 -5.60 6.01
N VAL B 42 -6.30 -4.95 6.30
CA VAL B 42 -6.37 -3.73 7.15
C VAL B 42 -5.72 -2.56 6.41
N SER B 43 -6.27 -1.38 6.54
CA SER B 43 -5.69 -0.20 5.84
C SER B 43 -4.98 0.69 6.86
N VAL B 44 -3.93 1.36 6.44
CA VAL B 44 -3.19 2.24 7.39
C VAL B 44 -3.45 3.70 7.02
N SER B 45 -3.77 4.53 7.98
CA SER B 45 -4.02 5.96 7.68
C SER B 45 -2.70 6.65 7.35
N ILE B 46 -2.28 6.59 6.12
CA ILE B 46 -0.99 7.25 5.74
C ILE B 46 -1.29 8.48 4.88
N PHE B 47 -0.57 9.55 5.10
CA PHE B 47 -0.81 10.78 4.29
C PHE B 47 -2.24 11.28 4.52
N GLY B 48 -2.86 10.82 5.58
CA GLY B 48 -4.26 11.26 5.86
C GLY B 48 -5.24 10.41 5.06
N ARG B 49 -4.75 9.41 4.38
CA ARG B 49 -5.66 8.54 3.58
C ARG B 49 -5.48 7.08 4.01
N ALA B 50 -6.54 6.32 4.01
CA ALA B 50 -6.43 4.89 4.43
C ALA B 50 -5.65 4.11 3.37
N THR B 51 -4.83 3.19 3.79
CA THR B 51 -4.03 2.40 2.81
C THR B 51 -4.29 0.91 3.03
N PRO B 52 -5.47 0.43 2.59
CA PRO B 52 -5.84 -0.98 2.73
C PRO B 52 -4.72 -1.93 2.28
N VAL B 53 -4.06 -2.56 3.21
CA VAL B 53 -2.96 -3.49 2.85
C VAL B 53 -3.18 -4.84 3.54
N GLU B 54 -2.65 -5.90 2.98
CA GLU B 54 -2.83 -7.24 3.61
C GLU B 54 -1.63 -7.55 4.50
N LEU B 55 -1.87 -7.82 5.75
CA LEU B 55 -0.73 -8.14 6.67
C LEU B 55 -1.00 -9.48 7.35
N ASP B 56 0.04 -10.21 7.65
CA ASP B 56 -0.15 -11.53 8.32
C ASP B 56 -0.49 -11.31 9.80
N PHE B 57 -0.97 -12.32 10.47
CA PHE B 57 -1.32 -12.16 11.91
C PHE B 57 -0.07 -11.80 12.70
N SER B 58 1.04 -12.41 12.38
CA SER B 58 2.31 -12.09 13.12
C SER B 58 2.85 -10.75 12.63
N GLN B 59 2.54 -10.38 11.41
CA GLN B 59 3.05 -9.09 10.87
C GLN B 59 2.36 -7.93 11.60
N VAL B 60 1.18 -8.15 12.12
CA VAL B 60 0.47 -7.08 12.85
C VAL B 60 0.03 -7.58 14.23
N GLU B 61 -0.23 -6.69 15.15
CA GLU B 61 -0.66 -7.13 16.50
C GLU B 61 -2.10 -6.69 16.75
N LYS B 62 -2.84 -7.44 17.52
CA LYS B 62 -4.25 -7.07 17.80
C LYS B 62 -4.29 -5.82 18.67
N ALA B 63 -5.14 -4.88 18.35
CA ALA B 63 -5.22 -3.64 19.17
C ALA B 63 -6.45 -3.72 20.09
N ASN A 8 10.38 -12.94 -2.75
CA ASN A 8 9.21 -13.29 -3.54
C ASN A 8 7.98 -12.43 -3.24
N GLN A 9 8.18 -11.32 -2.55
CA GLN A 9 7.10 -10.39 -2.27
C GLN A 9 7.14 -9.25 -3.26
N ARG A 10 5.97 -8.65 -3.40
CA ARG A 10 5.70 -7.62 -4.36
C ARG A 10 5.00 -6.47 -3.63
N ILE A 11 5.31 -5.24 -4.00
CA ILE A 11 4.48 -4.09 -3.57
C ILE A 11 3.49 -3.79 -4.71
N ARG A 12 2.20 -3.84 -4.42
CA ARG A 12 1.17 -3.53 -5.39
C ARG A 12 0.55 -2.21 -5.03
N ILE A 13 0.48 -1.34 -6.02
CA ILE A 13 -0.05 0.00 -5.82
C ILE A 13 -1.15 0.29 -6.84
N ARG A 14 -2.24 0.86 -6.35
CA ARG A 14 -3.31 1.37 -7.19
C ARG A 14 -3.47 2.84 -6.86
N LEU A 15 -3.46 3.66 -7.91
CA LEU A 15 -3.65 5.10 -7.79
C LEU A 15 -4.98 5.49 -8.38
N LYS A 16 -5.61 6.48 -7.76
CA LYS A 16 -6.84 7.10 -8.30
C LYS A 16 -6.73 8.59 -8.14
N ALA A 17 -7.31 9.32 -9.08
CA ALA A 17 -7.37 10.79 -8.96
C ALA A 17 -8.41 11.30 -9.89
N PHE A 18 -9.01 12.44 -9.55
CA PHE A 18 -9.83 13.16 -10.55
C PHE A 18 -8.97 13.96 -11.53
N ASP A 19 -7.75 14.31 -11.16
CA ASP A 19 -6.85 15.12 -12.00
C ASP A 19 -5.77 14.23 -12.60
N HIS A 20 -5.80 14.05 -13.93
CA HIS A 20 -4.83 13.17 -14.58
C HIS A 20 -3.40 13.69 -14.44
N ARG A 21 -3.23 15.00 -14.33
CA ARG A 21 -1.88 15.54 -14.19
C ARG A 21 -1.28 15.08 -12.87
N LEU A 22 -2.09 15.09 -11.82
CA LEU A 22 -1.62 14.66 -10.51
C LEU A 22 -1.32 13.16 -10.52
N ILE A 23 -2.16 12.36 -11.18
CA ILE A 23 -1.97 10.93 -11.13
C ILE A 23 -0.70 10.54 -11.89
N ASP A 24 -0.41 11.20 -13.00
CA ASP A 24 0.78 10.85 -13.77
C ASP A 24 2.05 11.32 -13.08
N GLN A 25 1.98 12.44 -12.39
CA GLN A 25 3.11 12.90 -11.59
C GLN A 25 3.40 11.95 -10.42
N ALA A 26 2.35 11.49 -9.72
CA ALA A 26 2.53 10.60 -8.59
C ALA A 26 3.09 9.29 -9.10
N THR A 27 2.59 8.80 -10.22
CA THR A 27 3.07 7.55 -10.81
C THR A 27 4.54 7.67 -11.14
N ALA A 28 4.95 8.77 -11.77
CA ALA A 28 6.36 8.97 -12.08
C ALA A 28 7.24 9.00 -10.84
N GLU A 29 6.75 9.65 -9.80
CA GLU A 29 7.50 9.74 -8.55
C GLU A 29 7.70 8.38 -7.89
N ILE A 30 6.67 7.54 -7.92
CA ILE A 30 6.74 6.20 -7.37
C ILE A 30 7.73 5.35 -8.18
N VAL A 31 7.65 5.42 -9.50
CA VAL A 31 8.59 4.71 -10.35
C VAL A 31 10.03 5.10 -10.06
N GLU A 32 10.29 6.41 -10.00
CA GLU A 32 11.63 6.90 -9.78
C GLU A 32 12.13 6.46 -8.43
N THR A 33 11.29 6.55 -7.41
CA THR A 33 11.68 6.16 -6.06
C THR A 33 12.07 4.69 -6.02
N ALA A 34 11.28 3.85 -6.67
CA ALA A 34 11.54 2.41 -6.70
C ALA A 34 12.85 2.09 -7.41
N LYS A 35 13.04 2.65 -8.60
CA LYS A 35 14.21 2.36 -9.39
C LYS A 35 15.50 2.85 -8.74
N ARG A 36 15.47 4.00 -8.04
CA ARG A 36 16.67 4.55 -7.38
C ARG A 36 17.07 3.80 -6.12
N THR A 37 16.21 2.84 -5.82
CA THR A 37 16.10 2.08 -4.62
C THR A 37 16.71 0.70 -4.85
N GLY A 38 16.98 0.39 -6.11
CA GLY A 38 17.47 -0.94 -6.50
C GLY A 38 16.36 -1.97 -6.75
N ALA A 39 15.12 -1.49 -6.84
CA ALA A 39 13.93 -2.34 -7.10
C ALA A 39 13.53 -2.23 -8.55
N GLN A 40 12.65 -3.12 -8.98
CA GLN A 40 12.20 -3.13 -10.36
C GLN A 40 10.73 -2.76 -10.40
N VAL A 41 10.30 -2.19 -11.50
CA VAL A 41 8.94 -1.74 -11.67
C VAL A 41 8.26 -2.62 -12.69
N ARG A 42 7.00 -2.98 -12.42
CA ARG A 42 6.12 -3.60 -13.41
C ARG A 42 4.97 -2.64 -13.65
N GLY A 43 4.61 -2.45 -14.90
CA GLY A 43 3.75 -1.36 -15.28
C GLY A 43 4.60 -0.10 -15.27
N PRO A 44 4.02 1.06 -14.96
CA PRO A 44 2.63 1.28 -14.58
C PRO A 44 1.73 1.18 -15.76
N ILE A 45 0.49 0.82 -15.52
CA ILE A 45 -0.50 0.85 -16.58
C ILE A 45 -1.70 1.72 -16.24
N PRO A 46 -2.29 2.35 -17.23
CA PRO A 46 -3.56 3.04 -17.02
C PRO A 46 -4.72 2.08 -17.24
N LEU A 47 -5.76 2.26 -16.45
CA LEU A 47 -7.02 1.54 -16.68
C LEU A 47 -8.01 2.50 -17.31
N PRO A 48 -9.09 2.00 -17.93
CA PRO A 48 -10.10 2.95 -18.42
C PRO A 48 -10.64 3.82 -17.30
N THR A 49 -10.82 5.10 -17.58
CA THR A 49 -11.39 6.05 -16.63
C THR A 49 -12.83 5.69 -16.26
N ARG A 50 -13.13 5.74 -14.96
CA ARG A 50 -14.44 5.29 -14.45
C ARG A 50 -14.98 6.38 -13.59
N SER A 51 -16.20 6.83 -13.87
CA SER A 51 -16.82 7.90 -13.09
C SER A 51 -15.90 9.10 -12.91
N ARG A 52 -15.31 9.52 -14.02
CA ARG A 52 -14.40 10.69 -14.11
C ARG A 52 -13.14 10.54 -13.27
N THR A 53 -12.84 9.31 -12.87
CA THR A 53 -11.69 9.00 -12.03
C THR A 53 -10.66 8.28 -12.86
N HIS A 54 -9.47 8.83 -12.87
CA HIS A 54 -8.32 8.20 -13.51
C HIS A 54 -7.73 7.15 -12.60
N LEU A 55 -7.22 6.08 -13.19
CA LEU A 55 -6.76 4.93 -12.47
C LEU A 55 -5.46 4.47 -13.05
N ARG A 56 -4.51 4.14 -12.17
CA ARG A 56 -3.22 3.55 -12.56
C ARG A 56 -2.89 2.40 -11.66
N LEU A 57 -2.20 1.41 -12.20
CA LEU A 57 -1.65 0.30 -11.41
C LEU A 57 -0.16 0.23 -11.61
N VAL A 58 0.57 -0.01 -10.54
CA VAL A 58 2.00 -0.22 -10.67
C VAL A 58 2.45 -1.16 -9.60
N ASP A 59 3.42 -2.00 -9.89
CA ASP A 59 3.97 -2.91 -8.89
C ASP A 59 5.46 -2.72 -8.81
N ILE A 60 5.99 -3.04 -7.64
CA ILE A 60 7.43 -2.99 -7.39
C ILE A 60 7.89 -4.38 -7.01
N VAL A 61 8.75 -4.97 -7.82
CA VAL A 61 9.29 -6.28 -7.48
C VAL A 61 10.69 -6.15 -6.92
N GLU A 62 11.09 -7.21 -6.24
CA GLU A 62 12.36 -7.22 -5.48
C GLU A 62 12.52 -5.95 -4.65
N PRO A 63 11.50 -5.56 -3.88
CA PRO A 63 11.70 -4.41 -3.02
C PRO A 63 12.73 -4.70 -1.91
N THR A 64 13.47 -3.66 -1.55
CA THR A 64 14.41 -3.72 -0.43
C THR A 64 13.89 -2.87 0.72
N GLU A 65 14.56 -2.94 1.86
CA GLU A 65 14.28 -2.04 2.97
C GLU A 65 14.44 -0.59 2.52
N LYS A 66 15.49 -0.29 1.75
CA LYS A 66 15.68 1.09 1.21
C LYS A 66 14.47 1.54 0.33
N THR A 67 13.89 0.62 -0.46
CA THR A 67 12.66 0.91 -1.24
C THR A 67 11.50 1.31 -0.36
N VAL A 68 11.24 0.51 0.68
CA VAL A 68 10.12 0.78 1.58
C VAL A 68 10.33 2.11 2.28
N ASP A 69 11.55 2.37 2.73
CA ASP A 69 11.85 3.61 3.42
C ASP A 69 11.70 4.82 2.49
N ALA A 70 12.13 4.67 1.25
CA ALA A 70 12.00 5.74 0.26
C ALA A 70 10.55 6.02 -0.07
N LEU A 71 9.73 4.97 -0.15
CA LEU A 71 8.31 5.16 -0.40
C LEU A 71 7.62 5.87 0.77
N MET A 72 8.01 5.54 1.99
CA MET A 72 7.41 6.17 3.13
C MET A 72 7.77 7.67 3.11
N ARG A 73 9.02 7.99 2.81
CA ARG A 73 9.47 9.38 2.82
C ARG A 73 8.82 10.21 1.73
N LEU A 74 8.49 9.58 0.61
CA LEU A 74 7.91 10.28 -0.53
C LEU A 74 6.61 10.96 -0.11
N ASP A 75 6.48 12.26 -0.39
CA ASP A 75 5.23 13.00 -0.14
C ASP A 75 4.35 13.03 -1.36
N LEU A 76 3.24 12.31 -1.33
CA LEU A 76 2.36 12.23 -2.47
C LEU A 76 1.34 13.38 -2.39
N ALA A 77 1.14 14.05 -3.54
CA ALA A 77 0.30 15.24 -3.63
C ALA A 77 -1.08 15.01 -3.09
N ALA A 78 -1.65 16.06 -2.51
CA ALA A 78 -3.08 16.06 -2.24
C ALA A 78 -3.82 15.82 -3.55
N GLY A 79 -4.87 15.03 -3.46
CA GLY A 79 -5.73 14.78 -4.59
C GLY A 79 -5.42 13.48 -5.32
N VAL A 80 -4.48 12.69 -4.80
CA VAL A 80 -4.23 11.35 -5.36
C VAL A 80 -4.43 10.33 -4.24
N ASP A 81 -5.21 9.30 -4.50
CA ASP A 81 -5.39 8.22 -3.56
C ASP A 81 -4.48 7.07 -3.93
N VAL A 82 -3.75 6.58 -2.95
CA VAL A 82 -2.85 5.47 -3.19
C VAL A 82 -3.18 4.33 -2.26
N GLN A 83 -3.53 3.18 -2.81
CA GLN A 83 -3.74 1.93 -2.07
C GLN A 83 -2.48 1.10 -2.29
N ILE A 84 -1.91 0.60 -1.20
CA ILE A 84 -0.60 -0.08 -1.27
C ILE A 84 -0.59 -1.31 -0.41
N SER A 85 0.00 -2.38 -0.94
CA SER A 85 0.14 -3.63 -0.19
C SER A 85 1.49 -4.26 -0.48
N LEU A 86 1.91 -5.09 0.45
CA LEU A 86 3.13 -5.87 0.30
C LEU A 86 2.82 -7.32 0.61
N GLY A 87 3.18 -8.20 -0.31
CA GLY A 87 3.03 -9.65 -0.08
C GLY A 87 3.44 -10.48 -1.27
N ARG B 5 1.12 -11.75 24.38
CA ARG B 5 0.16 -12.84 24.04
C ARG B 5 -0.92 -12.28 23.11
N PRO B 6 -0.52 -11.83 21.92
CA PRO B 6 -1.45 -11.27 20.93
C PRO B 6 -2.57 -12.27 20.59
N LYS B 7 -3.76 -11.77 20.32
CA LYS B 7 -4.88 -12.68 19.98
C LYS B 7 -4.94 -12.87 18.47
N THR B 8 -5.29 -14.05 18.02
CA THR B 8 -5.36 -14.30 16.56
C THR B 8 -6.81 -14.21 16.09
N LEU B 9 -7.68 -13.69 16.93
CA LEU B 9 -9.11 -13.58 16.54
C LEU B 9 -9.36 -12.19 15.93
N PHE B 10 -9.37 -12.10 14.63
CA PHE B 10 -9.61 -10.78 13.98
C PHE B 10 -10.89 -10.83 13.15
N GLU B 11 -11.61 -9.74 13.08
CA GLU B 11 -12.88 -9.75 12.29
C GLU B 11 -12.98 -8.43 11.51
N PRO B 12 -13.79 -8.43 10.44
CA PRO B 12 -13.99 -7.24 9.60
C PRO B 12 -14.39 -6.01 10.43
N GLY B 13 -13.71 -4.92 10.23
CA GLY B 13 -14.05 -3.69 11.02
C GLY B 13 -13.23 -3.66 12.30
N GLU B 14 -12.43 -4.65 12.54
CA GLU B 14 -11.61 -4.67 13.79
C GLU B 14 -10.31 -3.91 13.55
N MET B 15 -9.92 -3.07 14.48
CA MET B 15 -8.65 -2.31 14.31
C MET B 15 -7.46 -3.20 14.64
N VAL B 16 -6.35 -3.00 13.99
CA VAL B 16 -5.15 -3.84 14.27
C VAL B 16 -3.93 -2.94 14.44
N ARG B 17 -2.79 -3.51 14.71
CA ARG B 17 -1.56 -2.68 14.89
C ARG B 17 -0.44 -3.25 14.04
N VAL B 18 0.33 -2.41 13.40
CA VAL B 18 1.44 -2.90 12.55
C VAL B 18 2.77 -2.61 13.25
N ASN B 19 3.64 -3.59 13.30
CA ASN B 19 4.96 -3.39 13.97
C ASN B 19 6.06 -3.99 13.11
N ASP B 20 5.81 -4.18 11.85
CA ASP B 20 6.85 -4.77 10.96
C ASP B 20 6.80 -4.07 9.59
N GLY B 21 7.93 -3.95 8.94
CA GLY B 21 7.95 -3.29 7.61
C GLY B 21 7.69 -1.79 7.78
N PRO B 22 7.73 -1.03 6.68
CA PRO B 22 7.50 0.41 6.70
C PRO B 22 6.17 0.77 7.35
N PHE B 23 5.26 -0.16 7.42
CA PHE B 23 3.94 0.12 8.05
C PHE B 23 4.02 -0.09 9.56
N ALA B 24 5.21 -0.33 10.06
CA ALA B 24 5.36 -0.53 11.53
C ALA B 24 5.03 0.77 12.27
N ASP B 25 4.51 0.67 13.46
CA ASP B 25 4.17 1.90 14.23
C ASP B 25 2.93 2.55 13.62
N PHE B 26 2.06 1.77 13.05
CA PHE B 26 0.82 2.34 12.44
C PHE B 26 -0.38 1.45 12.77
N ASN B 27 -1.55 2.02 12.84
CA ASN B 27 -2.76 1.20 13.17
C ASN B 27 -3.73 1.26 12.00
N GLY B 28 -4.69 0.36 11.97
CA GLY B 28 -5.67 0.37 10.84
C GLY B 28 -6.77 -0.65 11.15
N VAL B 29 -7.66 -0.87 10.21
CA VAL B 29 -8.77 -1.84 10.44
C VAL B 29 -8.69 -2.96 9.39
N VAL B 30 -9.16 -4.13 9.73
CA VAL B 30 -9.10 -5.26 8.76
C VAL B 30 -10.44 -5.33 8.00
N GLU B 31 -10.49 -4.79 6.81
CA GLU B 31 -11.76 -4.84 6.04
C GLU B 31 -12.04 -6.28 5.60
N GLU B 32 -11.02 -7.01 5.27
CA GLU B 32 -11.23 -8.42 4.83
C GLU B 32 -10.20 -9.33 5.54
N VAL B 33 -10.56 -10.56 5.79
CA VAL B 33 -9.61 -11.49 6.47
C VAL B 33 -9.47 -12.77 5.64
N ASP B 34 -8.32 -13.39 5.71
CA ASP B 34 -8.12 -14.65 4.93
C ASP B 34 -7.43 -15.69 5.81
N TYR B 35 -8.18 -16.46 6.54
CA TYR B 35 -7.56 -17.49 7.43
C TYR B 35 -6.89 -18.55 6.56
N GLU B 36 -7.49 -18.89 5.45
CA GLU B 36 -6.88 -19.93 4.56
C GLU B 36 -5.52 -19.45 4.06
N LYS B 37 -5.43 -18.21 3.65
CA LYS B 37 -4.14 -17.67 3.16
C LYS B 37 -3.34 -17.10 4.32
N SER B 38 -3.87 -17.17 5.51
CA SER B 38 -3.14 -16.62 6.69
C SER B 38 -2.71 -15.18 6.40
N ARG B 39 -3.64 -14.35 6.00
CA ARG B 39 -3.29 -12.93 5.71
C ARG B 39 -4.46 -12.03 6.10
N LEU B 40 -4.19 -10.89 6.67
CA LEU B 40 -5.28 -9.97 7.06
C LEU B 40 -5.31 -8.75 6.14
N LYS B 41 -6.47 -8.38 5.66
CA LYS B 41 -6.55 -7.21 4.75
C LYS B 41 -6.82 -5.94 5.58
N VAL B 42 -5.78 -5.24 5.95
CA VAL B 42 -5.97 -4.00 6.75
C VAL B 42 -5.30 -2.82 6.04
N SER B 43 -5.92 -1.67 6.08
CA SER B 43 -5.32 -0.48 5.40
C SER B 43 -4.74 0.47 6.45
N VAL B 44 -3.68 1.16 6.14
CA VAL B 44 -3.08 2.10 7.12
C VAL B 44 -3.35 3.54 6.68
N SER B 45 -3.79 4.37 7.58
CA SER B 45 -4.07 5.78 7.21
C SER B 45 -2.75 6.54 6.99
N ILE B 46 -2.21 6.44 5.81
CA ILE B 46 -0.92 7.15 5.54
C ILE B 46 -1.18 8.35 4.62
N PHE B 47 -0.52 9.45 4.87
CA PHE B 47 -0.73 10.65 4.02
C PHE B 47 -2.20 11.08 4.10
N GLY B 48 -2.91 10.64 5.09
CA GLY B 48 -4.34 11.03 5.22
C GLY B 48 -5.20 10.12 4.35
N ARG B 49 -4.61 9.12 3.75
CA ARG B 49 -5.40 8.19 2.89
C ARG B 49 -5.20 6.76 3.39
N ALA B 50 -6.23 5.95 3.31
CA ALA B 50 -6.11 4.54 3.78
C ALA B 50 -5.19 3.77 2.82
N THR B 51 -4.38 2.89 3.36
CA THR B 51 -3.47 2.10 2.48
C THR B 51 -3.69 0.61 2.72
N PRO B 52 -4.79 0.07 2.16
CA PRO B 52 -5.14 -1.35 2.31
C PRO B 52 -3.94 -2.26 2.01
N VAL B 53 -3.35 -2.83 3.02
CA VAL B 53 -2.18 -3.73 2.79
C VAL B 53 -2.41 -5.07 3.49
N GLU B 54 -1.79 -6.11 3.03
CA GLU B 54 -1.97 -7.45 3.67
C GLU B 54 -0.86 -7.69 4.69
N LEU B 55 -1.22 -7.94 5.92
CA LEU B 55 -0.17 -8.19 6.95
C LEU B 55 -0.44 -9.52 7.65
N ASP B 56 0.59 -10.20 8.07
CA ASP B 56 0.39 -11.51 8.76
C ASP B 56 -0.10 -11.26 10.18
N PHE B 57 -0.61 -12.28 10.83
CA PHE B 57 -1.10 -12.10 12.22
C PHE B 57 0.05 -11.66 13.12
N SER B 58 1.20 -12.23 12.94
CA SER B 58 2.37 -11.85 13.78
C SER B 58 2.92 -10.50 13.30
N GLN B 59 2.71 -10.17 12.06
CA GLN B 59 3.21 -8.87 11.53
C GLN B 59 2.42 -7.72 12.15
N VAL B 60 1.20 -7.98 12.56
CA VAL B 60 0.38 -6.91 13.18
C VAL B 60 -0.17 -7.40 14.52
N GLU B 61 -0.55 -6.51 15.39
CA GLU B 61 -1.09 -6.92 16.71
C GLU B 61 -2.57 -6.54 16.80
N LYS B 62 -3.35 -7.30 17.52
CA LYS B 62 -4.80 -6.97 17.65
C LYS B 62 -4.97 -5.71 18.48
N ALA B 63 -5.82 -4.81 18.05
CA ALA B 63 -6.02 -3.55 18.82
C ALA B 63 -7.33 -3.66 19.61
N ASN A 8 10.94 -12.66 -2.86
CA ASN A 8 9.80 -13.06 -3.67
C ASN A 8 8.54 -12.26 -3.39
N GLN A 9 8.68 -11.13 -2.69
CA GLN A 9 7.57 -10.24 -2.43
C GLN A 9 7.58 -9.10 -3.41
N ARG A 10 6.40 -8.54 -3.57
CA ARG A 10 6.10 -7.51 -4.54
C ARG A 10 5.35 -6.40 -3.83
N ILE A 11 5.62 -5.14 -4.18
CA ILE A 11 4.75 -4.04 -3.77
C ILE A 11 3.77 -3.77 -4.93
N ARG A 12 2.48 -3.86 -4.66
CA ARG A 12 1.46 -3.60 -5.66
C ARG A 12 0.78 -2.30 -5.30
N ILE A 13 0.70 -1.42 -6.29
CA ILE A 13 0.11 -0.11 -6.10
C ILE A 13 -0.97 0.15 -7.13
N ARG A 14 -2.09 0.68 -6.67
CA ARG A 14 -3.17 1.16 -7.53
C ARG A 14 -3.38 2.61 -7.20
N LEU A 15 -3.38 3.44 -8.25
CA LEU A 15 -3.62 4.88 -8.13
C LEU A 15 -4.96 5.21 -8.74
N LYS A 16 -5.64 6.18 -8.14
CA LYS A 16 -6.87 6.75 -8.70
C LYS A 16 -6.82 8.24 -8.54
N ALA A 17 -7.41 8.95 -9.48
CA ALA A 17 -7.53 10.43 -9.36
C ALA A 17 -8.56 10.91 -10.31
N PHE A 18 -9.21 12.01 -9.98
CA PHE A 18 -10.03 12.71 -10.99
C PHE A 18 -9.19 13.54 -11.95
N ASP A 19 -7.98 13.93 -11.56
CA ASP A 19 -7.11 14.78 -12.37
C ASP A 19 -5.98 13.93 -12.96
N HIS A 20 -5.97 13.75 -14.28
CA HIS A 20 -4.96 12.92 -14.92
C HIS A 20 -3.55 13.49 -14.75
N ARG A 21 -3.43 14.80 -14.64
CA ARG A 21 -2.11 15.39 -14.47
C ARG A 21 -1.51 14.95 -13.13
N LEU A 22 -2.35 14.93 -12.09
CA LEU A 22 -1.88 14.50 -10.77
C LEU A 22 -1.54 13.03 -10.79
N ILE A 23 -2.33 12.20 -11.47
CA ILE A 23 -2.09 10.76 -11.42
C ILE A 23 -0.79 10.42 -12.15
N ASP A 24 -0.50 11.10 -13.25
CA ASP A 24 0.72 10.79 -14.01
C ASP A 24 1.95 11.30 -13.28
N GLN A 25 1.83 12.43 -12.59
CA GLN A 25 2.93 12.93 -11.77
C GLN A 25 3.22 11.98 -10.60
N ALA A 26 2.18 11.48 -9.92
CA ALA A 26 2.37 10.60 -8.78
C ALA A 26 2.99 9.30 -9.28
N THR A 27 2.53 8.80 -10.43
CA THR A 27 3.05 7.57 -11.01
C THR A 27 4.54 7.74 -11.31
N ALA A 28 4.92 8.85 -11.92
CA ALA A 28 6.31 9.12 -12.21
C ALA A 28 7.17 9.18 -10.94
N GLU A 29 6.64 9.80 -9.91
CA GLU A 29 7.36 9.91 -8.65
C GLU A 29 7.59 8.55 -7.99
N ILE A 30 6.60 7.68 -8.04
CA ILE A 30 6.71 6.34 -7.49
C ILE A 30 7.74 5.53 -8.29
N VAL A 31 7.68 5.61 -9.61
CA VAL A 31 8.67 4.93 -10.44
C VAL A 31 10.09 5.37 -10.12
N GLU A 32 10.30 6.69 -10.04
CA GLU A 32 11.61 7.23 -9.81
C GLU A 32 12.11 6.79 -8.44
N THR A 33 11.23 6.85 -7.45
CA THR A 33 11.62 6.48 -6.08
C THR A 33 12.06 5.03 -6.04
N ALA A 34 11.33 4.15 -6.71
CA ALA A 34 11.63 2.73 -6.74
C ALA A 34 12.96 2.47 -7.43
N LYS A 35 13.15 3.04 -8.60
CA LYS A 35 14.36 2.78 -9.37
C LYS A 35 15.61 3.33 -8.69
N ARG A 36 15.52 4.45 -7.99
CA ARG A 36 16.70 5.05 -7.30
C ARG A 36 17.10 4.31 -6.04
N THR A 37 16.26 3.33 -5.76
CA THR A 37 16.14 2.55 -4.57
C THR A 37 16.81 1.20 -4.79
N GLY A 38 17.13 0.90 -6.05
CA GLY A 38 17.67 -0.41 -6.42
C GLY A 38 16.60 -1.47 -6.71
N ALA A 39 15.34 -1.05 -6.81
CA ALA A 39 14.20 -1.94 -7.10
C ALA A 39 13.82 -1.83 -8.56
N GLN A 40 12.98 -2.76 -9.01
CA GLN A 40 12.56 -2.77 -10.40
C GLN A 40 11.08 -2.47 -10.47
N VAL A 41 10.65 -1.90 -11.57
CA VAL A 41 9.28 -1.50 -11.77
C VAL A 41 8.65 -2.40 -12.81
N ARG A 42 7.41 -2.80 -12.57
CA ARG A 42 6.57 -3.45 -13.58
C ARG A 42 5.39 -2.53 -13.82
N GLY A 43 5.04 -2.36 -15.09
CA GLY A 43 4.15 -1.29 -15.48
C GLY A 43 4.95 0.01 -15.46
N PRO A 44 4.33 1.13 -15.14
CA PRO A 44 2.93 1.30 -14.80
C PRO A 44 2.05 1.18 -16.00
N ILE A 45 0.82 0.77 -15.79
CA ILE A 45 -0.15 0.77 -16.87
C ILE A 45 -1.38 1.59 -16.54
N PRO A 46 -1.97 2.20 -17.55
CA PRO A 46 -3.27 2.85 -17.36
C PRO A 46 -4.39 1.85 -17.61
N LEU A 47 -5.46 1.98 -16.84
CA LEU A 47 -6.68 1.22 -17.10
C LEU A 47 -7.69 2.14 -17.74
N PRO A 48 -8.74 1.61 -18.39
CA PRO A 48 -9.78 2.52 -18.90
C PRO A 48 -10.37 3.36 -17.78
N THR A 49 -10.59 4.64 -18.07
CA THR A 49 -11.20 5.57 -17.11
C THR A 49 -12.64 5.15 -16.78
N ARG A 50 -12.98 5.18 -15.49
CA ARG A 50 -14.28 4.69 -15.00
C ARG A 50 -14.88 5.77 -14.16
N SER A 51 -16.11 6.16 -14.46
CA SER A 51 -16.78 7.21 -13.68
C SER A 51 -15.90 8.44 -13.50
N ARG A 52 -15.30 8.89 -14.59
CA ARG A 52 -14.44 10.09 -14.65
C ARG A 52 -13.20 9.98 -13.78
N THR A 53 -12.85 8.76 -13.39
CA THR A 53 -11.71 8.49 -12.52
C THR A 53 -10.65 7.81 -13.34
N HIS A 54 -9.47 8.41 -13.32
CA HIS A 54 -8.29 7.82 -13.93
C HIS A 54 -7.68 6.79 -13.02
N LEU A 55 -7.11 5.75 -13.61
CA LEU A 55 -6.64 4.61 -12.87
C LEU A 55 -5.29 4.18 -13.43
N ARG A 56 -4.36 3.89 -12.53
CA ARG A 56 -3.05 3.35 -12.90
C ARG A 56 -2.69 2.22 -11.98
N LEU A 57 -1.95 1.25 -12.52
CA LEU A 57 -1.39 0.15 -11.72
C LEU A 57 0.11 0.15 -11.89
N VAL A 58 0.84 -0.07 -10.80
CA VAL A 58 2.27 -0.22 -10.91
C VAL A 58 2.73 -1.16 -9.83
N ASP A 59 3.74 -1.96 -10.11
CA ASP A 59 4.30 -2.86 -9.09
C ASP A 59 5.78 -2.61 -8.98
N ILE A 60 6.29 -2.91 -7.81
CA ILE A 60 7.73 -2.82 -7.53
C ILE A 60 8.22 -4.19 -7.14
N VAL A 61 9.13 -4.75 -7.93
CA VAL A 61 9.71 -6.04 -7.59
C VAL A 61 11.09 -5.86 -6.99
N GLU A 62 11.52 -6.90 -6.31
CA GLU A 62 12.78 -6.88 -5.52
C GLU A 62 12.87 -5.59 -4.69
N PRO A 63 11.82 -5.25 -3.94
CA PRO A 63 11.96 -4.09 -3.07
C PRO A 63 12.98 -4.35 -1.95
N THR A 64 13.67 -3.29 -1.56
CA THR A 64 14.60 -3.32 -0.43
C THR A 64 14.02 -2.48 0.72
N GLU A 65 14.66 -2.54 1.87
CA GLU A 65 14.33 -1.66 2.98
C GLU A 65 14.45 -0.20 2.54
N LYS A 66 15.50 0.14 1.79
CA LYS A 66 15.65 1.53 1.25
C LYS A 66 14.45 1.94 0.35
N THR A 67 13.92 1.01 -0.45
CA THR A 67 12.68 1.24 -1.26
C THR A 67 11.50 1.60 -0.40
N VAL A 68 11.25 0.80 0.64
CA VAL A 68 10.10 1.01 1.51
C VAL A 68 10.25 2.36 2.22
N ASP A 69 11.44 2.65 2.70
CA ASP A 69 11.69 3.91 3.39
C ASP A 69 11.52 5.12 2.46
N ALA A 70 11.98 4.98 1.22
CA ALA A 70 11.83 6.04 0.25
C ALA A 70 10.37 6.28 -0.12
N LEU A 71 9.59 5.20 -0.22
CA LEU A 71 8.17 5.35 -0.49
C LEU A 71 7.43 6.02 0.66
N MET A 72 7.81 5.69 1.88
CA MET A 72 7.17 6.31 3.02
C MET A 72 7.47 7.81 3.02
N ARG A 73 8.72 8.18 2.72
CA ARG A 73 9.12 9.59 2.75
C ARG A 73 8.45 10.39 1.66
N LEU A 74 8.17 9.76 0.53
CA LEU A 74 7.58 10.44 -0.62
C LEU A 74 6.25 11.07 -0.23
N ASP A 75 6.09 12.36 -0.50
CA ASP A 75 4.81 13.06 -0.29
C ASP A 75 3.95 13.06 -1.52
N LEU A 76 2.87 12.29 -1.50
CA LEU A 76 2.01 12.19 -2.67
C LEU A 76 0.96 13.31 -2.61
N ALA A 77 0.75 13.97 -3.74
CA ALA A 77 -0.13 15.14 -3.86
C ALA A 77 -1.51 14.85 -3.35
N ALA A 78 -2.13 15.88 -2.79
CA ALA A 78 -3.56 15.83 -2.55
C ALA A 78 -4.27 15.56 -3.88
N GLY A 79 -5.30 14.74 -3.80
CA GLY A 79 -6.12 14.46 -4.94
C GLY A 79 -5.75 13.18 -5.66
N VAL A 80 -4.79 12.42 -5.13
CA VAL A 80 -4.49 11.08 -5.69
C VAL A 80 -4.66 10.06 -4.58
N ASP A 81 -5.40 9.00 -4.86
CA ASP A 81 -5.57 7.91 -3.93
C ASP A 81 -4.61 6.80 -4.28
N VAL A 82 -3.88 6.33 -3.29
CA VAL A 82 -2.93 5.25 -3.51
C VAL A 82 -3.24 4.10 -2.59
N GLN A 83 -3.54 2.93 -3.15
CA GLN A 83 -3.71 1.68 -2.42
C GLN A 83 -2.42 0.89 -2.62
N ILE A 84 -1.85 0.41 -1.53
CA ILE A 84 -0.52 -0.21 -1.56
C ILE A 84 -0.49 -1.45 -0.70
N SER A 85 0.15 -2.49 -1.22
CA SER A 85 0.32 -3.75 -0.48
C SER A 85 1.70 -4.32 -0.74
N LEU A 86 2.14 -5.14 0.20
CA LEU A 86 3.37 -5.88 0.06
C LEU A 86 3.12 -7.33 0.36
N GLY A 87 3.52 -8.21 -0.56
CA GLY A 87 3.43 -9.65 -0.32
C GLY A 87 3.89 -10.47 -1.51
N ARG B 5 1.34 -12.92 23.99
CA ARG B 5 0.30 -13.91 23.63
C ARG B 5 -0.79 -13.24 22.80
N PRO B 6 -0.43 -12.74 21.61
CA PRO B 6 -1.37 -12.07 20.71
C PRO B 6 -2.57 -12.96 20.36
N LYS B 7 -3.72 -12.39 20.20
CA LYS B 7 -4.92 -13.20 19.86
C LYS B 7 -5.06 -13.30 18.34
N THR B 8 -5.51 -14.42 17.85
CA THR B 8 -5.66 -14.59 16.37
C THR B 8 -7.13 -14.37 15.99
N LEU B 9 -7.93 -13.87 16.91
CA LEU B 9 -9.36 -13.64 16.59
C LEU B 9 -9.55 -12.21 16.09
N PHE B 10 -9.62 -12.03 14.80
CA PHE B 10 -9.81 -10.66 14.24
C PHE B 10 -11.14 -10.59 13.49
N GLU B 11 -11.79 -9.45 13.50
CA GLU B 11 -13.08 -9.34 12.79
C GLU B 11 -13.15 -7.97 12.09
N PRO B 12 -14.02 -7.85 11.07
CA PRO B 12 -14.17 -6.61 10.31
C PRO B 12 -14.46 -5.41 11.23
N GLY B 13 -13.72 -4.34 11.07
CA GLY B 13 -13.95 -3.15 11.93
C GLY B 13 -13.07 -3.24 13.18
N GLU B 14 -12.31 -4.30 13.31
CA GLU B 14 -11.44 -4.45 14.51
C GLU B 14 -10.10 -3.75 14.26
N MET B 15 -9.62 -3.00 15.21
CA MET B 15 -8.32 -2.30 15.02
C MET B 15 -7.16 -3.28 15.24
N VAL B 16 -6.09 -3.11 14.53
CA VAL B 16 -4.92 -4.03 14.70
C VAL B 16 -3.65 -3.21 14.86
N ARG B 17 -2.53 -3.86 15.05
CA ARG B 17 -1.25 -3.12 15.21
C ARG B 17 -0.20 -3.70 14.27
N VAL B 18 0.58 -2.86 13.64
CA VAL B 18 1.63 -3.38 12.70
C VAL B 18 3.00 -3.21 13.34
N ASN B 19 3.81 -4.25 13.30
CA ASN B 19 5.17 -4.15 13.91
C ASN B 19 6.20 -4.76 12.96
N ASP B 20 5.87 -4.87 11.70
CA ASP B 20 6.82 -5.46 10.72
C ASP B 20 6.76 -4.68 9.41
N GLY B 21 7.85 -4.57 8.70
CA GLY B 21 7.84 -3.83 7.41
C GLY B 21 7.69 -2.33 7.69
N PRO B 22 7.72 -1.52 6.63
CA PRO B 22 7.59 -0.06 6.75
C PRO B 22 6.31 0.33 7.49
N PHE B 23 5.35 -0.56 7.55
CA PHE B 23 4.08 -0.23 8.26
C PHE B 23 4.23 -0.53 9.75
N ALA B 24 5.42 -0.87 10.18
CA ALA B 24 5.63 -1.18 11.62
C ALA B 24 5.42 0.09 12.44
N ASP B 25 4.95 -0.05 13.66
CA ASP B 25 4.73 1.15 14.51
C ASP B 25 3.49 1.91 14.02
N PHE B 26 2.55 1.21 13.44
CA PHE B 26 1.33 1.89 12.93
C PHE B 26 0.09 1.05 13.28
N ASN B 27 -1.04 1.69 13.45
CA ASN B 27 -2.27 0.93 13.78
C ASN B 27 -3.30 1.11 12.66
N GLY B 28 -4.31 0.28 12.63
CA GLY B 28 -5.34 0.41 11.57
C GLY B 28 -6.49 -0.56 11.86
N VAL B 29 -7.44 -0.66 10.96
CA VAL B 29 -8.59 -1.58 11.20
C VAL B 29 -8.63 -2.64 10.08
N VAL B 30 -9.16 -3.79 10.37
CA VAL B 30 -9.22 -4.86 9.33
C VAL B 30 -10.59 -4.81 8.65
N GLU B 31 -10.67 -4.19 7.50
CA GLU B 31 -11.97 -4.12 6.78
C GLU B 31 -12.36 -5.52 6.28
N GLU B 32 -11.40 -6.28 5.85
CA GLU B 32 -11.71 -7.65 5.34
C GLU B 32 -10.73 -8.65 5.94
N VAL B 33 -11.14 -9.87 6.13
CA VAL B 33 -10.22 -10.89 6.70
C VAL B 33 -10.20 -12.13 5.80
N ASP B 34 -9.10 -12.82 5.77
CA ASP B 34 -9.01 -14.04 4.91
C ASP B 34 -8.34 -15.17 5.69
N TYR B 35 -9.10 -15.93 6.42
CA TYR B 35 -8.50 -17.06 7.20
C TYR B 35 -7.94 -18.11 6.24
N GLU B 36 -8.61 -18.33 5.15
CA GLU B 36 -8.12 -19.35 4.17
C GLU B 36 -6.75 -18.92 3.62
N LYS B 37 -6.61 -17.66 3.29
CA LYS B 37 -5.31 -17.18 2.75
C LYS B 37 -4.42 -16.72 3.91
N SER B 38 -4.90 -16.84 5.12
CA SER B 38 -4.07 -16.40 6.29
C SER B 38 -3.58 -14.97 6.06
N ARG B 39 -4.47 -14.08 5.76
CA ARG B 39 -4.05 -12.66 5.54
C ARG B 39 -5.15 -11.72 6.04
N LEU B 40 -4.77 -10.63 6.65
CA LEU B 40 -5.79 -9.67 7.16
C LEU B 40 -5.78 -8.40 6.31
N LYS B 41 -6.94 -7.94 5.93
CA LYS B 41 -7.00 -6.70 5.10
C LYS B 41 -7.14 -5.48 6.00
N VAL B 42 -6.04 -4.87 6.36
CA VAL B 42 -6.12 -3.67 7.24
C VAL B 42 -5.41 -2.49 6.57
N SER B 43 -5.95 -1.31 6.71
CA SER B 43 -5.30 -0.12 6.08
C SER B 43 -4.63 0.72 7.15
N VAL B 44 -3.55 1.37 6.81
CA VAL B 44 -2.84 2.21 7.81
C VAL B 44 -3.03 3.69 7.48
N SER B 45 -3.39 4.49 8.45
CA SER B 45 -3.59 5.94 8.19
C SER B 45 -2.25 6.61 7.94
N ILE B 46 -1.76 6.58 6.73
CA ILE B 46 -0.45 7.21 6.43
C ILE B 46 -0.68 8.48 5.60
N PHE B 47 0.05 9.53 5.88
CA PHE B 47 -0.12 10.79 5.11
C PHE B 47 -1.55 11.30 5.29
N GLY B 48 -2.23 10.85 6.30
CA GLY B 48 -3.63 11.30 6.52
C GLY B 48 -4.59 10.50 5.65
N ARG B 49 -4.08 9.51 4.96
CA ARG B 49 -4.97 8.68 4.09
C ARG B 49 -4.85 7.20 4.49
N ALA B 50 -5.93 6.48 4.42
CA ALA B 50 -5.87 5.04 4.79
C ALA B 50 -5.05 4.27 3.76
N THR B 51 -4.27 3.31 4.18
CA THR B 51 -3.45 2.53 3.21
C THR B 51 -3.75 1.04 3.37
N PRO B 52 -4.91 0.60 2.86
CA PRO B 52 -5.33 -0.80 2.93
C PRO B 52 -4.20 -1.76 2.52
N VAL B 53 -3.61 -2.43 3.45
CA VAL B 53 -2.51 -3.37 3.11
C VAL B 53 -2.79 -4.74 3.75
N GLU B 54 -2.26 -5.79 3.19
CA GLU B 54 -2.50 -7.15 3.75
C GLU B 54 -1.35 -7.52 4.69
N LEU B 55 -1.65 -7.83 5.92
CA LEU B 55 -0.58 -8.19 6.89
C LEU B 55 -0.90 -9.55 7.52
N ASP B 56 0.10 -10.32 7.84
CA ASP B 56 -0.14 -11.65 8.46
C ASP B 56 -0.55 -11.47 9.93
N PHE B 57 -1.09 -12.48 10.53
CA PHE B 57 -1.50 -12.36 11.96
C PHE B 57 -0.27 -12.05 12.82
N SER B 58 0.83 -12.68 12.55
CA SER B 58 2.06 -12.41 13.35
C SER B 58 2.66 -11.07 12.92
N GLN B 59 2.42 -10.66 11.71
CA GLN B 59 2.98 -9.36 11.24
C GLN B 59 2.29 -8.21 11.97
N VAL B 60 1.07 -8.43 12.43
CA VAL B 60 0.35 -7.34 13.15
C VAL B 60 -0.16 -7.88 14.49
N GLU B 61 -0.44 -7.02 15.42
CA GLU B 61 -0.94 -7.49 16.75
C GLU B 61 -2.39 -7.03 16.93
N LYS B 62 -3.18 -7.78 17.65
CA LYS B 62 -4.60 -7.38 17.87
C LYS B 62 -4.65 -6.16 18.78
N ALA B 63 -5.46 -5.19 18.45
CA ALA B 63 -5.56 -3.97 19.31
C ALA B 63 -6.82 -4.05 20.16
N ASN A 8 10.39 -12.99 -3.06
CA ASN A 8 9.21 -13.34 -3.84
C ASN A 8 7.99 -12.49 -3.52
N GLN A 9 8.19 -11.37 -2.82
CA GLN A 9 7.12 -10.45 -2.53
C GLN A 9 7.15 -9.30 -3.50
N ARG A 10 5.98 -8.70 -3.63
CA ARG A 10 5.71 -7.65 -4.58
C ARG A 10 5.01 -6.51 -3.83
N ILE A 11 5.33 -5.26 -4.19
CA ILE A 11 4.50 -4.14 -3.75
C ILE A 11 3.51 -3.82 -4.88
N ARG A 12 2.22 -3.88 -4.57
CA ARG A 12 1.19 -3.56 -5.54
C ARG A 12 0.56 -2.23 -5.17
N ILE A 13 0.49 -1.35 -6.14
CA ILE A 13 -0.04 -0.01 -5.93
C ILE A 13 -1.15 0.28 -6.94
N ARG A 14 -2.23 0.86 -6.43
CA ARG A 14 -3.31 1.38 -7.26
C ARG A 14 -3.46 2.84 -6.93
N LEU A 15 -3.46 3.67 -7.96
CA LEU A 15 -3.64 5.11 -7.83
C LEU A 15 -4.97 5.51 -8.41
N LYS A 16 -5.60 6.49 -7.77
CA LYS A 16 -6.83 7.12 -8.30
C LYS A 16 -6.72 8.60 -8.13
N ALA A 17 -7.30 9.34 -9.05
CA ALA A 17 -7.37 10.82 -8.92
C ALA A 17 -8.41 11.35 -9.83
N PHE A 18 -9.00 12.47 -9.48
CA PHE A 18 -9.82 13.21 -10.47
C PHE A 18 -8.98 14.01 -11.44
N ASP A 19 -7.75 14.36 -11.09
CA ASP A 19 -6.87 15.17 -11.92
C ASP A 19 -5.78 14.29 -12.55
N HIS A 20 -5.82 14.11 -13.87
CA HIS A 20 -4.86 13.25 -14.54
C HIS A 20 -3.43 13.76 -14.40
N ARG A 21 -3.26 15.07 -14.29
CA ARG A 21 -1.90 15.61 -14.15
C ARG A 21 -1.29 15.13 -12.84
N LEU A 22 -2.10 15.14 -11.79
CA LEU A 22 -1.61 14.69 -10.48
C LEU A 22 -1.32 13.19 -10.51
N ILE A 23 -2.16 12.40 -11.17
CA ILE A 23 -1.98 10.96 -11.13
C ILE A 23 -0.71 10.58 -11.89
N ASP A 24 -0.43 11.25 -13.01
CA ASP A 24 0.76 10.91 -13.79
C ASP A 24 2.03 11.36 -13.11
N GLN A 25 1.97 12.49 -12.40
CA GLN A 25 3.11 12.94 -11.61
C GLN A 25 3.39 11.97 -10.45
N ALA A 26 2.35 11.51 -9.75
CA ALA A 26 2.54 10.61 -8.62
C ALA A 26 3.10 9.30 -9.16
N THR A 27 2.58 8.81 -10.28
CA THR A 27 3.06 7.57 -10.89
C THR A 27 4.52 7.69 -11.21
N ALA A 28 4.93 8.80 -11.84
CA ALA A 28 6.33 9.01 -12.17
C ALA A 28 7.23 9.02 -10.93
N GLU A 29 6.76 9.66 -9.88
CA GLU A 29 7.50 9.74 -8.63
C GLU A 29 7.71 8.37 -7.99
N ILE A 30 6.68 7.54 -8.01
CA ILE A 30 6.75 6.18 -7.49
C ILE A 30 7.74 5.35 -8.31
N VAL A 31 7.63 5.43 -9.62
CA VAL A 31 8.57 4.72 -10.50
C VAL A 31 10.01 5.10 -10.21
N GLU A 32 10.28 6.42 -10.13
CA GLU A 32 11.62 6.91 -9.93
C GLU A 32 12.13 6.44 -8.59
N THR A 33 11.30 6.52 -7.56
CA THR A 33 11.71 6.13 -6.21
C THR A 33 12.09 4.66 -6.18
N ALA A 34 11.29 3.82 -6.83
CA ALA A 34 11.56 2.39 -6.89
C ALA A 34 12.85 2.08 -7.61
N LYS A 35 13.03 2.65 -8.80
CA LYS A 35 14.20 2.35 -9.60
C LYS A 35 15.49 2.84 -8.95
N ARG A 36 15.46 3.98 -8.24
CA ARG A 36 16.68 4.52 -7.58
C ARG A 36 17.09 3.75 -6.33
N THR A 37 16.23 2.80 -6.03
CA THR A 37 16.11 2.02 -4.85
C THR A 37 16.73 0.65 -5.10
N GLY A 38 16.99 0.35 -6.36
CA GLY A 38 17.47 -0.98 -6.76
C GLY A 38 16.37 -2.00 -7.01
N ALA A 39 15.12 -1.53 -7.09
CA ALA A 39 13.93 -2.36 -7.34
C ALA A 39 13.52 -2.25 -8.79
N GLN A 40 12.64 -3.13 -9.22
CA GLN A 40 12.17 -3.12 -10.60
C GLN A 40 10.69 -2.76 -10.62
N VAL A 41 10.26 -2.17 -11.72
CA VAL A 41 8.90 -1.71 -11.87
C VAL A 41 8.21 -2.59 -12.90
N ARG A 42 6.95 -2.95 -12.62
CA ARG A 42 6.06 -3.56 -13.60
C ARG A 42 4.92 -2.59 -13.82
N GLY A 43 4.54 -2.40 -15.07
CA GLY A 43 3.69 -1.29 -15.43
C GLY A 43 4.53 -0.03 -15.42
N PRO A 44 3.96 1.11 -15.09
CA PRO A 44 2.58 1.34 -14.70
C PRO A 44 1.66 1.24 -15.88
N ILE A 45 0.43 0.89 -15.63
CA ILE A 45 -0.57 0.93 -16.68
C ILE A 45 -1.76 1.79 -16.32
N PRO A 46 -2.37 2.44 -17.30
CA PRO A 46 -3.63 3.14 -17.08
C PRO A 46 -4.79 2.18 -17.29
N LEU A 47 -5.83 2.34 -16.49
CA LEU A 47 -7.09 1.62 -16.73
C LEU A 47 -8.09 2.61 -17.34
N PRO A 48 -9.17 2.11 -17.95
CA PRO A 48 -10.18 3.07 -18.42
C PRO A 48 -10.71 3.93 -17.29
N THR A 49 -10.90 5.21 -17.56
CA THR A 49 -11.44 6.15 -16.59
C THR A 49 -12.88 5.79 -16.21
N ARG A 50 -13.19 5.83 -14.92
CA ARG A 50 -14.48 5.37 -14.40
C ARG A 50 -15.02 6.46 -13.53
N SER A 51 -16.24 6.91 -13.79
CA SER A 51 -16.85 7.99 -12.99
C SER A 51 -15.93 9.18 -12.82
N ARG A 52 -15.34 9.61 -13.93
CA ARG A 52 -14.43 10.77 -14.02
C ARG A 52 -13.17 10.61 -13.17
N THR A 53 -12.86 9.38 -12.80
CA THR A 53 -11.70 9.05 -11.97
C THR A 53 -10.69 8.35 -12.82
N HIS A 54 -9.50 8.90 -12.83
CA HIS A 54 -8.35 8.27 -13.48
C HIS A 54 -7.76 7.22 -12.59
N LEU A 55 -7.25 6.15 -13.20
CA LEU A 55 -6.79 4.99 -12.49
C LEU A 55 -5.48 4.53 -13.08
N ARG A 56 -4.55 4.18 -12.21
CA ARG A 56 -3.26 3.61 -12.62
C ARG A 56 -2.92 2.45 -11.72
N LEU A 57 -2.24 1.46 -12.27
CA LEU A 57 -1.68 0.33 -11.50
C LEU A 57 -0.20 0.27 -11.72
N VAL A 58 0.55 0.01 -10.65
CA VAL A 58 1.98 -0.19 -10.81
C VAL A 58 2.43 -1.14 -9.73
N ASP A 59 3.40 -1.99 -10.05
CA ASP A 59 3.95 -2.90 -9.06
C ASP A 59 5.45 -2.71 -8.99
N ILE A 60 5.98 -3.04 -7.82
CA ILE A 60 7.41 -3.00 -7.59
C ILE A 60 7.87 -4.41 -7.21
N VAL A 61 8.74 -4.98 -8.04
CA VAL A 61 9.28 -6.30 -7.72
C VAL A 61 10.67 -6.17 -7.17
N GLU A 62 11.09 -7.24 -6.50
CA GLU A 62 12.36 -7.26 -5.75
C GLU A 62 12.53 -5.99 -4.92
N PRO A 63 11.52 -5.62 -4.13
CA PRO A 63 11.73 -4.46 -3.27
C PRO A 63 12.77 -4.77 -2.17
N THR A 64 13.51 -3.74 -1.80
CA THR A 64 14.46 -3.80 -0.70
C THR A 64 13.95 -2.96 0.47
N GLU A 65 14.63 -3.05 1.61
CA GLU A 65 14.36 -2.16 2.73
C GLU A 65 14.52 -0.70 2.29
N LYS A 66 15.56 -0.41 1.52
CA LYS A 66 15.75 0.99 0.99
C LYS A 66 14.53 1.45 0.11
N THR A 67 13.95 0.54 -0.68
CA THR A 67 12.71 0.83 -1.45
C THR A 67 11.56 1.23 -0.55
N VAL A 68 11.31 0.43 0.49
CA VAL A 68 10.19 0.68 1.39
C VAL A 68 10.41 2.02 2.10
N ASP A 69 11.63 2.26 2.55
CA ASP A 69 11.94 3.50 3.24
C ASP A 69 11.79 4.71 2.33
N ALA A 70 12.21 4.57 1.08
CA ALA A 70 12.08 5.66 0.11
C ALA A 70 10.62 5.94 -0.21
N LEU A 71 9.80 4.90 -0.30
CA LEU A 71 8.38 5.08 -0.53
C LEU A 71 7.69 5.78 0.65
N MET A 72 8.10 5.44 1.86
CA MET A 72 7.51 6.08 3.02
C MET A 72 7.86 7.56 3.02
N ARG A 73 9.12 7.88 2.69
CA ARG A 73 9.57 9.28 2.71
C ARG A 73 8.90 10.12 1.64
N LEU A 74 8.57 9.50 0.51
CA LEU A 74 7.98 10.21 -0.61
C LEU A 74 6.68 10.88 -0.17
N ASP A 75 6.56 12.18 -0.45
CA ASP A 75 5.31 12.92 -0.19
C ASP A 75 4.43 12.97 -1.40
N LEU A 76 3.32 12.24 -1.35
CA LEU A 76 2.43 12.18 -2.48
C LEU A 76 1.41 13.33 -2.40
N ALA A 77 1.20 14.01 -3.53
CA ALA A 77 0.36 15.21 -3.61
C ALA A 77 -1.02 14.97 -3.06
N ALA A 78 -1.58 16.02 -2.48
CA ALA A 78 -3.01 16.02 -2.20
C ALA A 78 -3.76 15.79 -3.50
N GLY A 79 -4.82 15.01 -3.41
CA GLY A 79 -5.68 14.77 -4.53
C GLY A 79 -5.38 13.47 -5.26
N VAL A 80 -4.43 12.68 -4.76
CA VAL A 80 -4.20 11.34 -5.34
C VAL A 80 -4.39 10.32 -4.22
N ASP A 81 -5.17 9.29 -4.49
CA ASP A 81 -5.35 8.20 -3.55
C ASP A 81 -4.45 7.05 -3.95
N VAL A 82 -3.70 6.55 -2.97
CA VAL A 82 -2.81 5.44 -3.22
C VAL A 82 -3.13 4.29 -2.30
N GLN A 83 -3.50 3.14 -2.86
CA GLN A 83 -3.69 1.88 -2.14
C GLN A 83 -2.44 1.05 -2.38
N ILE A 84 -1.85 0.55 -1.30
CA ILE A 84 -0.56 -0.13 -1.37
C ILE A 84 -0.54 -1.37 -0.53
N SER A 85 0.05 -2.44 -1.07
CA SER A 85 0.19 -3.69 -0.34
C SER A 85 1.53 -4.31 -0.64
N LEU A 86 1.96 -5.16 0.28
CA LEU A 86 3.17 -5.95 0.11
C LEU A 86 2.88 -7.39 0.40
N GLY A 87 3.22 -8.27 -0.53
CA GLY A 87 3.08 -9.72 -0.29
C GLY A 87 3.46 -10.54 -1.50
N ARG B 5 0.61 -11.66 24.72
CA ARG B 5 -0.33 -12.75 24.34
C ARG B 5 -1.38 -12.22 23.37
N PRO B 6 -0.94 -11.76 22.19
CA PRO B 6 -1.84 -11.22 21.16
C PRO B 6 -2.94 -12.22 20.77
N LYS B 7 -4.11 -11.74 20.46
CA LYS B 7 -5.21 -12.66 20.07
C LYS B 7 -5.20 -12.87 18.55
N THR B 8 -5.51 -14.05 18.10
CA THR B 8 -5.53 -14.31 16.64
C THR B 8 -6.96 -14.23 16.11
N LEU B 9 -7.87 -13.73 16.91
CA LEU B 9 -9.29 -13.63 16.46
C LEU B 9 -9.52 -12.24 15.84
N PHE B 10 -9.48 -12.16 14.54
CA PHE B 10 -9.71 -10.84 13.89
C PHE B 10 -10.97 -10.91 13.00
N GLU B 11 -11.69 -9.83 12.90
CA GLU B 11 -12.92 -9.85 12.06
C GLU B 11 -13.00 -8.54 11.26
N PRO B 12 -13.78 -8.55 10.16
CA PRO B 12 -13.96 -7.37 9.32
C PRO B 12 -14.40 -6.14 10.12
N GLY B 13 -13.73 -5.04 9.96
CA GLY B 13 -14.12 -3.81 10.72
C GLY B 13 -13.36 -3.76 12.04
N GLU B 14 -12.54 -4.75 12.31
CA GLU B 14 -11.78 -4.76 13.59
C GLU B 14 -10.48 -3.98 13.40
N MET B 15 -10.14 -3.15 14.35
CA MET B 15 -8.88 -2.36 14.23
C MET B 15 -7.69 -3.23 14.61
N VAL B 16 -6.56 -3.02 14.00
CA VAL B 16 -5.36 -3.85 14.33
C VAL B 16 -4.16 -2.93 14.56
N ARG B 17 -3.02 -3.48 14.87
CA ARG B 17 -1.82 -2.64 15.11
C ARG B 17 -0.64 -3.20 14.29
N VAL B 18 0.13 -2.34 13.68
CA VAL B 18 1.29 -2.83 12.89
C VAL B 18 2.59 -2.52 13.64
N ASN B 19 3.47 -3.49 13.73
CA ASN B 19 4.75 -3.26 14.45
C ASN B 19 5.90 -3.85 13.64
N ASP B 20 5.70 -4.06 12.37
CA ASP B 20 6.78 -4.63 11.52
C ASP B 20 6.79 -3.93 10.16
N GLY B 21 7.93 -3.80 9.55
CA GLY B 21 7.99 -3.13 8.21
C GLY B 21 7.71 -1.64 8.37
N PRO B 22 7.79 -0.89 7.27
CA PRO B 22 7.54 0.56 7.28
C PRO B 22 6.18 0.90 7.88
N PHE B 23 5.28 -0.05 7.91
CA PHE B 23 3.93 0.22 8.48
C PHE B 23 3.96 0.02 9.99
N ALA B 24 5.13 -0.21 10.55
CA ALA B 24 5.22 -0.40 12.02
C ALA B 24 4.84 0.89 12.74
N ASP B 25 4.27 0.79 13.91
CA ASP B 25 3.89 2.01 14.66
C ASP B 25 2.66 2.65 14.00
N PHE B 26 1.82 1.85 13.39
CA PHE B 26 0.62 2.41 12.73
C PHE B 26 -0.59 1.50 13.02
N ASN B 27 -1.77 2.05 13.04
CA ASN B 27 -2.98 1.23 13.32
C ASN B 27 -3.91 1.27 12.11
N GLY B 28 -4.85 0.36 12.04
CA GLY B 28 -5.79 0.34 10.88
C GLY B 28 -6.89 -0.68 11.14
N VAL B 29 -7.74 -0.91 10.16
CA VAL B 29 -8.84 -1.90 10.36
C VAL B 29 -8.71 -3.02 9.31
N VAL B 30 -9.16 -4.19 9.63
CA VAL B 30 -9.07 -5.32 8.66
C VAL B 30 -10.37 -5.42 7.85
N GLU B 31 -10.38 -4.88 6.68
CA GLU B 31 -11.61 -4.94 5.83
C GLU B 31 -11.86 -6.38 5.40
N GLU B 32 -10.80 -7.11 5.11
CA GLU B 32 -10.97 -8.52 4.66
C GLU B 32 -9.98 -9.41 5.42
N VAL B 33 -10.33 -10.65 5.65
CA VAL B 33 -9.39 -11.56 6.37
C VAL B 33 -9.20 -12.84 5.56
N ASP B 34 -8.05 -13.46 5.67
CA ASP B 34 -7.80 -14.71 4.91
C ASP B 34 -7.13 -15.74 5.82
N TYR B 35 -7.91 -16.52 6.52
CA TYR B 35 -7.32 -17.54 7.43
C TYR B 35 -6.60 -18.59 6.60
N GLU B 36 -7.14 -18.94 5.46
CA GLU B 36 -6.48 -19.98 4.61
C GLU B 36 -5.11 -19.47 4.16
N LYS B 37 -5.03 -18.23 3.75
CA LYS B 37 -3.71 -17.69 3.31
C LYS B 37 -2.97 -17.10 4.51
N SER B 38 -3.55 -17.17 5.67
CA SER B 38 -2.87 -16.61 6.87
C SER B 38 -2.46 -15.16 6.61
N ARG B 39 -3.38 -14.35 6.16
CA ARG B 39 -3.03 -12.93 5.88
C ARG B 39 -4.24 -12.04 6.21
N LEU B 40 -4.00 -10.89 6.79
CA LEU B 40 -5.12 -9.99 7.14
C LEU B 40 -5.12 -8.78 6.21
N LYS B 41 -6.27 -8.42 5.70
CA LYS B 41 -6.33 -7.24 4.77
C LYS B 41 -6.64 -5.98 5.58
N VAL B 42 -5.62 -5.27 6.00
CA VAL B 42 -5.87 -4.03 6.78
C VAL B 42 -5.19 -2.84 6.09
N SER B 43 -5.81 -1.70 6.11
CA SER B 43 -5.20 -0.51 5.47
C SER B 43 -4.68 0.46 6.53
N VAL B 44 -3.62 1.16 6.25
CA VAL B 44 -3.07 2.11 7.26
C VAL B 44 -3.34 3.54 6.80
N SER B 45 -3.83 4.37 7.69
CA SER B 45 -4.11 5.79 7.30
C SER B 45 -2.79 6.54 7.14
N ILE B 46 -2.20 6.46 5.98
CA ILE B 46 -0.91 7.18 5.75
C ILE B 46 -1.15 8.37 4.82
N PHE B 47 -0.51 9.49 5.10
CA PHE B 47 -0.70 10.68 4.23
C PHE B 47 -2.17 11.10 4.25
N GLY B 48 -2.92 10.64 5.21
CA GLY B 48 -4.36 11.02 5.29
C GLY B 48 -5.18 10.09 4.39
N ARG B 49 -4.55 9.10 3.81
CA ARG B 49 -5.29 8.16 2.93
C ARG B 49 -5.10 6.73 3.44
N ALA B 50 -6.11 5.91 3.32
CA ALA B 50 -5.99 4.50 3.79
C ALA B 50 -5.02 3.74 2.88
N THR B 51 -4.22 2.87 3.44
CA THR B 51 -3.26 2.09 2.61
C THR B 51 -3.48 0.60 2.84
N PRO B 52 -4.55 0.04 2.25
CA PRO B 52 -4.88 -1.38 2.38
C PRO B 52 -3.66 -2.27 2.13
N VAL B 53 -3.11 -2.85 3.16
CA VAL B 53 -1.92 -3.72 2.99
C VAL B 53 -2.17 -5.07 3.68
N GLU B 54 -1.51 -6.10 3.24
CA GLU B 54 -1.71 -7.43 3.88
C GLU B 54 -0.63 -7.65 4.94
N LEU B 55 -1.02 -7.92 6.15
CA LEU B 55 -0.02 -8.15 7.23
C LEU B 55 -0.31 -9.48 7.92
N ASP B 56 0.71 -10.15 8.39
CA ASP B 56 0.50 -11.46 9.06
C ASP B 56 -0.05 -11.21 10.48
N PHE B 57 -0.58 -12.23 11.10
CA PHE B 57 -1.13 -12.05 12.48
C PHE B 57 -0.02 -11.60 13.41
N SER B 58 1.16 -12.16 13.28
CA SER B 58 2.28 -11.75 14.17
C SER B 58 2.83 -10.40 13.72
N GLN B 59 2.68 -10.08 12.46
CA GLN B 59 3.18 -8.77 11.95
C GLN B 59 2.34 -7.63 12.54
N VAL B 60 1.12 -7.91 12.90
CA VAL B 60 0.26 -6.85 13.49
C VAL B 60 -0.35 -7.34 14.80
N GLU B 61 -0.77 -6.45 15.65
CA GLU B 61 -1.36 -6.86 16.94
C GLU B 61 -2.85 -6.51 16.97
N LYS B 62 -3.65 -7.27 17.66
CA LYS B 62 -5.10 -6.97 17.73
C LYS B 62 -5.32 -5.70 18.55
N ALA B 63 -6.16 -4.82 18.08
CA ALA B 63 -6.42 -3.56 18.85
C ALA B 63 -7.76 -3.68 19.59
N ASN A 8 11.09 -12.93 -3.96
CA ASN A 8 10.00 -13.27 -4.85
C ASN A 8 8.70 -12.52 -4.57
N GLN A 9 8.79 -11.45 -3.77
CA GLN A 9 7.64 -10.61 -3.49
C GLN A 9 7.68 -9.38 -4.38
N ARG A 10 6.49 -8.84 -4.54
CA ARG A 10 6.22 -7.73 -5.42
C ARG A 10 5.41 -6.70 -4.65
N ILE A 11 5.68 -5.42 -4.88
CA ILE A 11 4.75 -4.37 -4.42
C ILE A 11 3.83 -4.01 -5.60
N ARG A 12 2.52 -4.16 -5.40
CA ARG A 12 1.55 -3.82 -6.42
C ARG A 12 0.82 -2.57 -6.00
N ILE A 13 0.76 -1.61 -6.90
CA ILE A 13 0.15 -0.33 -6.63
C ILE A 13 -0.90 -0.01 -7.68
N ARG A 14 -2.05 0.46 -7.23
CA ARG A 14 -3.09 0.99 -8.10
C ARG A 14 -3.36 2.41 -7.66
N LEU A 15 -3.32 3.33 -8.63
CA LEU A 15 -3.61 4.74 -8.40
C LEU A 15 -4.91 5.10 -9.04
N LYS A 16 -5.64 6.00 -8.38
CA LYS A 16 -6.85 6.60 -8.95
C LYS A 16 -6.85 8.07 -8.67
N ALA A 17 -7.42 8.85 -9.57
CA ALA A 17 -7.57 10.30 -9.32
C ALA A 17 -8.57 10.84 -10.28
N PHE A 18 -9.26 11.91 -9.89
CA PHE A 18 -10.05 12.67 -10.87
C PHE A 18 -9.18 13.62 -11.71
N ASP A 19 -8.00 13.98 -11.24
CA ASP A 19 -7.11 14.91 -11.93
C ASP A 19 -5.94 14.14 -12.53
N HIS A 20 -5.87 14.08 -13.86
CA HIS A 20 -4.81 13.32 -14.53
C HIS A 20 -3.42 13.90 -14.24
N ARG A 21 -3.33 15.20 -14.01
CA ARG A 21 -2.04 15.80 -13.72
C ARG A 21 -1.48 15.25 -12.40
N LEU A 22 -2.37 15.12 -11.41
CA LEU A 22 -1.96 14.60 -10.11
C LEU A 22 -1.58 13.12 -10.25
N ILE A 23 -2.32 12.35 -11.03
CA ILE A 23 -2.05 10.91 -11.09
C ILE A 23 -0.72 10.67 -11.78
N ASP A 24 -0.39 11.44 -12.81
CA ASP A 24 0.87 11.22 -13.53
C ASP A 24 2.05 11.70 -12.71
N GLN A 25 1.87 12.76 -11.92
CA GLN A 25 2.93 13.20 -11.01
C GLN A 25 3.19 12.16 -9.91
N ALA A 26 2.13 11.59 -9.32
CA ALA A 26 2.28 10.61 -8.26
C ALA A 26 2.95 9.37 -8.86
N THR A 27 2.55 8.96 -10.05
CA THR A 27 3.13 7.80 -10.71
C THR A 27 4.63 8.02 -10.92
N ALA A 28 5.01 9.19 -11.42
CA ALA A 28 6.41 9.50 -11.62
C ALA A 28 7.20 9.47 -10.31
N GLU A 29 6.62 9.98 -9.25
CA GLU A 29 7.27 10.01 -7.96
C GLU A 29 7.51 8.60 -7.40
N ILE A 30 6.53 7.72 -7.57
CA ILE A 30 6.65 6.34 -7.15
C ILE A 30 7.74 5.62 -7.95
N VAL A 31 7.74 5.80 -9.27
CA VAL A 31 8.77 5.22 -10.11
C VAL A 31 10.17 5.66 -9.68
N GLU A 32 10.34 6.97 -9.49
CA GLU A 32 11.63 7.52 -9.14
C GLU A 32 12.07 6.97 -7.80
N THR A 33 11.16 6.92 -6.83
CA THR A 33 11.49 6.43 -5.49
C THR A 33 11.95 5.00 -5.56
N ALA A 34 11.27 4.17 -6.34
CA ALA A 34 11.61 2.76 -6.47
C ALA A 34 12.98 2.58 -7.11
N LYS A 35 13.21 3.25 -8.23
CA LYS A 35 14.45 3.09 -8.96
C LYS A 35 15.66 3.60 -8.17
N ARG A 36 15.52 4.66 -7.38
CA ARG A 36 16.64 5.22 -6.59
C ARG A 36 17.00 4.37 -5.38
N THR A 37 16.18 3.35 -5.22
CA THR A 37 16.02 2.47 -4.11
C THR A 37 16.74 1.16 -4.41
N GLY A 38 17.10 0.98 -5.68
CA GLY A 38 17.69 -0.28 -6.14
C GLY A 38 16.67 -1.34 -6.56
N ALA A 39 15.41 -0.94 -6.69
CA ALA A 39 14.30 -1.81 -7.11
C ALA A 39 13.98 -1.58 -8.56
N GLN A 40 13.19 -2.48 -9.14
CA GLN A 40 12.83 -2.38 -10.54
C GLN A 40 11.34 -2.10 -10.65
N VAL A 41 10.96 -1.44 -11.73
CA VAL A 41 9.58 -1.05 -11.95
C VAL A 41 9.03 -1.88 -13.09
N ARG A 42 7.78 -2.32 -12.95
CA ARG A 42 7.00 -2.89 -14.05
C ARG A 42 5.82 -1.98 -14.27
N GLY A 43 5.53 -1.70 -15.52
CA GLY A 43 4.63 -0.62 -15.86
C GLY A 43 5.41 0.68 -15.70
N PRO A 44 4.74 1.77 -15.32
CA PRO A 44 3.32 1.89 -15.02
C PRO A 44 2.51 1.84 -16.27
N ILE A 45 1.27 1.40 -16.16
CA ILE A 45 0.35 1.48 -17.28
C ILE A 45 -0.90 2.24 -16.94
N PRO A 46 -1.47 2.93 -17.91
CA PRO A 46 -2.79 3.53 -17.74
C PRO A 46 -3.87 2.54 -18.12
N LEU A 47 -4.97 2.59 -17.40
CA LEU A 47 -6.17 1.82 -17.79
C LEU A 47 -7.17 2.79 -18.39
N PRO A 48 -8.18 2.29 -19.13
CA PRO A 48 -9.20 3.23 -19.60
C PRO A 48 -9.86 3.96 -18.45
N THR A 49 -10.10 5.24 -18.63
CA THR A 49 -10.79 6.08 -17.63
C THR A 49 -12.22 5.61 -17.40
N ARG A 50 -12.62 5.53 -16.14
CA ARG A 50 -13.92 4.96 -15.76
C ARG A 50 -14.58 5.95 -14.85
N SER A 51 -15.81 6.34 -15.17
CA SER A 51 -16.54 7.31 -14.35
C SER A 51 -15.71 8.53 -14.01
N ARG A 52 -15.06 9.09 -15.03
CA ARG A 52 -14.23 10.30 -14.95
C ARG A 52 -13.03 10.14 -14.03
N THR A 53 -12.67 8.90 -13.73
CA THR A 53 -11.57 8.57 -12.84
C THR A 53 -10.44 7.99 -13.66
N HIS A 54 -9.29 8.60 -13.53
CA HIS A 54 -8.06 8.10 -14.14
C HIS A 54 -7.48 7.00 -13.28
N LEU A 55 -6.86 6.02 -13.93
CA LEU A 55 -6.40 4.84 -13.28
C LEU A 55 -5.02 4.49 -13.81
N ARG A 56 -4.12 4.13 -12.89
CA ARG A 56 -2.78 3.65 -13.25
C ARG A 56 -2.44 2.44 -12.42
N LEU A 57 -1.66 1.55 -12.99
CA LEU A 57 -1.10 0.39 -12.26
C LEU A 57 0.39 0.42 -12.36
N VAL A 58 1.08 0.13 -11.27
CA VAL A 58 2.52 0.01 -11.32
C VAL A 58 2.95 -1.01 -10.30
N ASP A 59 3.99 -1.77 -10.60
CA ASP A 59 4.53 -2.73 -9.64
C ASP A 59 5.99 -2.47 -9.45
N ILE A 60 6.46 -2.87 -8.27
CA ILE A 60 7.86 -2.77 -7.92
C ILE A 60 8.39 -4.17 -7.62
N VAL A 61 9.34 -4.63 -8.41
CA VAL A 61 9.93 -5.93 -8.16
C VAL A 61 11.27 -5.78 -7.49
N GLU A 62 11.70 -6.87 -6.88
CA GLU A 62 12.92 -6.89 -6.04
C GLU A 62 12.95 -5.68 -5.09
N PRO A 63 11.85 -5.44 -4.36
CA PRO A 63 11.92 -4.34 -3.40
C PRO A 63 12.90 -4.68 -2.25
N THR A 64 13.55 -3.65 -1.74
CA THR A 64 14.42 -3.76 -0.58
C THR A 64 13.77 -3.04 0.61
N GLU A 65 14.36 -3.18 1.79
CA GLU A 65 13.95 -2.40 2.95
C GLU A 65 14.07 -0.91 2.64
N LYS A 66 15.14 -0.49 1.98
CA LYS A 66 15.28 0.94 1.57
C LYS A 66 14.12 1.40 0.65
N THR A 67 13.64 0.54 -0.25
CA THR A 67 12.45 0.82 -1.09
C THR A 67 11.22 1.08 -0.26
N VAL A 68 10.93 0.18 0.68
CA VAL A 68 9.74 0.31 1.52
C VAL A 68 9.82 1.59 2.34
N ASP A 69 10.99 1.86 2.91
CA ASP A 69 11.18 3.05 3.71
C ASP A 69 11.03 4.33 2.89
N ALA A 70 11.54 4.31 1.66
CA ALA A 70 11.42 5.46 0.78
C ALA A 70 9.97 5.69 0.36
N LEU A 71 9.22 4.62 0.14
CA LEU A 71 7.81 4.75 -0.19
C LEU A 71 7.00 5.31 0.98
N MET A 72 7.34 4.89 2.19
CA MET A 72 6.63 5.40 3.34
C MET A 72 6.89 6.90 3.48
N ARG A 73 8.15 7.31 3.29
CA ARG A 73 8.51 8.72 3.45
C ARG A 73 7.88 9.61 2.40
N LEU A 74 7.67 9.06 1.20
CA LEU A 74 7.12 9.84 0.10
C LEU A 74 5.75 10.41 0.47
N ASP A 75 5.58 11.71 0.30
CA ASP A 75 4.27 12.36 0.52
C ASP A 75 3.48 12.46 -0.75
N LEU A 76 2.42 11.68 -0.85
CA LEU A 76 1.61 11.66 -2.06
C LEU A 76 0.53 12.74 -1.96
N ALA A 77 0.36 13.49 -3.04
CA ALA A 77 -0.55 14.65 -3.10
C ALA A 77 -1.94 14.30 -2.67
N ALA A 78 -2.61 15.26 -2.06
CA ALA A 78 -4.04 15.16 -1.90
C ALA A 78 -4.69 15.00 -3.27
N GLY A 79 -5.69 14.16 -3.32
CA GLY A 79 -6.46 13.97 -4.52
C GLY A 79 -6.02 12.75 -5.32
N VAL A 80 -5.08 11.98 -4.82
CA VAL A 80 -4.72 10.70 -5.48
C VAL A 80 -4.93 9.58 -4.46
N ASP A 81 -5.62 8.54 -4.87
CA ASP A 81 -5.80 7.36 -4.05
C ASP A 81 -4.81 6.30 -4.45
N VAL A 82 -4.11 5.77 -3.47
CA VAL A 82 -3.13 4.73 -3.73
C VAL A 82 -3.46 3.48 -2.92
N GLN A 83 -3.71 2.38 -3.60
CA GLN A 83 -3.88 1.06 -2.99
C GLN A 83 -2.58 0.31 -3.19
N ILE A 84 -2.04 -0.25 -2.12
CA ILE A 84 -0.69 -0.85 -2.15
C ILE A 84 -0.68 -2.15 -1.40
N SER A 85 0.02 -3.14 -1.97
CA SER A 85 0.17 -4.44 -1.33
C SER A 85 1.57 -4.96 -1.57
N LEU A 86 1.99 -5.86 -0.69
CA LEU A 86 3.25 -6.55 -0.83
C LEU A 86 3.01 -8.04 -0.67
N GLY A 87 3.47 -8.82 -1.64
CA GLY A 87 3.41 -10.28 -1.53
C GLY A 87 3.93 -10.98 -2.76
N ARG B 5 2.04 -12.02 24.21
CA ARG B 5 0.98 -13.04 23.96
C ARG B 5 -0.15 -12.41 23.14
N PRO B 6 0.16 -11.99 21.91
CA PRO B 6 -0.83 -11.37 21.02
C PRO B 6 -2.03 -12.28 20.79
N LYS B 7 -3.20 -11.72 20.64
CA LYS B 7 -4.41 -12.57 20.41
C LYS B 7 -4.62 -12.75 18.90
N THR B 8 -5.08 -13.90 18.49
CA THR B 8 -5.31 -14.14 17.04
C THR B 8 -6.80 -13.95 16.72
N LEU B 9 -7.55 -13.41 17.64
CA LEU B 9 -9.00 -13.20 17.38
C LEU B 9 -9.22 -11.79 16.81
N PHE B 10 -9.36 -11.69 15.52
CA PHE B 10 -9.57 -10.36 14.89
C PHE B 10 -10.93 -10.34 14.20
N GLU B 11 -11.59 -9.21 14.19
CA GLU B 11 -12.93 -9.12 13.53
C GLU B 11 -13.02 -7.80 12.76
N PRO B 12 -13.95 -7.75 11.78
CA PRO B 12 -14.15 -6.54 10.95
C PRO B 12 -14.39 -5.31 11.82
N GLY B 13 -13.67 -4.25 11.57
CA GLY B 13 -13.86 -3.00 12.37
C GLY B 13 -12.92 -3.03 13.58
N GLU B 14 -12.16 -4.07 13.74
CA GLU B 14 -11.24 -4.14 14.89
C GLU B 14 -9.92 -3.45 14.53
N MET B 15 -9.39 -2.65 15.43
CA MET B 15 -8.10 -1.95 15.13
C MET B 15 -6.93 -2.92 15.35
N VAL B 16 -5.90 -2.78 14.58
CA VAL B 16 -4.72 -3.69 14.75
C VAL B 16 -3.44 -2.86 14.80
N ARG B 17 -2.31 -3.50 14.97
CA ARG B 17 -1.03 -2.75 15.03
C ARG B 17 -0.01 -3.37 14.06
N VAL B 18 0.72 -2.57 13.35
CA VAL B 18 1.72 -3.12 12.40
C VAL B 18 3.13 -2.93 12.97
N ASN B 19 3.94 -3.95 12.94
CA ASN B 19 5.32 -3.82 13.48
C ASN B 19 6.31 -4.47 12.52
N ASP B 20 5.92 -4.65 11.28
CA ASP B 20 6.83 -5.29 10.29
C ASP B 20 6.70 -4.58 8.95
N GLY B 21 7.76 -4.52 8.18
CA GLY B 21 7.69 -3.85 6.85
C GLY B 21 7.53 -2.34 7.06
N PRO B 22 7.51 -1.58 5.96
CA PRO B 22 7.37 -0.12 6.00
C PRO B 22 6.12 0.31 6.78
N PHE B 23 5.18 -0.58 6.93
CA PHE B 23 3.94 -0.22 7.68
C PHE B 23 4.17 -0.44 9.18
N ALA B 24 5.38 -0.75 9.56
CA ALA B 24 5.66 -0.97 11.01
C ALA B 24 5.47 0.34 11.78
N ASP B 25 5.07 0.27 13.01
CA ASP B 25 4.87 1.51 13.81
C ASP B 25 3.61 2.23 13.33
N PHE B 26 2.65 1.50 12.84
CA PHE B 26 1.40 2.14 12.36
C PHE B 26 0.20 1.32 12.80
N ASN B 27 -0.94 1.96 12.99
CA ASN B 27 -2.14 1.21 13.43
C ASN B 27 -3.23 1.33 12.35
N GLY B 28 -4.23 0.49 12.41
CA GLY B 28 -5.32 0.55 11.39
C GLY B 28 -6.45 -0.39 11.80
N VAL B 29 -7.43 -0.55 10.96
CA VAL B 29 -8.56 -1.46 11.29
C VAL B 29 -8.66 -2.57 10.25
N VAL B 30 -9.15 -3.72 10.62
CA VAL B 30 -9.27 -4.83 9.65
C VAL B 30 -10.66 -4.83 9.03
N GLU B 31 -10.80 -4.28 7.85
CA GLU B 31 -12.14 -4.25 7.20
C GLU B 31 -12.54 -5.67 6.79
N GLU B 32 -11.60 -6.46 6.36
CA GLU B 32 -11.93 -7.85 5.95
C GLU B 32 -10.90 -8.82 6.55
N VAL B 33 -11.30 -10.03 6.83
CA VAL B 33 -10.35 -11.01 7.42
C VAL B 33 -10.36 -12.30 6.58
N ASP B 34 -9.25 -12.99 6.54
CA ASP B 34 -9.20 -14.25 5.74
C ASP B 34 -8.49 -15.33 6.54
N TYR B 35 -9.21 -16.07 7.35
CA TYR B 35 -8.57 -17.13 8.16
C TYR B 35 -8.05 -18.23 7.24
N GLU B 36 -8.76 -18.52 6.19
CA GLU B 36 -8.31 -19.59 5.25
C GLU B 36 -6.97 -19.17 4.62
N LYS B 37 -6.86 -17.95 4.20
CA LYS B 37 -5.59 -17.49 3.58
C LYS B 37 -4.64 -16.97 4.67
N SER B 38 -5.06 -17.01 5.91
CA SER B 38 -4.19 -16.52 7.01
C SER B 38 -3.72 -15.10 6.68
N ARG B 39 -4.62 -14.21 6.37
CA ARG B 39 -4.22 -12.82 6.05
C ARG B 39 -5.31 -11.85 6.55
N LEU B 40 -4.90 -10.73 7.08
CA LEU B 40 -5.90 -9.75 7.59
C LEU B 40 -5.95 -8.54 6.67
N LYS B 41 -7.12 -8.09 6.32
CA LYS B 41 -7.23 -6.91 5.42
C LYS B 41 -7.33 -5.63 6.25
N VAL B 42 -6.23 -4.99 6.53
CA VAL B 42 -6.27 -3.76 7.35
C VAL B 42 -5.61 -2.61 6.58
N SER B 43 -6.14 -1.42 6.67
CA SER B 43 -5.54 -0.27 5.94
C SER B 43 -4.81 0.64 6.94
N VAL B 44 -3.75 1.27 6.52
CA VAL B 44 -3.00 2.17 7.44
C VAL B 44 -3.23 3.62 7.03
N SER B 45 -3.53 4.47 7.97
CA SER B 45 -3.77 5.90 7.63
C SER B 45 -2.44 6.57 7.28
N ILE B 46 -2.01 6.46 6.06
CA ILE B 46 -0.72 7.09 5.66
C ILE B 46 -0.99 8.31 4.77
N PHE B 47 -0.25 9.37 4.96
CA PHE B 47 -0.48 10.59 4.13
C PHE B 47 -1.89 11.11 4.34
N GLY B 48 -2.53 10.69 5.41
CA GLY B 48 -3.92 11.17 5.67
C GLY B 48 -4.91 10.30 4.89
N ARG B 49 -4.44 9.28 4.24
CA ARG B 49 -5.36 8.41 3.46
C ARG B 49 -5.21 6.96 3.93
N ALA B 50 -6.28 6.22 3.96
CA ALA B 50 -6.19 4.80 4.41
C ALA B 50 -5.43 3.98 3.38
N THR B 51 -4.62 3.05 3.82
CA THR B 51 -3.84 2.22 2.86
C THR B 51 -4.13 0.74 3.12
N PRO B 52 -5.30 0.28 2.68
CA PRO B 52 -5.71 -1.12 2.86
C PRO B 52 -4.60 -2.10 2.44
N VAL B 53 -3.95 -2.72 3.38
CA VAL B 53 -2.87 -3.68 3.04
C VAL B 53 -3.11 -5.01 3.77
N GLU B 54 -2.59 -6.08 3.24
CA GLU B 54 -2.79 -7.41 3.89
C GLU B 54 -1.60 -7.71 4.79
N LEU B 55 -1.84 -7.96 6.06
CA LEU B 55 -0.72 -8.27 6.98
C LEU B 55 -1.00 -9.59 7.70
N ASP B 56 0.01 -10.33 8.03
CA ASP B 56 -0.20 -11.63 8.72
C ASP B 56 -0.52 -11.36 10.19
N PHE B 57 -1.04 -12.35 10.88
CA PHE B 57 -1.37 -12.15 12.32
C PHE B 57 -0.12 -11.79 13.10
N SER B 58 0.99 -12.42 12.81
CA SER B 58 2.25 -12.11 13.53
C SER B 58 2.82 -10.79 13.01
N GLN B 59 2.52 -10.45 11.79
CA GLN B 59 3.05 -9.18 11.21
C GLN B 59 2.38 -7.99 11.91
N VAL B 60 1.20 -8.18 12.43
CA VAL B 60 0.50 -7.07 13.14
C VAL B 60 0.05 -7.54 14.52
N GLU B 61 -0.18 -6.62 15.42
CA GLU B 61 -0.63 -7.01 16.79
C GLU B 61 -2.07 -6.55 17.01
N LYS B 62 -2.81 -7.26 17.81
CA LYS B 62 -4.22 -6.86 18.07
C LYS B 62 -4.24 -5.59 18.92
N ALA B 63 -5.07 -4.65 18.58
CA ALA B 63 -5.13 -3.38 19.37
C ALA B 63 -6.36 -3.41 20.29
N ASN A 8 11.62 -12.76 -3.98
CA ASN A 8 10.53 -13.13 -4.87
C ASN A 8 9.22 -12.41 -4.58
N GLN A 9 9.29 -11.35 -3.78
CA GLN A 9 8.12 -10.54 -3.49
C GLN A 9 8.11 -9.31 -4.37
N ARG A 10 6.91 -8.80 -4.53
CA ARG A 10 6.61 -7.70 -5.41
C ARG A 10 5.77 -6.68 -4.63
N ILE A 11 6.00 -5.40 -4.86
CA ILE A 11 5.05 -4.37 -4.39
C ILE A 11 4.11 -4.05 -5.57
N ARG A 12 2.82 -4.22 -5.37
CA ARG A 12 1.82 -3.91 -6.37
C ARG A 12 1.07 -2.68 -5.94
N ILE A 13 0.99 -1.72 -6.85
CA ILE A 13 0.33 -0.45 -6.57
C ILE A 13 -0.72 -0.16 -7.63
N ARG A 14 -1.89 0.27 -7.17
CA ARG A 14 -2.94 0.79 -8.02
C ARG A 14 -3.24 2.19 -7.59
N LEU A 15 -3.25 3.11 -8.54
CA LEU A 15 -3.55 4.51 -8.31
C LEU A 15 -4.88 4.84 -8.96
N LYS A 16 -5.63 5.72 -8.29
CA LYS A 16 -6.86 6.29 -8.86
C LYS A 16 -6.90 7.76 -8.56
N ALA A 17 -7.48 8.53 -9.46
CA ALA A 17 -7.67 9.97 -9.22
C ALA A 17 -8.70 10.50 -10.17
N PHE A 18 -9.41 11.54 -9.77
CA PHE A 18 -10.22 12.29 -10.74
C PHE A 18 -9.38 13.24 -11.59
N ASP A 19 -8.21 13.64 -11.12
CA ASP A 19 -7.35 14.59 -11.82
C ASP A 19 -6.15 13.86 -12.43
N HIS A 20 -6.09 13.80 -13.76
CA HIS A 20 -5.01 13.06 -14.42
C HIS A 20 -3.65 13.68 -14.14
N ARG A 21 -3.59 14.99 -13.91
CA ARG A 21 -2.30 15.62 -13.63
C ARG A 21 -1.74 15.09 -12.31
N LEU A 22 -2.61 14.93 -11.32
CA LEU A 22 -2.18 14.41 -10.03
C LEU A 22 -1.76 12.96 -10.16
N ILE A 23 -2.48 12.16 -10.94
CA ILE A 23 -2.18 10.74 -11.01
C ILE A 23 -0.84 10.53 -11.70
N ASP A 24 -0.55 11.31 -12.73
CA ASP A 24 0.73 11.12 -13.45
C ASP A 24 1.90 11.62 -12.64
N GLN A 25 1.70 12.68 -11.86
CA GLN A 25 2.75 13.14 -10.94
C GLN A 25 3.03 12.11 -9.85
N ALA A 26 1.99 11.51 -9.26
CA ALA A 26 2.16 10.53 -8.20
C ALA A 26 2.87 9.32 -8.79
N THR A 27 2.48 8.89 -9.99
CA THR A 27 3.09 7.76 -10.65
C THR A 27 4.58 8.01 -10.87
N ALA A 28 4.92 9.20 -11.37
CA ALA A 28 6.32 9.54 -11.57
C ALA A 28 7.12 9.53 -10.28
N GLU A 29 6.52 10.03 -9.22
CA GLU A 29 7.18 10.06 -7.91
C GLU A 29 7.46 8.67 -7.37
N ILE A 30 6.51 7.76 -7.53
CA ILE A 30 6.66 6.38 -7.10
C ILE A 30 7.76 5.70 -7.92
N VAL A 31 7.75 5.87 -9.24
CA VAL A 31 8.80 5.32 -10.09
C VAL A 31 10.18 5.80 -9.66
N GLU A 32 10.32 7.12 -9.46
CA GLU A 32 11.61 7.70 -9.11
C GLU A 32 12.06 7.15 -7.78
N THR A 33 11.16 7.08 -6.82
CA THR A 33 11.50 6.61 -5.48
C THR A 33 12.00 5.17 -5.55
N ALA A 34 11.34 4.34 -6.32
CA ALA A 34 11.71 2.94 -6.46
C ALA A 34 13.09 2.79 -7.10
N LYS A 35 13.30 3.47 -8.23
CA LYS A 35 14.53 3.35 -8.96
C LYS A 35 15.73 3.88 -8.18
N ARG A 36 15.57 4.94 -7.38
CA ARG A 36 16.68 5.52 -6.59
C ARG A 36 17.06 4.68 -5.39
N THR A 37 16.27 3.65 -5.23
CA THR A 37 16.15 2.75 -4.12
C THR A 37 16.89 1.47 -4.43
N GLY A 38 17.27 1.30 -5.70
CA GLY A 38 17.88 0.05 -6.16
C GLY A 38 16.89 -1.03 -6.58
N ALA A 39 15.61 -0.66 -6.71
CA ALA A 39 14.51 -1.56 -7.11
C ALA A 39 14.19 -1.34 -8.57
N GLN A 40 13.42 -2.25 -9.14
CA GLN A 40 13.04 -2.17 -10.55
C GLN A 40 11.56 -1.92 -10.66
N VAL A 41 11.15 -1.28 -11.72
CA VAL A 41 9.77 -0.92 -11.94
C VAL A 41 9.23 -1.75 -13.08
N ARG A 42 7.99 -2.23 -12.94
CA ARG A 42 7.23 -2.83 -14.03
C ARG A 42 6.02 -1.94 -14.24
N GLY A 43 5.71 -1.66 -15.50
CA GLY A 43 4.79 -0.62 -15.84
C GLY A 43 5.53 0.71 -15.67
N PRO A 44 4.84 1.78 -15.28
CA PRO A 44 3.42 1.86 -14.98
C PRO A 44 2.59 1.79 -16.23
N ILE A 45 1.38 1.32 -16.11
CA ILE A 45 0.45 1.38 -17.23
C ILE A 45 -0.83 2.10 -16.88
N PRO A 46 -1.42 2.78 -17.85
CA PRO A 46 -2.75 3.34 -17.67
C PRO A 46 -3.80 2.33 -18.05
N LEU A 47 -4.91 2.34 -17.32
CA LEU A 47 -6.08 1.54 -17.70
C LEU A 47 -7.11 2.49 -18.30
N PRO A 48 -8.11 1.97 -19.04
CA PRO A 48 -9.16 2.88 -19.50
C PRO A 48 -9.84 3.59 -18.35
N THR A 49 -10.11 4.87 -18.53
CA THR A 49 -10.81 5.68 -17.53
C THR A 49 -12.24 5.17 -17.29
N ARG A 50 -12.62 5.07 -16.02
CA ARG A 50 -13.91 4.47 -15.64
C ARG A 50 -14.59 5.44 -14.72
N SER A 51 -15.83 5.81 -15.04
CA SER A 51 -16.58 6.75 -14.21
C SER A 51 -15.77 8.00 -13.87
N ARG A 52 -15.15 8.57 -14.90
CA ARG A 52 -14.35 9.81 -14.82
C ARG A 52 -13.14 9.68 -13.90
N THR A 53 -12.75 8.44 -13.61
CA THR A 53 -11.63 8.14 -12.72
C THR A 53 -10.50 7.60 -13.54
N HIS A 54 -9.37 8.24 -13.42
CA HIS A 54 -8.13 7.77 -14.04
C HIS A 54 -7.51 6.68 -13.19
N LEU A 55 -6.87 5.72 -13.83
CA LEU A 55 -6.36 4.54 -13.19
C LEU A 55 -4.99 4.23 -13.72
N ARG A 56 -4.08 3.90 -12.81
CA ARG A 56 -2.72 3.46 -13.18
C ARG A 56 -2.34 2.26 -12.35
N LEU A 57 -1.55 1.38 -12.93
CA LEU A 57 -0.95 0.24 -12.21
C LEU A 57 0.54 0.31 -12.31
N VAL A 58 1.24 0.03 -11.22
CA VAL A 58 2.68 -0.05 -11.28
C VAL A 58 3.14 -1.06 -10.26
N ASP A 59 4.19 -1.79 -10.57
CA ASP A 59 4.76 -2.73 -9.61
C ASP A 59 6.23 -2.44 -9.42
N ILE A 60 6.71 -2.82 -8.25
CA ILE A 60 8.12 -2.69 -7.90
C ILE A 60 8.67 -4.07 -7.61
N VAL A 61 9.63 -4.50 -8.41
CA VAL A 61 10.25 -5.79 -8.16
C VAL A 61 11.60 -5.61 -7.49
N GLU A 62 12.05 -6.70 -6.89
CA GLU A 62 13.26 -6.68 -6.05
C GLU A 62 13.27 -5.47 -5.10
N PRO A 63 12.18 -5.25 -4.37
CA PRO A 63 12.23 -4.16 -3.40
C PRO A 63 13.22 -4.48 -2.26
N THR A 64 13.84 -3.44 -1.75
CA THR A 64 14.72 -3.52 -0.59
C THR A 64 14.06 -2.82 0.59
N GLU A 65 14.66 -2.95 1.77
CA GLU A 65 14.24 -2.18 2.94
C GLU A 65 14.31 -0.68 2.64
N LYS A 66 15.37 -0.23 1.97
CA LYS A 66 15.47 1.20 1.56
C LYS A 66 14.28 1.64 0.64
N THR A 67 13.83 0.77 -0.26
CA THR A 67 12.63 1.01 -1.09
C THR A 67 11.39 1.24 -0.26
N VAL A 68 11.13 0.33 0.69
CA VAL A 68 9.95 0.42 1.53
C VAL A 68 10.00 1.70 2.35
N ASP A 69 11.16 2.00 2.92
CA ASP A 69 11.32 3.20 3.72
C ASP A 69 11.13 4.47 2.90
N ALA A 70 11.64 4.47 1.68
CA ALA A 70 11.48 5.62 0.79
C ALA A 70 10.03 5.80 0.39
N LEU A 71 9.30 4.73 0.16
CA LEU A 71 7.89 4.82 -0.17
C LEU A 71 7.07 5.35 1.01
N MET A 72 7.42 4.94 2.22
CA MET A 72 6.70 5.42 3.37
C MET A 72 6.94 6.93 3.51
N ARG A 73 8.17 7.38 3.31
CA ARG A 73 8.51 8.79 3.48
C ARG A 73 7.84 9.66 2.44
N LEU A 74 7.64 9.11 1.23
CA LEU A 74 7.06 9.88 0.13
C LEU A 74 5.69 10.41 0.53
N ASP A 75 5.48 11.71 0.35
CA ASP A 75 4.16 12.33 0.58
C ASP A 75 3.35 12.41 -0.69
N LEU A 76 2.31 11.59 -0.79
CA LEU A 76 1.50 11.55 -1.99
C LEU A 76 0.39 12.61 -1.89
N ALA A 77 0.20 13.36 -2.97
CA ALA A 77 -0.74 14.50 -3.02
C ALA A 77 -2.12 14.11 -2.59
N ALA A 78 -2.81 15.05 -1.96
CA ALA A 78 -4.24 14.91 -1.79
C ALA A 78 -4.88 14.74 -3.16
N GLY A 79 -5.87 13.87 -3.22
CA GLY A 79 -6.63 13.65 -4.42
C GLY A 79 -6.17 12.45 -5.22
N VAL A 80 -5.21 11.70 -4.72
CA VAL A 80 -4.82 10.44 -5.38
C VAL A 80 -4.99 9.31 -4.36
N ASP A 81 -5.66 8.25 -4.77
CA ASP A 81 -5.81 7.07 -3.95
C ASP A 81 -4.79 6.03 -4.36
N VAL A 82 -4.07 5.52 -3.39
CA VAL A 82 -3.07 4.50 -3.66
C VAL A 82 -3.35 3.26 -2.85
N GLN A 83 -3.58 2.14 -3.53
CA GLN A 83 -3.72 0.81 -2.93
C GLN A 83 -2.38 0.11 -3.12
N ILE A 84 -1.83 -0.44 -2.05
CA ILE A 84 -0.47 -1.00 -2.09
C ILE A 84 -0.41 -2.31 -1.35
N SER A 85 0.30 -3.27 -1.92
CA SER A 85 0.49 -4.57 -1.28
C SER A 85 1.90 -5.06 -1.54
N LEU A 86 2.35 -5.93 -0.66
CA LEU A 86 3.63 -6.61 -0.80
C LEU A 86 3.43 -8.10 -0.65
N GLY A 87 3.91 -8.86 -1.62
CA GLY A 87 3.88 -10.33 -1.51
C GLY A 87 4.42 -11.02 -2.75
N ARG B 5 2.12 -12.43 23.81
CA ARG B 5 1.01 -13.41 23.58
C ARG B 5 -0.12 -12.73 22.81
N PRO B 6 0.16 -12.29 21.58
CA PRO B 6 -0.83 -11.62 20.73
C PRO B 6 -2.07 -12.48 20.52
N LYS B 7 -3.22 -11.87 20.42
CA LYS B 7 -4.47 -12.66 20.21
C LYS B 7 -4.74 -12.81 18.71
N THR B 8 -5.25 -13.93 18.29
CA THR B 8 -5.52 -14.14 16.85
C THR B 8 -7.02 -13.89 16.58
N LEU B 9 -7.72 -13.34 17.52
CA LEU B 9 -9.17 -13.07 17.32
C LEU B 9 -9.36 -11.65 16.79
N PHE B 10 -9.53 -11.51 15.49
CA PHE B 10 -9.72 -10.16 14.91
C PHE B 10 -11.10 -10.07 14.26
N GLU B 11 -11.72 -8.92 14.29
CA GLU B 11 -13.06 -8.77 13.67
C GLU B 11 -13.14 -7.44 12.93
N PRO B 12 -14.08 -7.33 11.99
CA PRO B 12 -14.27 -6.10 11.20
C PRO B 12 -14.44 -4.87 12.09
N GLY B 13 -13.69 -3.83 11.83
CA GLY B 13 -13.82 -2.60 12.67
C GLY B 13 -12.84 -2.68 13.84
N GLU B 14 -12.11 -3.76 13.96
CA GLU B 14 -11.14 -3.89 15.09
C GLU B 14 -9.81 -3.24 14.70
N MET B 15 -9.23 -2.48 15.58
CA MET B 15 -7.94 -1.82 15.26
C MET B 15 -6.79 -2.83 15.43
N VAL B 16 -5.77 -2.72 14.63
CA VAL B 16 -4.63 -3.67 14.74
C VAL B 16 -3.32 -2.89 14.78
N ARG B 17 -2.21 -3.57 14.89
CA ARG B 17 -0.90 -2.87 14.92
C ARG B 17 0.05 -3.51 13.92
N VAL B 18 0.80 -2.72 13.20
CA VAL B 18 1.76 -3.29 12.20
C VAL B 18 3.18 -3.15 12.73
N ASN B 19 3.95 -4.21 12.66
CA ASN B 19 5.36 -4.13 13.15
C ASN B 19 6.29 -4.81 12.14
N ASP B 20 5.86 -4.94 10.92
CA ASP B 20 6.72 -5.59 9.89
C ASP B 20 6.56 -4.86 8.56
N GLY B 21 7.60 -4.81 7.77
CA GLY B 21 7.51 -4.11 6.46
C GLY B 21 7.43 -2.61 6.69
N PRO B 22 7.40 -1.82 5.61
CA PRO B 22 7.31 -0.36 5.68
C PRO B 22 6.11 0.10 6.51
N PHE B 23 5.13 -0.76 6.68
CA PHE B 23 3.93 -0.37 7.47
C PHE B 23 4.20 -0.63 8.95
N ALA B 24 5.41 -0.98 9.29
CA ALA B 24 5.73 -1.25 10.73
C ALA B 24 5.62 0.05 11.52
N ASP B 25 5.24 -0.04 12.78
CA ASP B 25 5.12 1.19 13.60
C ASP B 25 3.88 1.97 13.18
N PHE B 26 2.88 1.29 12.70
CA PHE B 26 1.63 1.99 12.27
C PHE B 26 0.41 1.20 12.74
N ASN B 27 -0.69 1.88 12.97
CA ASN B 27 -1.92 1.16 13.43
C ASN B 27 -3.03 1.34 12.40
N GLY B 28 -4.05 0.54 12.47
CA GLY B 28 -5.17 0.66 11.50
C GLY B 28 -6.33 -0.24 11.91
N VAL B 29 -7.33 -0.35 11.10
CA VAL B 29 -8.49 -1.23 11.45
C VAL B 29 -8.65 -2.31 10.39
N VAL B 30 -9.19 -3.45 10.75
CA VAL B 30 -9.37 -4.55 9.76
C VAL B 30 -10.79 -4.47 9.19
N GLU B 31 -10.94 -3.90 8.03
CA GLU B 31 -12.30 -3.80 7.42
C GLU B 31 -12.77 -5.20 6.99
N GLU B 32 -11.86 -6.02 6.52
CA GLU B 32 -12.25 -7.39 6.09
C GLU B 32 -11.24 -8.39 6.64
N VAL B 33 -11.68 -9.60 6.91
CA VAL B 33 -10.74 -10.62 7.44
C VAL B 33 -10.83 -11.89 6.58
N ASP B 34 -9.75 -12.62 6.49
CA ASP B 34 -9.77 -13.86 5.67
C ASP B 34 -9.07 -15.00 6.44
N TYR B 35 -9.80 -15.72 7.25
CA TYR B 35 -9.17 -16.83 8.02
C TYR B 35 -8.72 -17.92 7.06
N GLU B 36 -9.48 -18.17 6.03
CA GLU B 36 -9.10 -19.23 5.05
C GLU B 36 -7.77 -18.85 4.39
N LYS B 37 -7.62 -17.62 3.99
CA LYS B 37 -6.34 -17.19 3.34
C LYS B 37 -5.35 -16.73 4.40
N SER B 38 -5.73 -16.78 5.65
CA SER B 38 -4.81 -16.34 6.74
C SER B 38 -4.29 -14.94 6.42
N ARG B 39 -5.19 -14.02 6.16
CA ARG B 39 -4.74 -12.63 5.85
C ARG B 39 -5.76 -11.63 6.40
N LEU B 40 -5.31 -10.54 6.95
CA LEU B 40 -6.25 -9.53 7.51
C LEU B 40 -6.29 -8.30 6.61
N LYS B 41 -7.45 -7.80 6.30
CA LYS B 41 -7.54 -6.60 5.43
C LYS B 41 -7.58 -5.34 6.30
N VAL B 42 -6.44 -4.75 6.55
CA VAL B 42 -6.41 -3.53 7.39
C VAL B 42 -5.73 -2.39 6.62
N SER B 43 -6.22 -1.19 6.77
CA SER B 43 -5.59 -0.04 6.03
C SER B 43 -4.80 0.82 7.02
N VAL B 44 -3.74 1.42 6.58
CA VAL B 44 -2.92 2.27 7.49
C VAL B 44 -3.11 3.75 7.12
N SER B 45 -3.35 4.58 8.08
CA SER B 45 -3.55 6.03 7.78
C SER B 45 -2.20 6.65 7.41
N ILE B 46 -1.81 6.56 6.17
CA ILE B 46 -0.52 7.15 5.75
C ILE B 46 -0.77 8.39 4.89
N PHE B 47 0.02 9.42 5.08
CA PHE B 47 -0.19 10.66 4.27
C PHE B 47 -1.58 11.23 4.55
N GLY B 48 -2.20 10.81 5.62
CA GLY B 48 -3.56 11.33 5.94
C GLY B 48 -4.61 10.52 5.18
N ARG B 49 -4.20 9.50 4.48
CA ARG B 49 -5.17 8.68 3.72
C ARG B 49 -5.06 7.21 4.16
N ALA B 50 -6.16 6.51 4.20
CA ALA B 50 -6.11 5.08 4.62
C ALA B 50 -5.39 4.26 3.54
N THR B 51 -4.61 3.29 3.94
CA THR B 51 -3.89 2.46 2.95
C THR B 51 -4.23 0.98 3.18
N PRO B 52 -5.44 0.56 2.78
CA PRO B 52 -5.89 -0.83 2.94
C PRO B 52 -4.83 -1.83 2.47
N VAL B 53 -4.18 -2.50 3.38
CA VAL B 53 -3.14 -3.48 2.99
C VAL B 53 -3.41 -4.82 3.68
N GLU B 54 -2.95 -5.90 3.12
CA GLU B 54 -3.19 -7.23 3.75
C GLU B 54 -1.97 -7.60 4.61
N LEU B 55 -2.18 -7.85 5.88
CA LEU B 55 -1.05 -8.23 6.76
C LEU B 55 -1.35 -9.56 7.46
N ASP B 56 -0.35 -10.34 7.74
CA ASP B 56 -0.58 -11.64 8.42
C ASP B 56 -0.86 -11.40 9.90
N PHE B 57 -1.38 -12.37 10.59
CA PHE B 57 -1.68 -12.20 12.04
C PHE B 57 -0.38 -11.89 12.78
N SER B 58 0.69 -12.56 12.44
CA SER B 58 1.99 -12.31 13.13
C SER B 58 2.59 -11.00 12.62
N GLN B 59 2.26 -10.63 11.41
CA GLN B 59 2.81 -9.35 10.85
C GLN B 59 2.22 -8.16 11.60
N VAL B 60 1.04 -8.33 12.16
CA VAL B 60 0.41 -7.20 12.90
C VAL B 60 -0.01 -7.68 14.29
N GLU B 61 -0.19 -6.78 15.21
CA GLU B 61 -0.59 -7.18 16.58
C GLU B 61 -2.00 -6.67 16.87
N LYS B 62 -2.76 -7.37 17.67
CA LYS B 62 -4.14 -6.92 17.98
C LYS B 62 -4.08 -5.67 18.86
N ALA B 63 -4.89 -4.69 18.56
CA ALA B 63 -4.88 -3.44 19.38
C ALA B 63 -6.07 -3.45 20.33
N ASN A 8 11.60 -12.77 -3.99
CA ASN A 8 10.49 -13.15 -4.87
C ASN A 8 9.19 -12.43 -4.57
N GLN A 9 9.27 -11.36 -3.76
CA GLN A 9 8.11 -10.55 -3.47
C GLN A 9 8.10 -9.32 -4.35
N ARG A 10 6.89 -8.80 -4.50
CA ARG A 10 6.59 -7.71 -5.38
C ARG A 10 5.76 -6.69 -4.60
N ILE A 11 5.99 -5.40 -4.83
CA ILE A 11 5.05 -4.38 -4.35
C ILE A 11 4.10 -4.05 -5.52
N ARG A 12 2.81 -4.22 -5.30
CA ARG A 12 1.80 -3.91 -6.30
C ARG A 12 1.05 -2.67 -5.86
N ILE A 13 0.97 -1.72 -6.77
CA ILE A 13 0.32 -0.45 -6.49
C ILE A 13 -0.75 -0.15 -7.52
N ARG A 14 -1.91 0.28 -7.05
CA ARG A 14 -2.98 0.79 -7.90
C ARG A 14 -3.27 2.21 -7.46
N LEU A 15 -3.27 3.12 -8.43
CA LEU A 15 -3.58 4.53 -8.19
C LEU A 15 -4.91 4.86 -8.82
N LYS A 16 -5.65 5.74 -8.14
CA LYS A 16 -6.88 6.31 -8.70
C LYS A 16 -6.91 7.78 -8.41
N ALA A 17 -7.50 8.55 -9.31
CA ALA A 17 -7.69 10.00 -9.06
C ALA A 17 -8.72 10.52 -10.00
N PHE A 18 -9.43 11.56 -9.59
CA PHE A 18 -10.24 12.31 -10.57
C PHE A 18 -9.42 13.26 -11.43
N ASP A 19 -8.24 13.66 -10.97
CA ASP A 19 -7.38 14.61 -11.68
C ASP A 19 -6.20 13.87 -12.30
N HIS A 20 -6.15 13.80 -13.63
CA HIS A 20 -5.09 13.07 -14.31
C HIS A 20 -3.71 13.69 -14.04
N ARG A 21 -3.65 14.99 -13.82
CA ARG A 21 -2.36 15.62 -13.55
C ARG A 21 -1.78 15.08 -12.24
N LEU A 22 -2.64 14.94 -11.24
CA LEU A 22 -2.19 14.41 -9.94
C LEU A 22 -1.78 12.96 -10.08
N ILE A 23 -2.52 12.16 -10.85
CA ILE A 23 -2.21 10.73 -10.92
C ILE A 23 -0.89 10.52 -11.63
N ASP A 24 -0.60 11.30 -12.66
CA ASP A 24 0.66 11.11 -13.39
C ASP A 24 1.84 11.61 -12.60
N GLN A 25 1.65 12.67 -11.81
CA GLN A 25 2.71 13.13 -10.92
C GLN A 25 3.01 12.09 -9.82
N ALA A 26 1.97 11.50 -9.21
CA ALA A 26 2.17 10.53 -8.16
C ALA A 26 2.86 9.31 -8.76
N THR A 27 2.45 8.89 -9.95
CA THR A 27 3.06 7.74 -10.62
C THR A 27 4.53 8.00 -10.85
N ALA A 28 4.87 9.18 -11.36
CA ALA A 28 6.27 9.52 -11.58
C ALA A 28 7.09 9.51 -10.29
N GLU A 29 6.50 10.01 -9.22
CA GLU A 29 7.18 10.04 -7.93
C GLU A 29 7.45 8.65 -7.39
N ILE A 30 6.50 7.74 -7.54
CA ILE A 30 6.66 6.37 -7.11
C ILE A 30 7.75 5.67 -7.93
N VAL A 31 7.72 5.85 -9.25
CA VAL A 31 8.76 5.29 -10.11
C VAL A 31 10.14 5.77 -9.70
N GLU A 32 10.29 7.08 -9.51
CA GLU A 32 11.58 7.66 -9.17
C GLU A 32 12.05 7.13 -7.85
N THR A 33 11.15 7.05 -6.87
CA THR A 33 11.52 6.58 -5.53
C THR A 33 12.01 5.15 -5.61
N ALA A 34 11.34 4.31 -6.37
CA ALA A 34 11.71 2.91 -6.52
C ALA A 34 13.07 2.76 -7.18
N LYS A 35 13.27 3.44 -8.30
CA LYS A 35 14.50 3.30 -9.05
C LYS A 35 15.71 3.84 -8.28
N ARG A 36 15.55 4.90 -7.49
CA ARG A 36 16.68 5.48 -6.71
C ARG A 36 17.07 4.65 -5.50
N THR A 37 16.28 3.61 -5.33
CA THR A 37 16.17 2.72 -4.22
C THR A 37 16.90 1.43 -4.53
N GLY A 38 17.26 1.26 -5.81
CA GLY A 38 17.86 0.01 -6.28
C GLY A 38 16.86 -1.07 -6.68
N ALA A 39 15.59 -0.69 -6.79
CA ALA A 39 14.50 -1.60 -7.20
C ALA A 39 14.15 -1.39 -8.64
N GLN A 40 13.37 -2.29 -9.21
CA GLN A 40 12.98 -2.21 -10.60
C GLN A 40 11.49 -1.96 -10.69
N VAL A 41 11.08 -1.32 -11.75
CA VAL A 41 9.69 -0.95 -11.96
C VAL A 41 9.13 -1.79 -13.10
N ARG A 42 7.89 -2.27 -12.93
CA ARG A 42 7.12 -2.86 -14.02
C ARG A 42 5.91 -1.98 -14.22
N GLY A 43 5.59 -1.70 -15.47
CA GLY A 43 4.66 -0.64 -15.80
C GLY A 43 5.41 0.68 -15.64
N PRO A 44 4.73 1.75 -15.25
CA PRO A 44 3.31 1.83 -14.93
C PRO A 44 2.47 1.77 -16.17
N ILE A 45 1.26 1.30 -16.03
CA ILE A 45 0.32 1.35 -17.15
C ILE A 45 -0.96 2.09 -16.78
N PRO A 46 -1.55 2.77 -17.75
CA PRO A 46 -2.89 3.33 -17.56
C PRO A 46 -3.95 2.31 -17.91
N LEU A 47 -5.04 2.34 -17.18
CA LEU A 47 -6.22 1.54 -17.55
C LEU A 47 -7.26 2.48 -18.13
N PRO A 48 -8.26 1.96 -18.86
CA PRO A 48 -9.33 2.87 -19.31
C PRO A 48 -9.98 3.59 -18.15
N THR A 49 -10.25 4.87 -18.33
CA THR A 49 -10.94 5.68 -17.32
C THR A 49 -12.35 5.18 -17.07
N ARG A 50 -12.73 5.08 -15.79
CA ARG A 50 -14.02 4.49 -15.40
C ARG A 50 -14.68 5.47 -14.48
N SER A 51 -15.93 5.84 -14.78
CA SER A 51 -16.67 6.78 -13.94
C SER A 51 -15.85 8.02 -13.61
N ARG A 52 -15.24 8.60 -14.64
CA ARG A 52 -14.44 9.83 -14.58
C ARG A 52 -13.21 9.70 -13.68
N THR A 53 -12.82 8.47 -13.39
CA THR A 53 -11.70 8.16 -12.51
C THR A 53 -10.58 7.62 -13.35
N HIS A 54 -9.43 8.26 -13.24
CA HIS A 54 -8.21 7.78 -13.87
C HIS A 54 -7.58 6.70 -13.02
N LEU A 55 -6.95 5.73 -13.68
CA LEU A 55 -6.44 4.55 -13.03
C LEU A 55 -5.07 4.24 -13.58
N ARG A 56 -4.16 3.90 -12.68
CA ARG A 56 -2.80 3.45 -13.06
C ARG A 56 -2.42 2.26 -12.23
N LEU A 57 -1.63 1.37 -12.82
CA LEU A 57 -1.04 0.23 -12.10
C LEU A 57 0.46 0.30 -12.23
N VAL A 58 1.17 0.03 -11.15
CA VAL A 58 2.61 -0.06 -11.22
C VAL A 58 3.08 -1.07 -10.21
N ASP A 59 4.14 -1.81 -10.52
CA ASP A 59 4.71 -2.75 -9.58
C ASP A 59 6.18 -2.45 -9.39
N ILE A 60 6.67 -2.84 -8.23
CA ILE A 60 8.08 -2.71 -7.90
C ILE A 60 8.63 -4.10 -7.61
N VAL A 61 9.59 -4.53 -8.42
CA VAL A 61 10.20 -5.82 -8.17
C VAL A 61 11.55 -5.64 -7.53
N GLU A 62 12.01 -6.72 -6.92
CA GLU A 62 13.24 -6.71 -6.09
C GLU A 62 13.26 -5.50 -5.15
N PRO A 63 12.18 -5.27 -4.41
CA PRO A 63 12.24 -4.19 -3.44
C PRO A 63 13.24 -4.50 -2.31
N THR A 64 13.87 -3.45 -1.81
CA THR A 64 14.77 -3.54 -0.66
C THR A 64 14.12 -2.83 0.53
N GLU A 65 14.73 -2.97 1.70
CA GLU A 65 14.32 -2.19 2.87
C GLU A 65 14.39 -0.70 2.56
N LYS A 66 15.45 -0.26 1.88
CA LYS A 66 15.55 1.18 1.47
C LYS A 66 14.36 1.63 0.57
N THR A 67 13.89 0.74 -0.33
CA THR A 67 12.68 0.99 -1.15
C THR A 67 11.46 1.23 -0.30
N VAL A 68 11.21 0.32 0.64
CA VAL A 68 10.02 0.41 1.51
C VAL A 68 10.10 1.70 2.32
N ASP A 69 11.26 2.00 2.87
CA ASP A 69 11.43 3.20 3.67
C ASP A 69 11.24 4.47 2.85
N ALA A 70 11.73 4.47 1.62
CA ALA A 70 11.57 5.61 0.73
C ALA A 70 10.11 5.81 0.35
N LEU A 71 9.38 4.71 0.13
CA LEU A 71 7.97 4.81 -0.17
C LEU A 71 7.16 5.36 1.01
N MET A 72 7.52 4.95 2.21
CA MET A 72 6.82 5.43 3.37
C MET A 72 7.06 6.93 3.51
N ARG A 73 8.29 7.39 3.29
CA ARG A 73 8.63 8.80 3.45
C ARG A 73 7.95 9.67 2.41
N LEU A 74 7.74 9.12 1.21
CA LEU A 74 7.16 9.88 0.11
C LEU A 74 5.79 10.41 0.52
N ASP A 75 5.57 11.71 0.35
CA ASP A 75 4.25 12.34 0.59
C ASP A 75 3.44 12.42 -0.67
N LEU A 76 2.39 11.60 -0.75
CA LEU A 76 1.58 11.57 -1.94
C LEU A 76 0.47 12.63 -1.82
N ALA A 77 0.26 13.38 -2.91
CA ALA A 77 -0.67 14.51 -2.95
C ALA A 77 -2.05 14.13 -2.51
N ALA A 78 -2.73 15.07 -1.88
CA ALA A 78 -4.17 14.94 -1.69
C ALA A 78 -4.82 14.76 -3.06
N GLY A 79 -5.81 13.90 -3.09
CA GLY A 79 -6.58 13.68 -4.28
C GLY A 79 -6.14 12.48 -5.09
N VAL A 80 -5.16 11.73 -4.59
CA VAL A 80 -4.79 10.46 -5.26
C VAL A 80 -4.95 9.33 -4.25
N ASP A 81 -5.63 8.28 -4.63
CA ASP A 81 -5.77 7.10 -3.81
C ASP A 81 -4.76 6.06 -4.23
N VAL A 82 -4.03 5.55 -3.26
CA VAL A 82 -3.03 4.53 -3.54
C VAL A 82 -3.31 3.28 -2.73
N GLN A 83 -3.55 2.16 -3.41
CA GLN A 83 -3.69 0.84 -2.79
C GLN A 83 -2.36 0.13 -3.01
N ILE A 84 -1.80 -0.41 -1.94
CA ILE A 84 -0.44 -0.98 -1.99
C ILE A 84 -0.38 -2.29 -1.24
N SER A 85 0.33 -3.25 -1.84
CA SER A 85 0.54 -4.55 -1.19
C SER A 85 1.94 -5.04 -1.45
N LEU A 86 2.38 -5.93 -0.57
CA LEU A 86 3.66 -6.60 -0.74
C LEU A 86 3.46 -8.09 -0.58
N GLY A 87 3.93 -8.86 -1.55
CA GLY A 87 3.90 -10.31 -1.45
C GLY A 87 4.42 -11.01 -2.69
N ARG B 5 1.77 -12.21 24.01
CA ARG B 5 0.69 -13.20 23.76
C ARG B 5 -0.42 -12.53 22.94
N PRO B 6 -0.11 -12.10 21.72
CA PRO B 6 -1.08 -11.45 20.83
C PRO B 6 -2.31 -12.32 20.59
N LYS B 7 -3.46 -11.72 20.45
CA LYS B 7 -4.70 -12.53 20.22
C LYS B 7 -4.92 -12.69 18.72
N THR B 8 -5.42 -13.82 18.31
CA THR B 8 -5.66 -14.05 16.85
C THR B 8 -7.14 -13.81 16.53
N LEU B 9 -7.87 -13.24 17.46
CA LEU B 9 -9.31 -12.99 17.21
C LEU B 9 -9.49 -11.58 16.64
N PHE B 10 -9.63 -11.46 15.36
CA PHE B 10 -9.81 -10.12 14.74
C PHE B 10 -11.17 -10.04 14.05
N GLU B 11 -11.79 -8.90 14.06
CA GLU B 11 -13.12 -8.77 13.40
C GLU B 11 -13.18 -7.44 12.63
N PRO B 12 -14.10 -7.35 11.66
CA PRO B 12 -14.27 -6.13 10.85
C PRO B 12 -14.47 -4.89 11.71
N GLY B 13 -13.72 -3.85 11.48
CA GLY B 13 -13.87 -2.61 12.29
C GLY B 13 -12.92 -2.67 13.49
N GLU B 14 -12.20 -3.74 13.64
CA GLU B 14 -11.27 -3.85 14.79
C GLU B 14 -9.92 -3.20 14.44
N MET B 15 -9.37 -2.42 15.33
CA MET B 15 -8.07 -1.77 15.04
C MET B 15 -6.94 -2.76 15.24
N VAL B 16 -5.88 -2.66 14.48
CA VAL B 16 -4.74 -3.61 14.63
C VAL B 16 -3.44 -2.82 14.69
N ARG B 17 -2.33 -3.50 14.84
CA ARG B 17 -1.02 -2.78 14.90
C ARG B 17 -0.03 -3.44 13.94
N VAL B 18 0.73 -2.65 13.23
CA VAL B 18 1.71 -3.23 12.27
C VAL B 18 3.12 -3.08 12.83
N ASN B 19 3.90 -4.13 12.80
CA ASN B 19 5.29 -4.04 13.33
C ASN B 19 6.25 -4.72 12.36
N ASP B 20 5.85 -4.88 11.13
CA ASP B 20 6.74 -5.54 10.13
C ASP B 20 6.63 -4.82 8.78
N GLY B 21 7.69 -4.79 8.02
CA GLY B 21 7.64 -4.11 6.70
C GLY B 21 7.53 -2.60 6.91
N PRO B 22 7.52 -1.83 5.81
CA PRO B 22 7.44 -0.36 5.86
C PRO B 22 6.20 0.10 6.65
N PHE B 23 5.23 -0.76 6.80
CA PHE B 23 4.01 -0.36 7.56
C PHE B 23 4.23 -0.60 9.05
N ALA B 24 5.43 -0.95 9.44
CA ALA B 24 5.71 -1.20 10.88
C ALA B 24 5.57 0.12 11.65
N ASP B 25 5.17 0.05 12.90
CA ASP B 25 5.01 1.29 13.70
C ASP B 25 3.78 2.06 13.23
N PHE B 26 2.78 1.36 12.74
CA PHE B 26 1.56 2.05 12.25
C PHE B 26 0.33 1.26 12.70
N ASN B 27 -0.78 1.93 12.90
CA ASN B 27 -2.01 1.22 13.33
C ASN B 27 -3.10 1.38 12.27
N GLY B 28 -4.12 0.58 12.33
CA GLY B 28 -5.21 0.68 11.31
C GLY B 28 -6.37 -0.23 11.71
N VAL B 29 -7.36 -0.35 10.87
CA VAL B 29 -8.52 -1.23 11.20
C VAL B 29 -8.64 -2.33 10.14
N VAL B 30 -9.18 -3.46 10.51
CA VAL B 30 -9.34 -4.58 9.53
C VAL B 30 -10.74 -4.52 8.92
N GLU B 31 -10.86 -3.95 7.75
CA GLU B 31 -12.20 -3.88 7.10
C GLU B 31 -12.64 -5.28 6.68
N GLU B 32 -11.73 -6.09 6.24
CA GLU B 32 -12.10 -7.47 5.82
C GLU B 32 -11.11 -8.48 6.41
N VAL B 33 -11.54 -9.67 6.69
CA VAL B 33 -10.62 -10.69 7.26
C VAL B 33 -10.67 -11.96 6.42
N ASP B 34 -9.59 -12.70 6.36
CA ASP B 34 -9.58 -13.95 5.56
C ASP B 34 -8.90 -15.06 6.36
N TYR B 35 -9.65 -15.77 7.16
CA TYR B 35 -9.03 -16.87 7.96
C TYR B 35 -8.55 -17.99 7.02
N GLU B 36 -9.28 -18.24 5.98
CA GLU B 36 -8.86 -19.32 5.03
C GLU B 36 -7.51 -18.94 4.40
N LYS B 37 -7.37 -17.71 4.00
CA LYS B 37 -6.08 -17.29 3.37
C LYS B 37 -5.12 -16.80 4.46
N SER B 38 -5.53 -16.85 5.70
CA SER B 38 -4.64 -16.39 6.79
C SER B 38 -4.12 -14.98 6.48
N ARG B 39 -5.00 -14.07 6.17
CA ARG B 39 -4.56 -12.68 5.86
C ARG B 39 -5.61 -11.69 6.38
N LEU B 40 -5.17 -10.59 6.92
CA LEU B 40 -6.14 -9.58 7.44
C LEU B 40 -6.15 -8.36 6.52
N LYS B 41 -7.30 -7.86 6.17
CA LYS B 41 -7.37 -6.68 5.28
C LYS B 41 -7.44 -5.40 6.14
N VAL B 42 -6.31 -4.81 6.40
CA VAL B 42 -6.32 -3.56 7.23
C VAL B 42 -5.61 -2.44 6.46
N SER B 43 -6.11 -1.24 6.58
CA SER B 43 -5.47 -0.10 5.85
C SER B 43 -4.72 0.78 6.85
N VAL B 44 -3.63 1.38 6.42
CA VAL B 44 -2.86 2.24 7.35
C VAL B 44 -3.04 3.71 6.95
N SER B 45 -3.31 4.56 7.91
CA SER B 45 -3.50 6.00 7.58
C SER B 45 -2.15 6.63 7.23
N ILE B 46 -1.73 6.52 6.00
CA ILE B 46 -0.42 7.10 5.61
C ILE B 46 -0.66 8.34 4.73
N PHE B 47 0.11 9.37 4.91
CA PHE B 47 -0.07 10.60 4.10
C PHE B 47 -1.47 11.17 4.33
N GLY B 48 -2.12 10.77 5.38
CA GLY B 48 -3.48 11.28 5.66
C GLY B 48 -4.51 10.46 4.88
N ARG B 49 -4.07 9.42 4.21
CA ARG B 49 -5.02 8.58 3.43
C ARG B 49 -4.92 7.13 3.89
N ALA B 50 -6.02 6.42 3.91
CA ALA B 50 -5.97 5.00 4.36
C ALA B 50 -5.23 4.16 3.31
N THR B 51 -4.45 3.21 3.74
CA THR B 51 -3.70 2.36 2.79
C THR B 51 -4.03 0.89 3.02
N PRO B 52 -5.23 0.46 2.59
CA PRO B 52 -5.68 -0.93 2.75
C PRO B 52 -4.60 -1.93 2.33
N VAL B 53 -3.98 -2.58 3.27
CA VAL B 53 -2.92 -3.57 2.91
C VAL B 53 -3.20 -4.89 3.63
N GLU B 54 -2.73 -5.99 3.09
CA GLU B 54 -2.97 -7.31 3.74
C GLU B 54 -1.78 -7.66 4.64
N LEU B 55 -2.03 -7.90 5.90
CA LEU B 55 -0.91 -8.25 6.83
C LEU B 55 -1.24 -9.57 7.53
N ASP B 56 -0.23 -10.35 7.84
CA ASP B 56 -0.49 -11.64 8.53
C ASP B 56 -0.81 -11.38 10.00
N PHE B 57 -1.34 -12.35 10.69
CA PHE B 57 -1.67 -12.15 12.13
C PHE B 57 -0.40 -11.83 12.90
N SER B 58 0.68 -12.50 12.61
CA SER B 58 1.96 -12.23 13.33
C SER B 58 2.56 -10.94 12.82
N GLN B 59 2.27 -10.57 11.59
CA GLN B 59 2.84 -9.31 11.03
C GLN B 59 2.21 -8.11 11.74
N VAL B 60 1.02 -8.27 12.27
CA VAL B 60 0.36 -7.14 12.97
C VAL B 60 -0.09 -7.60 14.37
N GLU B 61 -0.30 -6.68 15.26
CA GLU B 61 -0.75 -7.07 16.63
C GLU B 61 -2.18 -6.56 16.87
N LYS B 62 -2.94 -7.25 17.66
CA LYS B 62 -4.34 -6.81 17.93
C LYS B 62 -4.30 -5.55 18.79
N ALA B 63 -5.11 -4.57 18.45
CA ALA B 63 -5.13 -3.31 19.25
C ALA B 63 -6.35 -3.32 20.17
N ASN A 8 11.56 -12.84 -4.25
CA ASN A 8 10.47 -13.20 -5.15
C ASN A 8 9.16 -12.48 -4.84
N GLN A 9 9.24 -11.43 -4.03
CA GLN A 9 8.07 -10.62 -3.72
C GLN A 9 8.07 -9.38 -4.58
N ARG A 10 6.87 -8.85 -4.74
CA ARG A 10 6.57 -7.75 -5.59
C ARG A 10 5.74 -6.74 -4.80
N ILE A 11 5.97 -5.44 -5.01
CA ILE A 11 5.03 -4.42 -4.53
C ILE A 11 4.09 -4.09 -5.69
N ARG A 12 2.79 -4.26 -5.49
CA ARG A 12 1.79 -3.92 -6.49
C ARG A 12 1.05 -2.69 -6.04
N ILE A 13 0.96 -1.73 -6.93
CA ILE A 13 0.31 -0.46 -6.64
C ILE A 13 -0.74 -0.14 -7.67
N ARG A 14 -1.90 0.28 -7.21
CA ARG A 14 -2.96 0.81 -8.06
C ARG A 14 -3.26 2.21 -7.60
N LEU A 15 -3.25 3.15 -8.54
CA LEU A 15 -3.56 4.55 -8.29
C LEU A 15 -4.89 4.89 -8.92
N LYS A 16 -5.63 5.76 -8.24
CA LYS A 16 -6.86 6.34 -8.80
C LYS A 16 -6.89 7.81 -8.48
N ALA A 17 -7.48 8.59 -9.37
CA ALA A 17 -7.66 10.04 -9.10
C ALA A 17 -8.68 10.58 -10.04
N PHE A 18 -9.39 11.61 -9.62
CA PHE A 18 -10.20 12.37 -10.59
C PHE A 18 -9.37 13.34 -11.42
N ASP A 19 -8.18 13.73 -10.94
CA ASP A 19 -7.32 14.70 -11.63
C ASP A 19 -6.14 13.96 -12.26
N HIS A 20 -6.08 13.92 -13.58
CA HIS A 20 -5.00 13.20 -14.27
C HIS A 20 -3.63 13.80 -13.98
N ARG A 21 -3.57 15.10 -13.73
CA ARG A 21 -2.28 15.72 -13.44
C ARG A 21 -1.72 15.17 -12.14
N LEU A 22 -2.59 15.00 -11.14
CA LEU A 22 -2.15 14.46 -9.85
C LEU A 22 -1.74 13.00 -10.01
N ILE A 23 -2.47 12.23 -10.80
CA ILE A 23 -2.17 10.80 -10.89
C ILE A 23 -0.83 10.60 -11.60
N ASP A 24 -0.54 11.40 -12.62
CA ASP A 24 0.73 11.21 -13.34
C ASP A 24 1.90 11.69 -12.52
N GLN A 25 1.71 12.74 -11.72
CA GLN A 25 2.76 13.19 -10.81
C GLN A 25 3.04 12.13 -9.73
N ALA A 26 1.99 11.53 -9.14
CA ALA A 26 2.19 10.54 -8.10
C ALA A 26 2.89 9.34 -8.72
N THR A 27 2.49 8.94 -9.92
CA THR A 27 3.10 7.80 -10.60
C THR A 27 4.58 8.05 -10.81
N ALA A 28 4.93 9.24 -11.30
CA ALA A 28 6.32 9.59 -11.51
C ALA A 28 7.12 9.55 -10.21
N GLU A 29 6.53 10.04 -9.13
CA GLU A 29 7.20 10.05 -7.83
C GLU A 29 7.47 8.64 -7.32
N ILE A 30 6.52 7.74 -7.49
CA ILE A 30 6.66 6.36 -7.08
C ILE A 30 7.76 5.68 -7.91
N VAL A 31 7.75 5.88 -9.23
CA VAL A 31 8.79 5.33 -10.09
C VAL A 31 10.17 5.80 -9.65
N GLU A 32 10.32 7.11 -9.43
CA GLU A 32 11.60 7.68 -9.09
C GLU A 32 12.06 7.13 -7.75
N THR A 33 11.16 7.03 -6.79
CA THR A 33 11.51 6.53 -5.46
C THR A 33 12.01 5.10 -5.56
N ALA A 34 11.33 4.29 -6.34
CA ALA A 34 11.71 2.89 -6.50
C ALA A 34 13.08 2.75 -7.15
N LYS A 35 13.28 3.45 -8.26
CA LYS A 35 14.52 3.32 -9.01
C LYS A 35 15.73 3.84 -8.21
N ARG A 36 15.56 4.89 -7.41
CA ARG A 36 16.68 5.46 -6.61
C ARG A 36 17.07 4.60 -5.42
N THR A 37 16.27 3.56 -5.27
CA THR A 37 16.15 2.65 -4.18
C THR A 37 16.88 1.38 -4.51
N GLY A 38 17.25 1.22 -5.78
CA GLY A 38 17.86 -0.02 -6.26
C GLY A 38 16.86 -1.10 -6.70
N ALA A 39 15.59 -0.71 -6.81
CA ALA A 39 14.49 -1.61 -7.23
C ALA A 39 14.16 -1.37 -8.68
N GLN A 40 13.39 -2.28 -9.27
CA GLN A 40 13.01 -2.16 -10.67
C GLN A 40 11.52 -1.91 -10.76
N VAL A 41 11.11 -1.25 -11.82
CA VAL A 41 9.74 -0.88 -12.03
C VAL A 41 9.18 -1.70 -13.18
N ARG A 42 7.95 -2.18 -13.04
CA ARG A 42 7.18 -2.74 -14.14
C ARG A 42 5.98 -1.85 -14.34
N GLY A 43 5.66 -1.56 -15.59
CA GLY A 43 4.74 -0.49 -15.91
C GLY A 43 5.49 0.81 -15.72
N PRO A 44 4.80 1.88 -15.33
CA PRO A 44 3.38 1.96 -15.01
C PRO A 44 2.56 1.92 -16.26
N ILE A 45 1.34 1.44 -16.13
CA ILE A 45 0.41 1.52 -17.26
C ILE A 45 -0.87 2.25 -16.90
N PRO A 46 -1.46 2.94 -17.86
CA PRO A 46 -2.78 3.51 -17.66
C PRO A 46 -3.85 2.50 -18.04
N LEU A 47 -4.95 2.51 -17.32
CA LEU A 47 -6.12 1.73 -17.71
C LEU A 47 -7.15 2.68 -18.29
N PRO A 48 -8.15 2.17 -19.04
CA PRO A 48 -9.21 3.09 -19.49
C PRO A 48 -9.88 3.79 -18.32
N THR A 49 -10.15 5.08 -18.47
CA THR A 49 -10.83 5.87 -17.46
C THR A 49 -12.26 5.37 -17.23
N ARG A 50 -12.65 5.25 -15.96
CA ARG A 50 -13.94 4.65 -15.58
C ARG A 50 -14.61 5.61 -14.65
N SER A 51 -15.85 5.98 -14.96
CA SER A 51 -16.60 6.92 -14.11
C SER A 51 -15.79 8.15 -13.75
N ARG A 52 -15.17 8.74 -14.77
CA ARG A 52 -14.35 9.98 -14.68
C ARG A 52 -13.14 9.82 -13.77
N THR A 53 -12.76 8.58 -13.50
CA THR A 53 -11.64 8.27 -12.62
C THR A 53 -10.51 7.73 -13.45
N HIS A 54 -9.37 8.36 -13.32
CA HIS A 54 -8.14 7.90 -13.95
C HIS A 54 -7.52 6.80 -13.12
N LEU A 55 -6.88 5.84 -13.78
CA LEU A 55 -6.39 4.66 -13.16
C LEU A 55 -5.00 4.36 -13.69
N ARG A 56 -4.10 4.00 -12.79
CA ARG A 56 -2.75 3.56 -13.17
C ARG A 56 -2.38 2.34 -12.35
N LEU A 57 -1.57 1.47 -12.94
CA LEU A 57 -0.99 0.32 -12.26
C LEU A 57 0.50 0.39 -12.35
N VAL A 58 1.21 0.09 -11.27
CA VAL A 58 2.65 0.01 -11.34
C VAL A 58 3.11 -1.02 -10.33
N ASP A 59 4.17 -1.75 -10.66
CA ASP A 59 4.73 -2.71 -9.72
C ASP A 59 6.19 -2.42 -9.52
N ILE A 60 6.67 -2.83 -8.36
CA ILE A 60 8.08 -2.70 -8.01
C ILE A 60 8.63 -4.09 -7.75
N VAL A 61 9.59 -4.52 -8.56
CA VAL A 61 10.21 -5.82 -8.32
C VAL A 61 11.56 -5.65 -7.66
N GLU A 62 12.01 -6.73 -7.07
CA GLU A 62 13.23 -6.75 -6.23
C GLU A 62 13.24 -5.54 -5.27
N PRO A 63 12.15 -5.33 -4.54
CA PRO A 63 12.21 -4.26 -3.54
C PRO A 63 13.19 -4.60 -2.41
N THR A 64 13.82 -3.55 -1.89
CA THR A 64 14.71 -3.66 -0.73
C THR A 64 14.05 -2.98 0.47
N GLU A 65 14.66 -3.14 1.63
CA GLU A 65 14.24 -2.38 2.82
C GLU A 65 14.32 -0.88 2.53
N LYS A 66 15.37 -0.43 1.87
CA LYS A 66 15.48 1.02 1.49
C LYS A 66 14.29 1.47 0.58
N THR A 67 13.83 0.61 -0.34
CA THR A 67 12.63 0.88 -1.16
C THR A 67 11.40 1.10 -0.32
N VAL A 68 11.14 0.18 0.61
CA VAL A 68 9.95 0.26 1.46
C VAL A 68 10.02 1.52 2.30
N ASP A 69 11.18 1.81 2.87
CA ASP A 69 11.35 3.00 3.68
C ASP A 69 11.16 4.29 2.88
N ALA A 70 11.66 4.30 1.66
CA ALA A 70 11.50 5.46 0.79
C ALA A 70 10.05 5.67 0.39
N LEU A 71 9.32 4.58 0.15
CA LEU A 71 7.91 4.69 -0.17
C LEU A 71 7.10 5.21 1.02
N MET A 72 7.45 4.77 2.21
CA MET A 72 6.73 5.24 3.38
C MET A 72 6.97 6.75 3.55
N ARG A 73 8.21 7.20 3.35
CA ARG A 73 8.55 8.61 3.53
C ARG A 73 7.88 9.50 2.51
N LEU A 74 7.68 8.96 1.30
CA LEU A 74 7.10 9.75 0.21
C LEU A 74 5.74 10.27 0.61
N ASP A 75 5.52 11.57 0.45
CA ASP A 75 4.21 12.20 0.69
C ASP A 75 3.39 12.30 -0.57
N LEU A 76 2.35 11.49 -0.67
CA LEU A 76 1.54 11.47 -1.87
C LEU A 76 0.43 12.54 -1.75
N ALA A 77 0.24 13.31 -2.82
CA ALA A 77 -0.70 14.44 -2.85
C ALA A 77 -2.08 14.05 -2.42
N ALA A 78 -2.76 14.98 -1.79
CA ALA A 78 -4.19 14.85 -1.61
C ALA A 78 -4.83 14.69 -2.98
N GLY A 79 -5.83 13.83 -3.05
CA GLY A 79 -6.59 13.64 -4.25
C GLY A 79 -6.14 12.45 -5.07
N VAL A 80 -5.18 11.69 -4.58
CA VAL A 80 -4.80 10.43 -5.26
C VAL A 80 -4.96 9.29 -4.27
N ASP A 81 -5.64 8.24 -4.69
CA ASP A 81 -5.79 7.05 -3.89
C ASP A 81 -4.77 6.01 -4.31
N VAL A 82 -4.05 5.48 -3.34
CA VAL A 82 -3.06 4.46 -3.63
C VAL A 82 -3.35 3.21 -2.85
N GLN A 83 -3.58 2.10 -3.54
CA GLN A 83 -3.72 0.77 -2.95
C GLN A 83 -2.39 0.07 -3.17
N ILE A 84 -1.85 -0.51 -2.11
CA ILE A 84 -0.48 -1.07 -2.15
C ILE A 84 -0.42 -2.39 -1.43
N SER A 85 0.28 -3.34 -2.03
CA SER A 85 0.47 -4.66 -1.40
C SER A 85 1.88 -5.14 -1.66
N LEU A 86 2.32 -6.04 -0.80
CA LEU A 86 3.60 -6.71 -0.96
C LEU A 86 3.40 -8.20 -0.83
N GLY A 87 3.87 -8.95 -1.81
CA GLY A 87 3.84 -10.42 -1.73
C GLY A 87 4.38 -11.09 -2.98
N ARG B 5 1.91 -12.00 24.13
CA ARG B 5 0.83 -13.00 23.89
C ARG B 5 -0.30 -12.36 23.08
N PRO B 6 0.01 -11.94 21.84
CA PRO B 6 -0.97 -11.30 20.96
C PRO B 6 -2.20 -12.19 20.74
N LYS B 7 -3.35 -11.61 20.60
CA LYS B 7 -4.59 -12.42 20.38
C LYS B 7 -4.81 -12.61 18.88
N THR B 8 -5.30 -13.76 18.48
CA THR B 8 -5.54 -13.99 17.03
C THR B 8 -7.02 -13.78 16.71
N LEU B 9 -7.76 -13.21 17.64
CA LEU B 9 -9.21 -12.97 17.39
C LEU B 9 -9.41 -11.57 16.82
N PHE B 10 -9.55 -11.46 15.52
CA PHE B 10 -9.75 -10.13 14.90
C PHE B 10 -11.11 -10.07 14.21
N GLU B 11 -11.75 -8.94 14.21
CA GLU B 11 -13.07 -8.82 13.56
C GLU B 11 -13.16 -7.51 12.79
N PRO B 12 -14.08 -7.43 11.81
CA PRO B 12 -14.26 -6.23 10.99
C PRO B 12 -14.48 -4.99 11.84
N GLY B 13 -13.74 -3.95 11.58
CA GLY B 13 -13.90 -2.69 12.38
C GLY B 13 -12.95 -2.73 13.58
N GLU B 14 -12.20 -3.79 13.74
CA GLU B 14 -11.27 -3.88 14.89
C GLU B 14 -9.94 -3.23 14.52
N MET B 15 -9.39 -2.43 15.40
CA MET B 15 -8.09 -1.76 15.09
C MET B 15 -6.95 -2.75 15.30
N VAL B 16 -5.90 -2.63 14.54
CA VAL B 16 -4.75 -3.57 14.69
C VAL B 16 -3.45 -2.77 14.74
N ARG B 17 -2.34 -3.43 14.89
CA ARG B 17 -1.03 -2.70 14.94
C ARG B 17 -0.05 -3.35 13.97
N VAL B 18 0.70 -2.56 13.25
CA VAL B 18 1.69 -3.15 12.29
C VAL B 18 3.10 -2.98 12.84
N ASN B 19 3.88 -4.02 12.82
CA ASN B 19 5.28 -3.91 13.35
C ASN B 19 6.25 -4.60 12.37
N ASP B 20 5.84 -4.78 11.14
CA ASP B 20 6.74 -5.43 10.16
C ASP B 20 6.60 -4.73 8.80
N GLY B 21 7.66 -4.69 8.03
CA GLY B 21 7.59 -4.03 6.71
C GLY B 21 7.47 -2.51 6.89
N PRO B 22 7.46 -1.76 5.79
CA PRO B 22 7.35 -0.29 5.83
C PRO B 22 6.12 0.16 6.62
N PHE B 23 5.16 -0.70 6.78
CA PHE B 23 3.93 -0.32 7.54
C PHE B 23 4.17 -0.53 9.04
N ALA B 24 5.37 -0.86 9.42
CA ALA B 24 5.66 -1.10 10.86
C ALA B 24 5.52 0.23 11.62
N ASP B 25 5.11 0.17 12.86
CA ASP B 25 4.96 1.42 13.66
C ASP B 25 3.71 2.17 13.18
N PHE B 26 2.72 1.45 12.70
CA PHE B 26 1.48 2.13 12.22
C PHE B 26 0.25 1.33 12.69
N ASN B 27 -0.85 1.99 12.88
CA ASN B 27 -2.07 1.27 13.33
C ASN B 27 -3.17 1.41 12.27
N GLY B 28 -4.18 0.59 12.33
CA GLY B 28 -5.28 0.68 11.32
C GLY B 28 -6.43 -0.24 11.74
N VAL B 29 -7.42 -0.38 10.91
CA VAL B 29 -8.57 -1.27 11.26
C VAL B 29 -8.69 -2.38 10.21
N VAL B 30 -9.21 -3.51 10.60
CA VAL B 30 -9.35 -4.64 9.62
C VAL B 30 -10.76 -4.61 9.02
N GLU B 31 -10.89 -4.06 7.84
CA GLU B 31 -12.24 -4.00 7.20
C GLU B 31 -12.67 -5.41 6.80
N GLU B 32 -11.76 -6.22 6.36
CA GLU B 32 -12.11 -7.61 5.97
C GLU B 32 -11.10 -8.60 6.55
N VAL B 33 -11.53 -9.80 6.84
CA VAL B 33 -10.59 -10.80 7.43
C VAL B 33 -10.63 -12.08 6.60
N ASP B 34 -9.55 -12.80 6.55
CA ASP B 34 -9.53 -14.06 5.76
C ASP B 34 -8.82 -15.16 6.57
N TYR B 35 -9.56 -15.87 7.38
CA TYR B 35 -8.94 -16.95 8.19
C TYR B 35 -8.44 -18.07 7.27
N GLU B 36 -9.17 -18.35 6.22
CA GLU B 36 -8.75 -19.42 5.28
C GLU B 36 -7.41 -19.04 4.64
N LYS B 37 -7.28 -17.82 4.22
CA LYS B 37 -6.00 -17.39 3.59
C LYS B 37 -5.04 -16.88 4.67
N SER B 38 -5.45 -16.91 5.91
CA SER B 38 -4.55 -16.43 7.00
C SER B 38 -4.04 -15.03 6.66
N ARG B 39 -4.95 -14.13 6.36
CA ARG B 39 -4.52 -12.74 6.02
C ARG B 39 -5.57 -11.75 6.53
N LEU B 40 -5.14 -10.63 7.06
CA LEU B 40 -6.12 -9.63 7.57
C LEU B 40 -6.14 -8.42 6.63
N LYS B 41 -7.31 -7.95 6.30
CA LYS B 41 -7.40 -6.77 5.39
C LYS B 41 -7.47 -5.49 6.22
N VAL B 42 -6.35 -4.87 6.49
CA VAL B 42 -6.36 -3.62 7.31
C VAL B 42 -5.68 -2.50 6.52
N SER B 43 -6.19 -1.30 6.61
CA SER B 43 -5.56 -0.17 5.88
C SER B 43 -4.81 0.73 6.87
N VAL B 44 -3.74 1.33 6.43
CA VAL B 44 -2.96 2.23 7.34
C VAL B 44 -3.17 3.68 6.92
N SER B 45 -3.44 4.54 7.87
CA SER B 45 -3.65 5.98 7.53
C SER B 45 -2.30 6.61 7.16
N ILE B 46 -1.89 6.49 5.94
CA ILE B 46 -0.58 7.08 5.52
C ILE B 46 -0.84 8.31 4.64
N PHE B 47 -0.07 9.35 4.81
CA PHE B 47 -0.28 10.58 3.98
C PHE B 47 -1.68 11.12 4.20
N GLY B 48 -2.32 10.72 5.28
CA GLY B 48 -3.69 11.23 5.56
C GLY B 48 -4.71 10.38 4.78
N ARG B 49 -4.27 9.35 4.13
CA ARG B 49 -5.22 8.50 3.36
C ARG B 49 -5.09 7.04 3.84
N ALA B 50 -6.18 6.32 3.87
CA ALA B 50 -6.12 4.91 4.33
C ALA B 50 -5.38 4.07 3.29
N THR B 51 -4.58 3.13 3.73
CA THR B 51 -3.82 2.28 2.77
C THR B 51 -4.15 0.81 3.04
N PRO B 52 -5.34 0.35 2.60
CA PRO B 52 -5.78 -1.04 2.79
C PRO B 52 -4.69 -2.03 2.37
N VAL B 53 -4.05 -2.66 3.31
CA VAL B 53 -2.98 -3.64 2.96
C VAL B 53 -3.26 -4.97 3.70
N GLU B 54 -2.76 -6.05 3.17
CA GLU B 54 -2.99 -7.37 3.83
C GLU B 54 -1.79 -7.70 4.73
N LEU B 55 -2.03 -7.93 5.99
CA LEU B 55 -0.91 -8.26 6.91
C LEU B 55 -1.22 -9.58 7.64
N ASP B 56 -0.21 -10.34 7.95
CA ASP B 56 -0.44 -11.63 8.65
C ASP B 56 -0.76 -11.35 10.13
N PHE B 57 -1.28 -12.32 10.83
CA PHE B 57 -1.61 -12.11 12.27
C PHE B 57 -0.33 -11.76 13.04
N SER B 58 0.75 -12.43 12.74
CA SER B 58 2.03 -12.14 13.45
C SER B 58 2.62 -10.83 12.91
N GLN B 59 2.32 -10.50 11.69
CA GLN B 59 2.87 -9.24 11.12
C GLN B 59 2.24 -8.03 11.82
N VAL B 60 1.06 -8.20 12.35
CA VAL B 60 0.38 -7.07 13.04
C VAL B 60 -0.06 -7.52 14.44
N GLU B 61 -0.27 -6.59 15.34
CA GLU B 61 -0.71 -6.97 16.71
C GLU B 61 -2.13 -6.47 16.95
N LYS B 62 -2.89 -7.17 17.75
CA LYS B 62 -4.29 -6.74 18.02
C LYS B 62 -4.27 -5.46 18.87
N ALA B 63 -5.09 -4.50 18.52
CA ALA B 63 -5.11 -3.23 19.31
C ALA B 63 -6.33 -3.23 20.24
N ASN A 8 10.43 -12.96 -2.82
CA ASN A 8 9.26 -13.31 -3.61
C ASN A 8 8.03 -12.47 -3.30
N GLN A 9 8.23 -11.35 -2.60
CA GLN A 9 7.14 -10.43 -2.33
C GLN A 9 7.18 -9.28 -3.30
N ARG A 10 6.01 -8.68 -3.44
CA ARG A 10 5.74 -7.65 -4.40
C ARG A 10 5.03 -6.50 -3.66
N ILE A 11 5.34 -5.26 -4.01
CA ILE A 11 4.51 -4.12 -3.58
C ILE A 11 3.53 -3.83 -4.73
N ARG A 12 2.23 -3.88 -4.44
CA ARG A 12 1.21 -3.57 -5.41
C ARG A 12 0.58 -2.25 -5.05
N ILE A 13 0.51 -1.37 -6.02
CA ILE A 13 -0.02 -0.03 -5.82
C ILE A 13 -1.12 0.26 -6.83
N ARG A 14 -2.21 0.83 -6.35
CA ARG A 14 -3.29 1.35 -7.19
C ARG A 14 -3.45 2.82 -6.85
N LEU A 15 -3.44 3.64 -7.89
CA LEU A 15 -3.63 5.08 -7.76
C LEU A 15 -4.96 5.46 -8.36
N LYS A 16 -5.59 6.45 -7.72
CA LYS A 16 -6.81 7.07 -8.26
C LYS A 16 -6.72 8.56 -8.10
N ALA A 17 -7.30 9.29 -9.04
CA ALA A 17 -7.36 10.77 -8.90
C ALA A 17 -8.40 11.28 -9.84
N PHE A 18 -9.00 12.41 -9.49
CA PHE A 18 -9.81 13.14 -10.48
C PHE A 18 -8.97 13.96 -11.45
N ASP A 19 -7.74 14.29 -11.09
CA ASP A 19 -6.84 15.11 -11.91
C ASP A 19 -5.76 14.23 -12.53
N HIS A 20 -5.80 14.05 -13.85
CA HIS A 20 -4.82 13.18 -14.51
C HIS A 20 -3.39 13.71 -14.36
N ARG A 21 -3.22 15.01 -14.26
CA ARG A 21 -1.88 15.56 -14.10
C ARG A 21 -1.27 15.09 -12.78
N LEU A 22 -2.09 15.10 -11.73
CA LEU A 22 -1.61 14.66 -10.42
C LEU A 22 -1.31 13.16 -10.45
N ILE A 23 -2.15 12.36 -11.11
CA ILE A 23 -1.96 10.92 -11.07
C ILE A 23 -0.69 10.54 -11.83
N ASP A 24 -0.40 11.21 -12.94
CA ASP A 24 0.81 10.86 -13.71
C ASP A 24 2.05 11.33 -13.01
N GLN A 25 1.99 12.46 -12.31
CA GLN A 25 3.12 12.91 -11.51
C GLN A 25 3.41 11.95 -10.34
N ALA A 26 2.36 11.49 -9.65
CA ALA A 26 2.54 10.59 -8.52
C ALA A 26 3.10 9.28 -9.04
N THR A 27 2.61 8.80 -10.17
CA THR A 27 3.09 7.56 -10.77
C THR A 27 4.56 7.67 -11.09
N ALA A 28 4.97 8.78 -11.72
CA ALA A 28 6.37 9.00 -12.03
C ALA A 28 7.24 9.02 -10.78
N GLU A 29 6.76 9.66 -9.73
CA GLU A 29 7.51 9.74 -8.48
C GLU A 29 7.71 8.37 -7.84
N ILE A 30 6.68 7.54 -7.87
CA ILE A 30 6.75 6.19 -7.33
C ILE A 30 7.75 5.36 -8.13
N VAL A 31 7.67 5.43 -9.47
CA VAL A 31 8.61 4.72 -10.32
C VAL A 31 10.05 5.12 -10.02
N GLU A 32 10.30 6.43 -9.95
CA GLU A 32 11.65 6.92 -9.74
C GLU A 32 12.15 6.46 -8.38
N THR A 33 11.30 6.54 -7.37
CA THR A 33 11.69 6.16 -6.01
C THR A 33 12.08 4.68 -5.98
N ALA A 34 11.31 3.85 -6.64
CA ALA A 34 11.56 2.42 -6.67
C ALA A 34 12.88 2.10 -7.38
N LYS A 35 13.06 2.67 -8.57
CA LYS A 35 14.24 2.38 -9.37
C LYS A 35 15.53 2.88 -8.70
N ARG A 36 15.49 4.00 -7.99
CA ARG A 36 16.69 4.56 -7.32
C ARG A 36 17.09 3.80 -6.08
N THR A 37 16.23 2.85 -5.78
CA THR A 37 16.11 2.07 -4.60
C THR A 37 16.73 0.70 -4.83
N GLY A 38 17.01 0.40 -6.10
CA GLY A 38 17.49 -0.93 -6.49
C GLY A 38 16.39 -1.96 -6.74
N ALA A 39 15.14 -1.49 -6.84
CA ALA A 39 13.97 -2.34 -7.10
C ALA A 39 13.56 -2.22 -8.54
N GLN A 40 12.69 -3.11 -8.98
CA GLN A 40 12.24 -3.10 -10.37
C GLN A 40 10.77 -2.74 -10.40
N VAL A 41 10.34 -2.16 -11.51
CA VAL A 41 8.98 -1.72 -11.67
C VAL A 41 8.29 -2.60 -12.70
N ARG A 42 7.05 -2.96 -12.44
CA ARG A 42 6.16 -3.57 -13.42
C ARG A 42 5.02 -2.62 -13.65
N GLY A 43 4.64 -2.42 -14.90
CA GLY A 43 3.79 -1.32 -15.28
C GLY A 43 4.64 -0.06 -15.27
N PRO A 44 4.06 1.08 -14.94
CA PRO A 44 2.67 1.31 -14.56
C PRO A 44 1.76 1.21 -15.75
N ILE A 45 0.52 0.85 -15.52
CA ILE A 45 -0.46 0.89 -16.58
C ILE A 45 -1.66 1.75 -16.23
N PRO A 46 -2.26 2.38 -17.22
CA PRO A 46 -3.53 3.07 -17.01
C PRO A 46 -4.68 2.11 -17.23
N LEU A 47 -5.73 2.28 -16.45
CA LEU A 47 -6.99 1.55 -16.68
C LEU A 47 -7.98 2.52 -17.30
N PRO A 48 -9.05 2.02 -17.93
CA PRO A 48 -10.07 2.98 -18.42
C PRO A 48 -10.60 3.84 -17.29
N THR A 49 -10.79 5.12 -17.56
CA THR A 49 -11.36 6.07 -16.60
C THR A 49 -12.80 5.69 -16.24
N ARG A 50 -13.11 5.74 -14.94
CA ARG A 50 -14.41 5.28 -14.43
C ARG A 50 -14.96 6.38 -13.57
N SER A 51 -16.18 6.82 -13.85
CA SER A 51 -16.81 7.88 -13.05
C SER A 51 -15.88 9.07 -12.88
N ARG A 52 -15.29 9.51 -13.99
CA ARG A 52 -14.38 10.68 -14.06
C ARG A 52 -13.13 10.53 -13.22
N THR A 53 -12.82 9.29 -12.84
CA THR A 53 -11.67 8.98 -11.99
C THR A 53 -10.65 8.28 -12.83
N HIS A 54 -9.45 8.83 -12.83
CA HIS A 54 -8.30 8.20 -13.47
C HIS A 54 -7.71 7.16 -12.57
N LEU A 55 -7.19 6.08 -13.17
CA LEU A 55 -6.74 4.93 -12.45
C LEU A 55 -5.42 4.47 -13.03
N ARG A 56 -4.48 4.14 -12.15
CA ARG A 56 -3.19 3.56 -12.55
C ARG A 56 -2.86 2.41 -11.65
N LEU A 57 -2.17 1.42 -12.19
CA LEU A 57 -1.62 0.29 -11.41
C LEU A 57 -0.13 0.24 -11.60
N VAL A 58 0.60 0.00 -10.54
CA VAL A 58 2.03 -0.20 -10.67
C VAL A 58 2.48 -1.16 -9.59
N ASP A 59 3.45 -2.01 -9.91
CA ASP A 59 4.01 -2.91 -8.90
C ASP A 59 5.50 -2.72 -8.82
N ILE A 60 6.02 -3.05 -7.65
CA ILE A 60 7.46 -3.00 -7.40
C ILE A 60 7.92 -4.40 -7.03
N VAL A 61 8.79 -4.96 -7.84
CA VAL A 61 9.33 -6.28 -7.51
C VAL A 61 10.73 -6.15 -6.94
N GLU A 62 11.14 -7.21 -6.27
CA GLU A 62 12.40 -7.24 -5.50
C GLU A 62 12.56 -5.96 -4.68
N PRO A 63 11.54 -5.59 -3.90
CA PRO A 63 11.73 -4.43 -3.03
C PRO A 63 12.77 -4.73 -1.93
N THR A 64 13.50 -3.69 -1.55
CA THR A 64 14.44 -3.75 -0.44
C THR A 64 13.92 -2.90 0.71
N GLU A 65 14.59 -2.99 1.86
CA GLU A 65 14.30 -2.10 2.98
C GLU A 65 14.46 -0.64 2.54
N LYS A 66 15.50 -0.34 1.77
CA LYS A 66 15.70 1.05 1.24
C LYS A 66 14.48 1.50 0.35
N THR A 67 13.91 0.59 -0.44
CA THR A 67 12.68 0.88 -1.22
C THR A 67 11.53 1.27 -0.33
N VAL A 68 11.26 0.48 0.69
CA VAL A 68 10.13 0.72 1.60
C VAL A 68 10.34 2.06 2.30
N ASP A 69 11.56 2.31 2.77
CA ASP A 69 11.86 3.55 3.45
C ASP A 69 11.72 4.77 2.53
N ALA A 70 12.13 4.62 1.28
CA ALA A 70 12.02 5.70 0.31
C ALA A 70 10.55 5.98 -0.02
N LEU A 71 9.73 4.93 -0.11
CA LEU A 71 8.32 5.12 -0.35
C LEU A 71 7.62 5.82 0.81
N MET A 72 8.02 5.48 2.03
CA MET A 72 7.42 6.12 3.18
C MET A 72 7.77 7.60 3.17
N ARG A 73 9.02 7.93 2.86
CA ARG A 73 9.48 9.32 2.88
C ARG A 73 8.81 10.16 1.80
N LEU A 74 8.49 9.53 0.67
CA LEU A 74 7.90 10.24 -0.46
C LEU A 74 6.60 10.91 -0.04
N ASP A 75 6.49 12.20 -0.31
CA ASP A 75 5.23 12.94 -0.07
C ASP A 75 4.35 12.99 -1.28
N LEU A 76 3.24 12.25 -1.25
CA LEU A 76 2.36 12.19 -2.39
C LEU A 76 1.35 13.34 -2.31
N ALA A 77 1.14 14.01 -3.45
CA ALA A 77 0.29 15.20 -3.54
C ALA A 77 -1.08 14.96 -3.01
N ALA A 78 -1.66 16.01 -2.42
CA ALA A 78 -3.08 16.01 -2.15
C ALA A 78 -3.83 15.77 -3.47
N GLY A 79 -4.88 14.99 -3.38
CA GLY A 79 -5.73 14.73 -4.51
C GLY A 79 -5.42 13.44 -5.24
N VAL A 80 -4.48 12.65 -4.73
CA VAL A 80 -4.24 11.31 -5.30
C VAL A 80 -4.43 10.29 -4.18
N ASP A 81 -5.20 9.26 -4.45
CA ASP A 81 -5.39 8.17 -3.52
C ASP A 81 -4.47 7.03 -3.89
N VAL A 82 -3.74 6.53 -2.92
CA VAL A 82 -2.84 5.42 -3.16
C VAL A 82 -3.16 4.27 -2.23
N GLN A 83 -3.52 3.13 -2.80
CA GLN A 83 -3.71 1.87 -2.07
C GLN A 83 -2.46 1.04 -2.29
N ILE A 84 -1.89 0.54 -1.20
CA ILE A 84 -0.58 -0.13 -1.27
C ILE A 84 -0.57 -1.38 -0.42
N SER A 85 0.03 -2.43 -0.95
CA SER A 85 0.17 -3.69 -0.21
C SER A 85 1.52 -4.31 -0.49
N LEU A 86 1.95 -5.14 0.43
CA LEU A 86 3.16 -5.93 0.27
C LEU A 86 2.86 -7.37 0.56
N GLY A 87 3.21 -8.26 -0.36
CA GLY A 87 3.07 -9.71 -0.12
C GLY A 87 3.48 -10.53 -1.33
N ARG B 5 1.28 -11.65 24.33
CA ARG B 5 0.32 -12.74 24.01
C ARG B 5 -0.78 -12.19 23.09
N PRO B 6 -0.40 -11.74 21.88
CA PRO B 6 -1.34 -11.19 20.90
C PRO B 6 -2.47 -12.18 20.58
N LYS B 7 -3.65 -11.69 20.32
CA LYS B 7 -4.78 -12.60 20.00
C LYS B 7 -4.85 -12.81 18.48
N THR B 8 -5.20 -13.99 18.06
CA THR B 8 -5.29 -14.26 16.59
C THR B 8 -6.75 -14.16 16.14
N LEU B 9 -7.62 -13.65 16.98
CA LEU B 9 -9.05 -13.54 16.60
C LEU B 9 -9.31 -12.15 15.99
N PHE B 10 -9.33 -12.07 14.70
CA PHE B 10 -9.58 -10.75 14.04
C PHE B 10 -10.87 -10.82 13.23
N GLU B 11 -11.59 -9.73 13.16
CA GLU B 11 -12.86 -9.73 12.39
C GLU B 11 -12.98 -8.42 11.60
N PRO B 12 -13.81 -8.42 10.55
CA PRO B 12 -14.02 -7.24 9.70
C PRO B 12 -14.41 -6.02 10.52
N GLY B 13 -13.74 -4.91 10.32
CA GLY B 13 -14.07 -3.68 11.09
C GLY B 13 -13.24 -3.64 12.38
N GLU B 14 -12.43 -4.64 12.60
CA GLU B 14 -11.60 -4.65 13.84
C GLU B 14 -10.30 -3.88 13.58
N MET B 15 -9.89 -3.05 14.50
CA MET B 15 -8.64 -2.27 14.32
C MET B 15 -7.44 -3.16 14.64
N VAL B 16 -6.34 -2.96 13.96
CA VAL B 16 -5.13 -3.80 14.24
C VAL B 16 -3.91 -2.90 14.40
N ARG B 17 -2.78 -3.47 14.66
CA ARG B 17 -1.55 -2.63 14.82
C ARG B 17 -0.42 -3.20 13.96
N VAL B 18 0.33 -2.35 13.30
CA VAL B 18 1.44 -2.86 12.45
C VAL B 18 2.78 -2.58 13.13
N ASN B 19 3.65 -3.55 13.18
CA ASN B 19 4.97 -3.33 13.83
C ASN B 19 6.07 -3.93 12.96
N ASP B 20 5.80 -4.13 11.70
CA ASP B 20 6.84 -4.72 10.81
C ASP B 20 6.77 -4.04 9.44
N GLY B 21 7.89 -3.91 8.77
CA GLY B 21 7.88 -3.26 7.43
C GLY B 21 7.63 -1.75 7.60
N PRO B 22 7.66 -1.01 6.49
CA PRO B 22 7.43 0.44 6.51
C PRO B 22 6.10 0.80 7.17
N PHE B 23 5.19 -0.14 7.26
CA PHE B 23 3.88 0.15 7.89
C PHE B 23 3.99 -0.06 9.41
N ALA B 24 5.17 -0.28 9.90
CA ALA B 24 5.34 -0.49 11.36
C ALA B 24 5.02 0.82 12.10
N ASP B 25 4.51 0.73 13.30
CA ASP B 25 4.18 1.96 14.07
C ASP B 25 2.93 2.60 13.47
N PHE B 26 2.05 1.82 12.90
CA PHE B 26 0.81 2.38 12.31
C PHE B 26 -0.38 1.49 12.66
N ASN B 27 -1.55 2.05 12.75
CA ASN B 27 -2.76 1.24 13.09
C ASN B 27 -3.75 1.29 11.92
N GLY B 28 -4.70 0.40 11.91
CA GLY B 28 -5.70 0.38 10.80
C GLY B 28 -6.80 -0.63 11.11
N VAL B 29 -7.69 -0.85 10.20
CA VAL B 29 -8.80 -1.82 10.44
C VAL B 29 -8.74 -2.95 9.41
N VAL B 30 -9.19 -4.12 9.76
CA VAL B 30 -9.15 -5.25 8.78
C VAL B 30 -10.49 -5.33 8.04
N GLU B 31 -10.56 -4.80 6.85
CA GLU B 31 -11.83 -4.85 6.09
C GLU B 31 -12.12 -6.30 5.67
N GLU B 32 -11.09 -7.03 5.33
CA GLU B 32 -11.30 -8.45 4.90
C GLU B 32 -10.27 -9.34 5.59
N VAL B 33 -10.62 -10.57 5.86
CA VAL B 33 -9.67 -11.49 6.53
C VAL B 33 -9.53 -12.78 5.72
N ASP B 34 -8.38 -13.41 5.77
CA ASP B 34 -8.19 -14.67 5.00
C ASP B 34 -7.48 -15.70 5.88
N TYR B 35 -8.23 -16.47 6.62
CA TYR B 35 -7.59 -17.49 7.50
C TYR B 35 -6.93 -18.56 6.64
N GLU B 36 -7.53 -18.91 5.53
CA GLU B 36 -6.94 -19.94 4.64
C GLU B 36 -5.59 -19.46 4.13
N LYS B 37 -5.52 -18.22 3.71
CA LYS B 37 -4.22 -17.69 3.19
C LYS B 37 -3.40 -17.11 4.35
N SER B 38 -3.93 -17.17 5.55
CA SER B 38 -3.18 -16.61 6.71
C SER B 38 -2.76 -15.17 6.42
N ARG B 39 -3.69 -14.35 6.02
CA ARG B 39 -3.36 -12.93 5.71
C ARG B 39 -4.53 -12.04 6.11
N LEU B 40 -4.24 -10.89 6.67
CA LEU B 40 -5.34 -9.97 7.07
C LEU B 40 -5.37 -8.76 6.14
N LYS B 41 -6.53 -8.38 5.68
CA LYS B 41 -6.64 -7.22 4.76
C LYS B 41 -6.89 -5.95 5.58
N VAL B 42 -5.85 -5.25 5.94
CA VAL B 42 -6.04 -3.99 6.73
C VAL B 42 -5.38 -2.82 6.01
N SER B 43 -5.99 -1.67 6.05
CA SER B 43 -5.40 -0.49 5.36
C SER B 43 -4.82 0.47 6.40
N VAL B 44 -3.76 1.15 6.06
CA VAL B 44 -3.16 2.10 7.04
C VAL B 44 -3.43 3.54 6.59
N SER B 45 -3.87 4.38 7.49
CA SER B 45 -4.16 5.79 7.12
C SER B 45 -2.84 6.54 6.89
N ILE B 46 -2.31 6.45 5.70
CA ILE B 46 -1.03 7.15 5.41
C ILE B 46 -1.29 8.34 4.49
N PHE B 47 -0.64 9.45 4.72
CA PHE B 47 -0.86 10.64 3.86
C PHE B 47 -2.32 11.07 3.96
N GLY B 48 -3.02 10.63 4.96
CA GLY B 48 -4.45 11.03 5.11
C GLY B 48 -5.32 10.10 4.25
N ARG B 49 -4.73 9.10 3.65
CA ARG B 49 -5.53 8.17 2.80
C ARG B 49 -5.33 6.73 3.30
N ALA B 50 -6.36 5.93 3.24
CA ALA B 50 -6.23 4.52 3.72
C ALA B 50 -5.32 3.74 2.76
N THR B 51 -4.50 2.87 3.29
CA THR B 51 -3.59 2.08 2.40
C THR B 51 -3.81 0.59 2.65
N PRO B 52 -4.91 0.05 2.12
CA PRO B 52 -5.25 -1.38 2.27
C PRO B 52 -4.06 -2.28 1.96
N VAL B 53 -3.45 -2.86 2.97
CA VAL B 53 -2.29 -3.75 2.73
C VAL B 53 -2.52 -5.08 3.44
N GLU B 54 -1.90 -6.13 2.98
CA GLU B 54 -2.07 -7.46 3.63
C GLU B 54 -0.95 -7.70 4.63
N LEU B 55 -1.28 -7.94 5.86
CA LEU B 55 -0.23 -8.17 6.89
C LEU B 55 -0.49 -9.51 7.60
N ASP B 56 0.55 -10.18 8.01
CA ASP B 56 0.36 -11.49 8.71
C ASP B 56 -0.12 -11.24 10.14
N PHE B 57 -0.62 -12.25 10.80
CA PHE B 57 -1.09 -12.06 12.19
C PHE B 57 0.07 -11.62 13.08
N SER B 58 1.22 -12.18 12.88
CA SER B 58 2.40 -11.79 13.71
C SER B 58 2.93 -10.44 13.22
N GLN B 59 2.72 -10.12 11.97
CA GLN B 59 3.22 -8.83 11.43
C GLN B 59 2.43 -7.68 12.07
N VAL B 60 1.22 -7.94 12.49
CA VAL B 60 0.39 -6.87 13.11
C VAL B 60 -0.14 -7.35 14.46
N GLU B 61 -0.51 -6.45 15.33
CA GLU B 61 -1.04 -6.86 16.66
C GLU B 61 -2.52 -6.47 16.75
N LYS B 62 -3.28 -7.24 17.49
CA LYS B 62 -4.73 -6.92 17.63
C LYS B 62 -4.90 -5.64 18.46
N ALA B 63 -5.75 -4.75 18.03
CA ALA B 63 -5.96 -3.49 18.80
C ALA B 63 -7.25 -3.59 19.62
N ASN A 8 11.36 -12.62 -2.99
CA ASN A 8 10.22 -13.03 -3.79
C ASN A 8 8.94 -12.25 -3.48
N GLN A 9 9.09 -11.12 -2.78
CA GLN A 9 7.96 -10.26 -2.51
C GLN A 9 7.94 -9.11 -3.48
N ARG A 10 6.75 -8.56 -3.62
CA ARG A 10 6.43 -7.55 -4.58
C ARG A 10 5.66 -6.43 -3.84
N ILE A 11 5.92 -5.18 -4.18
CA ILE A 11 5.02 -4.09 -3.76
C ILE A 11 4.03 -3.84 -4.90
N ARG A 12 2.74 -3.95 -4.62
CA ARG A 12 1.70 -3.68 -5.59
C ARG A 12 1.01 -2.40 -5.22
N ILE A 13 0.90 -1.53 -6.20
CA ILE A 13 0.30 -0.21 -5.99
C ILE A 13 -0.81 0.03 -7.00
N ARG A 14 -1.93 0.54 -6.52
CA ARG A 14 -3.02 1.00 -7.36
C ARG A 14 -3.26 2.45 -7.02
N LEU A 15 -3.29 3.29 -8.06
CA LEU A 15 -3.55 4.71 -7.93
C LEU A 15 -4.90 5.04 -8.53
N LYS A 16 -5.58 5.99 -7.89
CA LYS A 16 -6.83 6.54 -8.43
C LYS A 16 -6.81 8.04 -8.27
N ALA A 17 -7.42 8.74 -9.20
CA ALA A 17 -7.56 10.22 -9.06
C ALA A 17 -8.62 10.68 -10.00
N PHE A 18 -9.28 11.77 -9.65
CA PHE A 18 -10.12 12.47 -10.64
C PHE A 18 -9.31 13.33 -11.61
N ASP A 19 -8.10 13.73 -11.24
CA ASP A 19 -7.25 14.59 -12.05
C ASP A 19 -6.12 13.77 -12.67
N HIS A 20 -6.13 13.60 -13.99
CA HIS A 20 -5.12 12.77 -14.65
C HIS A 20 -3.71 13.37 -14.50
N ARG A 21 -3.61 14.69 -14.38
CA ARG A 21 -2.29 15.30 -14.22
C ARG A 21 -1.67 14.85 -12.90
N LEU A 22 -2.49 14.81 -11.86
CA LEU A 22 -2.00 14.39 -10.54
C LEU A 22 -1.63 12.91 -10.57
N ILE A 23 -2.42 12.08 -11.25
CA ILE A 23 -2.16 10.65 -11.21
C ILE A 23 -0.86 10.33 -11.96
N ASP A 24 -0.61 11.02 -13.07
CA ASP A 24 0.62 10.74 -13.83
C ASP A 24 1.85 11.26 -13.13
N GLN A 25 1.71 12.39 -12.43
CA GLN A 25 2.82 12.89 -11.62
C GLN A 25 3.15 11.94 -10.46
N ALA A 26 2.12 11.43 -9.76
CA ALA A 26 2.34 10.53 -8.64
C ALA A 26 2.98 9.26 -9.16
N THR A 27 2.50 8.75 -10.30
CA THR A 27 3.04 7.53 -10.90
C THR A 27 4.52 7.72 -11.21
N ALA A 28 4.87 8.85 -11.83
CA ALA A 28 6.26 9.14 -12.14
C ALA A 28 7.13 9.20 -10.89
N GLU A 29 6.61 9.81 -9.85
CA GLU A 29 7.34 9.93 -8.59
C GLU A 29 7.61 8.57 -7.95
N ILE A 30 6.63 7.68 -7.98
CA ILE A 30 6.77 6.34 -7.45
C ILE A 30 7.80 5.55 -8.25
N VAL A 31 7.72 5.63 -9.58
CA VAL A 31 8.71 4.98 -10.44
C VAL A 31 10.12 5.44 -10.13
N GLU A 32 10.30 6.76 -10.05
CA GLU A 32 11.63 7.33 -9.82
C GLU A 32 12.14 6.89 -8.47
N THR A 33 11.29 6.92 -7.47
CA THR A 33 11.69 6.54 -6.11
C THR A 33 12.16 5.10 -6.08
N ALA A 34 11.42 4.22 -6.75
CA ALA A 34 11.76 2.80 -6.80
C ALA A 34 13.07 2.56 -7.49
N LYS A 35 13.24 3.14 -8.68
CA LYS A 35 14.44 2.91 -9.47
C LYS A 35 15.69 3.47 -8.79
N ARG A 36 15.60 4.60 -8.09
CA ARG A 36 16.77 5.21 -7.41
C ARG A 36 17.21 4.46 -6.16
N THR A 37 16.39 3.46 -5.87
CA THR A 37 16.31 2.67 -4.69
C THR A 37 16.99 1.34 -4.93
N GLY A 38 17.29 1.05 -6.20
CA GLY A 38 17.84 -0.25 -6.58
C GLY A 38 16.79 -1.32 -6.86
N ALA A 39 15.53 -0.92 -6.94
CA ALA A 39 14.39 -1.83 -7.22
C ALA A 39 13.98 -1.71 -8.67
N GLN A 40 13.17 -2.65 -9.11
CA GLN A 40 12.71 -2.66 -10.50
C GLN A 40 11.23 -2.38 -10.54
N VAL A 41 10.77 -1.81 -11.63
CA VAL A 41 9.40 -1.43 -11.81
C VAL A 41 8.76 -2.34 -12.84
N ARG A 42 7.53 -2.77 -12.59
CA ARG A 42 6.68 -3.41 -13.59
C ARG A 42 5.49 -2.52 -13.82
N GLY A 43 5.11 -2.34 -15.07
CA GLY A 43 4.21 -1.28 -15.45
C GLY A 43 4.99 0.02 -15.42
N PRO A 44 4.35 1.14 -15.09
CA PRO A 44 2.96 1.29 -14.72
C PRO A 44 2.05 1.15 -15.91
N ILE A 45 0.84 0.73 -15.67
CA ILE A 45 -0.14 0.72 -16.75
C ILE A 45 -1.39 1.51 -16.40
N PRO A 46 -2.01 2.13 -17.39
CA PRO A 46 -3.32 2.75 -17.18
C PRO A 46 -4.42 1.74 -17.41
N LEU A 47 -5.47 1.85 -16.63
CA LEU A 47 -6.69 1.06 -16.87
C LEU A 47 -7.73 1.99 -17.50
N PRO A 48 -8.77 1.44 -18.13
CA PRO A 48 -9.83 2.34 -18.62
C PRO A 48 -10.42 3.16 -17.49
N THR A 49 -10.67 4.43 -17.76
CA THR A 49 -11.28 5.35 -16.80
C THR A 49 -12.70 4.91 -16.44
N ARG A 50 -13.02 4.93 -15.14
CA ARG A 50 -14.30 4.40 -14.64
C ARG A 50 -14.91 5.47 -13.78
N SER A 51 -16.15 5.85 -14.06
CA SER A 51 -16.83 6.88 -13.27
C SER A 51 -15.97 8.12 -13.08
N ARG A 52 -15.38 8.59 -14.18
CA ARG A 52 -14.54 9.80 -14.25
C ARG A 52 -13.29 9.70 -13.40
N THR A 53 -12.91 8.48 -13.03
CA THR A 53 -11.76 8.23 -12.18
C THR A 53 -10.70 7.58 -13.01
N HIS A 54 -9.53 8.19 -13.01
CA HIS A 54 -8.34 7.62 -13.64
C HIS A 54 -7.71 6.60 -12.74
N LEU A 55 -7.14 5.57 -13.34
CA LEU A 55 -6.63 4.43 -12.63
C LEU A 55 -5.29 4.04 -13.21
N ARG A 56 -4.34 3.75 -12.32
CA ARG A 56 -3.03 3.23 -12.72
C ARG A 56 -2.63 2.09 -11.82
N LEU A 57 -1.89 1.15 -12.36
CA LEU A 57 -1.30 0.05 -11.59
C LEU A 57 0.20 0.07 -11.78
N VAL A 58 0.94 -0.14 -10.71
CA VAL A 58 2.38 -0.28 -10.83
C VAL A 58 2.87 -1.22 -9.76
N ASP A 59 3.89 -2.00 -10.07
CA ASP A 59 4.48 -2.88 -9.07
C ASP A 59 5.96 -2.62 -8.98
N ILE A 60 6.49 -2.91 -7.80
CA ILE A 60 7.92 -2.80 -7.55
C ILE A 60 8.45 -4.18 -7.18
N VAL A 61 9.36 -4.70 -7.99
CA VAL A 61 9.96 -5.99 -7.66
C VAL A 61 11.34 -5.80 -7.09
N GLU A 62 11.80 -6.84 -6.42
CA GLU A 62 13.07 -6.79 -5.66
C GLU A 62 13.16 -5.51 -4.82
N PRO A 63 12.12 -5.20 -4.04
CA PRO A 63 12.25 -4.03 -3.17
C PRO A 63 13.29 -4.29 -2.07
N THR A 64 13.98 -3.22 -1.68
CA THR A 64 14.91 -3.23 -0.57
C THR A 64 14.34 -2.42 0.59
N GLU A 65 15.00 -2.47 1.74
CA GLU A 65 14.67 -1.60 2.86
C GLU A 65 14.76 -0.14 2.42
N LYS A 66 15.80 0.22 1.66
CA LYS A 66 15.91 1.62 1.13
C LYS A 66 14.69 2.01 0.25
N THR A 67 14.16 1.08 -0.55
CA THR A 67 12.92 1.30 -1.33
C THR A 67 11.74 1.64 -0.46
N VAL A 68 11.52 0.82 0.58
CA VAL A 68 10.38 1.01 1.47
C VAL A 68 10.51 2.35 2.18
N ASP A 69 11.71 2.66 2.65
CA ASP A 69 11.95 3.91 3.34
C ASP A 69 11.75 5.13 2.42
N ALA A 70 12.19 5.01 1.18
CA ALA A 70 12.01 6.08 0.21
C ALA A 70 10.55 6.29 -0.13
N LEU A 71 9.77 5.20 -0.22
CA LEU A 71 8.35 5.32 -0.47
C LEU A 71 7.62 5.98 0.70
N MET A 72 8.03 5.65 1.91
CA MET A 72 7.39 6.25 3.06
C MET A 72 7.67 7.76 3.07
N ARG A 73 8.91 8.15 2.75
CA ARG A 73 9.29 9.56 2.79
C ARG A 73 8.59 10.36 1.70
N LEU A 74 8.30 9.72 0.57
CA LEU A 74 7.69 10.41 -0.56
C LEU A 74 6.34 11.02 -0.14
N ASP A 75 6.16 12.31 -0.41
CA ASP A 75 4.87 12.98 -0.16
C ASP A 75 4.00 12.98 -1.39
N LEU A 76 2.93 12.20 -1.36
CA LEU A 76 2.06 12.09 -2.51
C LEU A 76 0.99 13.19 -2.43
N ALA A 77 0.75 13.86 -3.56
CA ALA A 77 -0.15 15.00 -3.65
C ALA A 77 -1.52 14.69 -3.12
N ALA A 78 -2.15 15.70 -2.55
CA ALA A 78 -3.57 15.64 -2.28
C ALA A 78 -4.29 15.36 -3.59
N GLY A 79 -5.30 14.53 -3.51
CA GLY A 79 -6.14 14.24 -4.65
C GLY A 79 -5.76 12.96 -5.38
N VAL A 80 -4.79 12.23 -4.87
CA VAL A 80 -4.47 10.90 -5.45
C VAL A 80 -4.62 9.87 -4.33
N ASP A 81 -5.34 8.80 -4.61
CA ASP A 81 -5.48 7.69 -3.68
C ASP A 81 -4.51 6.60 -4.05
N VAL A 82 -3.75 6.14 -3.08
CA VAL A 82 -2.79 5.08 -3.31
C VAL A 82 -3.07 3.91 -2.40
N GLN A 83 -3.36 2.75 -2.97
CA GLN A 83 -3.50 1.48 -2.25
C GLN A 83 -2.20 0.72 -2.46
N ILE A 84 -1.61 0.24 -1.38
CA ILE A 84 -0.26 -0.36 -1.44
C ILE A 84 -0.20 -1.61 -0.59
N SER A 85 0.45 -2.63 -1.13
CA SER A 85 0.65 -3.88 -0.39
C SER A 85 2.03 -4.44 -0.68
N LEU A 86 2.49 -5.26 0.25
CA LEU A 86 3.75 -5.97 0.09
C LEU A 86 3.52 -7.44 0.38
N GLY A 87 3.92 -8.30 -0.55
CA GLY A 87 3.85 -9.75 -0.32
C GLY A 87 4.31 -10.55 -1.52
N ARG B 5 1.34 -12.85 23.80
CA ARG B 5 0.28 -13.84 23.47
C ARG B 5 -0.81 -13.16 22.65
N PRO B 6 -0.46 -12.66 21.45
CA PRO B 6 -1.41 -11.99 20.56
C PRO B 6 -2.62 -12.87 20.23
N LYS B 7 -3.77 -12.28 20.08
CA LYS B 7 -4.98 -13.09 19.76
C LYS B 7 -5.15 -13.19 18.25
N THR B 8 -5.61 -14.31 17.76
CA THR B 8 -5.79 -14.47 16.29
C THR B 8 -7.26 -14.25 15.94
N LEU B 9 -8.03 -13.74 16.85
CA LEU B 9 -9.47 -13.49 16.56
C LEU B 9 -9.66 -12.06 16.06
N PHE B 10 -9.75 -11.88 14.77
CA PHE B 10 -9.93 -10.51 14.21
C PHE B 10 -11.26 -10.43 13.48
N GLU B 11 -11.91 -9.29 13.51
CA GLU B 11 -13.22 -9.15 12.81
C GLU B 11 -13.27 -7.80 12.10
N PRO B 12 -14.15 -7.67 11.10
CA PRO B 12 -14.31 -6.42 10.34
C PRO B 12 -14.57 -5.22 11.26
N GLY B 13 -13.83 -4.16 11.09
CA GLY B 13 -14.03 -2.97 11.95
C GLY B 13 -13.13 -3.07 13.19
N GLU B 14 -12.39 -4.13 13.32
CA GLU B 14 -11.49 -4.28 14.50
C GLU B 14 -10.16 -3.60 14.22
N MET B 15 -9.65 -2.85 15.16
CA MET B 15 -8.35 -2.16 14.95
C MET B 15 -7.21 -3.15 15.17
N VAL B 16 -6.13 -2.99 14.44
CA VAL B 16 -4.98 -3.93 14.60
C VAL B 16 -3.69 -3.11 14.73
N ARG B 17 -2.57 -3.78 14.90
CA ARG B 17 -1.29 -3.05 15.05
C ARG B 17 -0.26 -3.65 14.08
N VAL B 18 0.52 -2.82 13.44
CA VAL B 18 1.54 -3.33 12.49
C VAL B 18 2.94 -3.18 13.12
N ASN B 19 3.73 -4.22 13.05
CA ASN B 19 5.10 -4.14 13.65
C ASN B 19 6.11 -4.76 12.68
N ASP B 20 5.76 -4.87 11.43
CA ASP B 20 6.69 -5.46 10.43
C ASP B 20 6.62 -4.69 9.12
N GLY B 21 7.70 -4.60 8.40
CA GLY B 21 7.68 -3.86 7.11
C GLY B 21 7.55 -2.36 7.39
N PRO B 22 7.57 -1.54 6.32
CA PRO B 22 7.45 -0.09 6.45
C PRO B 22 6.19 0.33 7.20
N PHE B 23 5.22 -0.55 7.28
CA PHE B 23 3.97 -0.23 8.01
C PHE B 23 4.13 -0.52 9.50
N ALA B 24 5.33 -0.87 9.91
CA ALA B 24 5.56 -1.18 11.35
C ALA B 24 5.37 0.09 12.18
N ASP B 25 4.92 -0.03 13.39
CA ASP B 25 4.71 1.16 14.25
C ASP B 25 3.49 1.93 13.77
N PHE B 26 2.53 1.25 13.21
CA PHE B 26 1.30 1.94 12.72
C PHE B 26 0.07 1.11 13.08
N ASN B 27 -1.06 1.75 13.26
CA ASN B 27 -2.29 1.00 13.62
C ASN B 27 -3.34 1.19 12.52
N GLY B 28 -4.35 0.37 12.50
CA GLY B 28 -5.40 0.50 11.46
C GLY B 28 -6.56 -0.44 11.77
N VAL B 29 -7.52 -0.55 10.89
CA VAL B 29 -8.67 -1.45 11.13
C VAL B 29 -8.75 -2.50 10.02
N VAL B 30 -9.27 -3.66 10.32
CA VAL B 30 -9.37 -4.72 9.29
C VAL B 30 -10.74 -4.66 8.62
N GLU B 31 -10.83 -4.05 7.47
CA GLU B 31 -12.15 -3.96 6.78
C GLU B 31 -12.56 -5.34 6.28
N GLU B 32 -11.61 -6.13 5.84
CA GLU B 32 -11.94 -7.49 5.34
C GLU B 32 -10.95 -8.51 5.92
N VAL B 33 -11.37 -9.72 6.12
CA VAL B 33 -10.46 -10.76 6.69
C VAL B 33 -10.45 -11.99 5.79
N ASP B 34 -9.36 -12.70 5.74
CA ASP B 34 -9.31 -13.91 4.88
C ASP B 34 -8.63 -15.05 5.64
N TYR B 35 -9.39 -15.81 6.39
CA TYR B 35 -8.79 -16.94 7.17
C TYR B 35 -8.25 -17.99 6.20
N GLU B 36 -8.94 -18.21 5.11
CA GLU B 36 -8.47 -19.24 4.13
C GLU B 36 -7.11 -18.81 3.58
N LYS B 37 -6.96 -17.57 3.23
CA LYS B 37 -5.66 -17.09 2.67
C LYS B 37 -4.75 -16.64 3.82
N SER B 38 -5.21 -16.75 5.04
CA SER B 38 -4.36 -16.33 6.19
C SER B 38 -3.86 -14.90 5.96
N ARG B 39 -4.75 -13.99 5.66
CA ARG B 39 -4.32 -12.58 5.42
C ARG B 39 -5.40 -11.63 5.95
N LEU B 40 -5.00 -10.54 6.55
CA LEU B 40 -6.00 -9.58 7.08
C LEU B 40 -6.00 -8.31 6.22
N LYS B 41 -7.16 -7.83 5.86
CA LYS B 41 -7.22 -6.60 5.01
C LYS B 41 -7.33 -5.37 5.92
N VAL B 42 -6.23 -4.76 6.26
CA VAL B 42 -6.28 -3.57 7.15
C VAL B 42 -5.58 -2.39 6.46
N SER B 43 -6.09 -1.21 6.61
CA SER B 43 -5.45 -0.03 5.97
C SER B 43 -4.75 0.82 7.03
N VAL B 44 -3.67 1.45 6.67
CA VAL B 44 -2.94 2.28 7.67
C VAL B 44 -3.13 3.77 7.32
N SER B 45 -3.45 4.57 8.30
CA SER B 45 -3.65 6.02 8.03
C SER B 45 -2.30 6.68 7.77
N ILE B 46 -1.84 6.63 6.55
CA ILE B 46 -0.52 7.27 6.23
C ILE B 46 -0.75 8.53 5.40
N PHE B 47 0.00 9.57 5.67
CA PHE B 47 -0.18 10.83 4.90
C PHE B 47 -1.59 11.36 5.10
N GLY B 48 -2.27 10.90 6.11
CA GLY B 48 -3.66 11.38 6.36
C GLY B 48 -4.64 10.58 5.50
N ARG B 49 -4.16 9.58 4.81
CA ARG B 49 -5.07 8.76 3.95
C ARG B 49 -4.96 7.29 4.35
N ALA B 50 -6.04 6.57 4.30
CA ALA B 50 -5.98 5.12 4.68
C ALA B 50 -5.19 4.35 3.63
N THR B 51 -4.41 3.39 4.05
CA THR B 51 -3.61 2.59 3.07
C THR B 51 -3.93 1.11 3.24
N PRO B 52 -5.09 0.69 2.73
CA PRO B 52 -5.53 -0.71 2.82
C PRO B 52 -4.42 -1.67 2.39
N VAL B 53 -3.82 -2.36 3.32
CA VAL B 53 -2.74 -3.31 2.96
C VAL B 53 -3.02 -4.68 3.60
N GLU B 54 -2.50 -5.73 3.04
CA GLU B 54 -2.74 -7.08 3.62
C GLU B 54 -1.58 -7.46 4.54
N LEU B 55 -1.88 -7.77 5.77
CA LEU B 55 -0.79 -8.14 6.72
C LEU B 55 -1.11 -9.50 7.36
N ASP B 56 -0.11 -10.28 7.67
CA ASP B 56 -0.36 -11.61 8.29
C ASP B 56 -0.74 -11.41 9.76
N PHE B 57 -1.28 -12.42 10.39
CA PHE B 57 -1.67 -12.30 11.82
C PHE B 57 -0.43 -11.99 12.65
N SER B 58 0.67 -12.63 12.37
CA SER B 58 1.91 -12.37 13.15
C SER B 58 2.52 -11.04 12.71
N GLN B 59 2.26 -10.62 11.50
CA GLN B 59 2.82 -9.33 11.02
C GLN B 59 2.15 -8.18 11.76
N VAL B 60 0.95 -8.38 12.23
CA VAL B 60 0.24 -7.29 12.96
C VAL B 60 -0.26 -7.82 14.31
N GLU B 61 -0.51 -6.96 15.25
CA GLU B 61 -1.00 -7.41 16.58
C GLU B 61 -2.44 -6.94 16.79
N LYS B 62 -3.22 -7.69 17.51
CA LYS B 62 -4.64 -7.27 17.75
C LYS B 62 -4.66 -6.05 18.67
N ALA B 63 -5.47 -5.08 18.35
CA ALA B 63 -5.54 -3.86 19.20
C ALA B 63 -6.80 -3.92 20.08
N ASN A 8 10.50 -12.86 -2.53
CA ASN A 8 9.36 -13.23 -3.34
C ASN A 8 8.11 -12.39 -3.09
N GLN A 9 8.28 -11.26 -2.39
CA GLN A 9 7.18 -10.35 -2.15
C GLN A 9 7.24 -9.21 -3.14
N ARG A 10 6.07 -8.63 -3.31
CA ARG A 10 5.82 -7.60 -4.29
C ARG A 10 5.07 -6.46 -3.58
N ILE A 11 5.40 -5.22 -3.94
CA ILE A 11 4.53 -4.09 -3.54
C ILE A 11 3.58 -3.80 -4.72
N ARG A 12 2.29 -3.86 -4.47
CA ARG A 12 1.28 -3.57 -5.48
C ARG A 12 0.63 -2.25 -5.14
N ILE A 13 0.58 -1.38 -6.13
CA ILE A 13 0.03 -0.04 -5.96
C ILE A 13 -1.04 0.23 -7.00
N ARG A 14 -2.15 0.79 -6.56
CA ARG A 14 -3.20 1.29 -7.43
C ARG A 14 -3.38 2.75 -7.11
N LEU A 15 -3.34 3.57 -8.15
CA LEU A 15 -3.55 5.02 -8.05
C LEU A 15 -4.87 5.38 -8.68
N LYS A 16 -5.54 6.36 -8.08
CA LYS A 16 -6.74 6.97 -8.66
C LYS A 16 -6.66 8.46 -8.51
N ALA A 17 -7.22 9.18 -9.47
CA ALA A 17 -7.30 10.66 -9.35
C ALA A 17 -8.31 11.16 -10.31
N PHE A 18 -8.94 12.28 -10.00
CA PHE A 18 -9.72 13.00 -11.02
C PHE A 18 -8.85 13.81 -11.97
N ASP A 19 -7.64 14.17 -11.57
CA ASP A 19 -6.73 14.99 -12.37
C ASP A 19 -5.62 14.11 -12.95
N HIS A 20 -5.60 13.92 -14.26
CA HIS A 20 -4.61 13.05 -14.89
C HIS A 20 -3.19 13.60 -14.71
N ARG A 21 -3.03 14.90 -14.60
CA ARG A 21 -1.70 15.47 -14.41
C ARG A 21 -1.13 15.01 -13.07
N LEU A 22 -1.98 15.01 -12.04
CA LEU A 22 -1.53 14.59 -10.71
C LEU A 22 -1.22 13.09 -10.72
N ILE A 23 -2.03 12.29 -11.40
CA ILE A 23 -1.83 10.84 -11.35
C ILE A 23 -0.53 10.47 -12.06
N ASP A 24 -0.22 11.13 -13.17
CA ASP A 24 1.01 10.80 -13.90
C ASP A 24 2.24 11.28 -13.16
N GLN A 25 2.14 12.41 -12.47
CA GLN A 25 3.25 12.88 -11.64
C GLN A 25 3.50 11.93 -10.46
N ALA A 26 2.44 11.46 -9.79
CA ALA A 26 2.59 10.57 -8.66
C ALA A 26 3.18 9.27 -9.15
N THR A 27 2.72 8.77 -10.29
CA THR A 27 3.23 7.53 -10.86
C THR A 27 4.71 7.66 -11.13
N ALA A 28 5.13 8.76 -11.75
CA ALA A 28 6.54 8.99 -12.03
C ALA A 28 7.38 9.03 -10.75
N GLU A 29 6.85 9.67 -9.73
CA GLU A 29 7.55 9.77 -8.46
C GLU A 29 7.75 8.41 -7.79
N ILE A 30 6.74 7.57 -7.85
CA ILE A 30 6.80 6.22 -7.30
C ILE A 30 7.83 5.39 -8.06
N VAL A 31 7.79 5.45 -9.40
CA VAL A 31 8.77 4.74 -10.22
C VAL A 31 10.18 5.16 -9.88
N GLU A 32 10.43 6.47 -9.81
CA GLU A 32 11.75 6.98 -9.55
C GLU A 32 12.22 6.54 -8.19
N THR A 33 11.35 6.62 -7.19
CA THR A 33 11.70 6.24 -5.82
C THR A 33 12.10 4.78 -5.77
N ALA A 34 11.35 3.93 -6.45
CA ALA A 34 11.62 2.49 -6.47
C ALA A 34 12.95 2.19 -7.13
N LYS A 35 13.18 2.75 -8.32
CA LYS A 35 14.38 2.46 -9.07
C LYS A 35 15.64 2.97 -8.37
N ARG A 36 15.57 4.12 -7.68
CA ARG A 36 16.75 4.69 -6.97
C ARG A 36 17.12 3.94 -5.71
N THR A 37 16.25 2.98 -5.43
CA THR A 37 16.11 2.20 -4.25
C THR A 37 16.75 0.84 -4.45
N GLY A 38 17.06 0.53 -5.71
CA GLY A 38 17.57 -0.79 -6.06
C GLY A 38 16.49 -1.83 -6.36
N ALA A 39 15.25 -1.37 -6.48
CA ALA A 39 14.08 -2.25 -6.77
C ALA A 39 13.72 -2.13 -8.23
N GLN A 40 12.87 -3.04 -8.70
CA GLN A 40 12.45 -3.05 -10.09
C GLN A 40 10.98 -2.70 -10.18
N VAL A 41 10.58 -2.13 -11.29
CA VAL A 41 9.23 -1.70 -11.51
C VAL A 41 8.59 -2.59 -12.55
N ARG A 42 7.33 -2.96 -12.32
CA ARG A 42 6.48 -3.60 -13.33
C ARG A 42 5.34 -2.64 -13.61
N GLY A 43 5.01 -2.47 -14.86
CA GLY A 43 4.15 -1.38 -15.28
C GLY A 43 4.99 -0.11 -15.26
N PRO A 44 4.39 1.04 -14.95
CA PRO A 44 2.98 1.25 -14.62
C PRO A 44 2.11 1.13 -15.83
N ILE A 45 0.88 0.76 -15.63
CA ILE A 45 -0.08 0.78 -16.73
C ILE A 45 -1.30 1.63 -16.42
N PRO A 46 -1.86 2.26 -17.43
CA PRO A 46 -3.15 2.94 -17.26
C PRO A 46 -4.28 1.96 -17.52
N LEU A 47 -5.35 2.13 -16.77
CA LEU A 47 -6.59 1.38 -17.04
C LEU A 47 -7.58 2.34 -17.70
N PRO A 48 -8.63 1.83 -18.36
CA PRO A 48 -9.64 2.77 -18.88
C PRO A 48 -10.22 3.63 -17.78
N THR A 49 -10.41 4.92 -18.07
CA THR A 49 -11.01 5.85 -17.13
C THR A 49 -12.46 5.48 -16.80
N ARG A 50 -12.81 5.53 -15.52
CA ARG A 50 -14.12 5.06 -15.05
C ARG A 50 -14.70 6.16 -14.21
N SER A 51 -15.92 6.58 -14.53
CA SER A 51 -16.58 7.66 -13.76
C SER A 51 -15.68 8.86 -13.57
N ARG A 52 -15.05 9.29 -14.66
CA ARG A 52 -14.15 10.47 -14.72
C ARG A 52 -12.93 10.33 -13.83
N THR A 53 -12.62 9.10 -13.43
CA THR A 53 -11.50 8.81 -12.55
C THR A 53 -10.43 8.10 -13.35
N HIS A 54 -9.25 8.67 -13.32
CA HIS A 54 -8.07 8.05 -13.92
C HIS A 54 -7.50 7.01 -12.99
N LEU A 55 -6.96 5.95 -13.57
CA LEU A 55 -6.51 4.80 -12.83
C LEU A 55 -5.17 4.35 -13.36
N ARG A 56 -4.27 4.03 -12.45
CA ARG A 56 -2.96 3.46 -12.81
C ARG A 56 -2.64 2.32 -11.88
N LEU A 57 -1.92 1.33 -12.40
CA LEU A 57 -1.39 0.22 -11.59
C LEU A 57 0.10 0.18 -11.73
N VAL A 58 0.81 -0.06 -10.65
CA VAL A 58 2.24 -0.24 -10.74
C VAL A 58 2.67 -1.19 -9.64
N ASP A 59 3.66 -2.03 -9.91
CA ASP A 59 4.19 -2.91 -8.89
C ASP A 59 5.67 -2.71 -8.76
N ILE A 60 6.16 -3.02 -7.57
CA ILE A 60 7.59 -2.96 -7.27
C ILE A 60 8.05 -4.34 -6.88
N VAL A 61 8.95 -4.92 -7.66
CA VAL A 61 9.50 -6.23 -7.30
C VAL A 61 10.87 -6.08 -6.69
N GLU A 62 11.27 -7.13 -6.00
CA GLU A 62 12.51 -7.14 -5.19
C GLU A 62 12.64 -5.85 -4.36
N PRO A 63 11.58 -5.48 -3.64
CA PRO A 63 11.74 -4.31 -2.77
C PRO A 63 12.74 -4.59 -1.63
N THR A 64 13.45 -3.55 -1.24
CA THR A 64 14.36 -3.59 -0.09
C THR A 64 13.79 -2.74 1.04
N GLU A 65 14.43 -2.81 2.20
CA GLU A 65 14.09 -1.91 3.31
C GLU A 65 14.26 -0.46 2.85
N LYS A 66 15.32 -0.15 2.12
CA LYS A 66 15.52 1.23 1.58
C LYS A 66 14.34 1.67 0.65
N THR A 67 13.79 0.74 -0.15
CA THR A 67 12.58 1.01 -0.96
C THR A 67 11.40 1.40 -0.12
N VAL A 68 11.10 0.60 0.91
CA VAL A 68 9.96 0.86 1.77
C VAL A 68 10.12 2.20 2.48
N ASP A 69 11.33 2.46 2.97
CA ASP A 69 11.59 3.71 3.65
C ASP A 69 11.47 4.92 2.72
N ALA A 70 11.93 4.77 1.49
CA ALA A 70 11.83 5.84 0.50
C ALA A 70 10.38 6.10 0.12
N LEU A 71 9.57 5.05 0.02
CA LEU A 71 8.15 5.22 -0.28
C LEU A 71 7.41 5.92 0.87
N MET A 72 7.78 5.60 2.09
CA MET A 72 7.14 6.23 3.22
C MET A 72 7.48 7.72 3.21
N ARG A 73 8.74 8.06 2.94
CA ARG A 73 9.18 9.46 2.97
C ARG A 73 8.54 10.28 1.87
N LEU A 74 8.26 9.63 0.73
CA LEU A 74 7.71 10.33 -0.43
C LEU A 74 6.38 11.00 -0.05
N ASP A 75 6.26 12.29 -0.35
CA ASP A 75 4.99 13.02 -0.14
C ASP A 75 4.15 13.05 -1.38
N LEU A 76 3.05 12.31 -1.38
CA LEU A 76 2.20 12.22 -2.55
C LEU A 76 1.18 13.36 -2.51
N ALA A 77 0.99 14.02 -3.66
CA ALA A 77 0.14 15.20 -3.78
C ALA A 77 -1.25 14.95 -3.29
N ALA A 78 -1.84 16.00 -2.73
CA ALA A 78 -3.28 15.99 -2.52
C ALA A 78 -3.97 15.73 -3.84
N GLY A 79 -5.03 14.94 -3.78
CA GLY A 79 -5.84 14.67 -4.94
C GLY A 79 -5.50 13.37 -5.65
N VAL A 80 -4.56 12.60 -5.10
CA VAL A 80 -4.29 11.26 -5.65
C VAL A 80 -4.51 10.24 -4.53
N ASP A 81 -5.26 9.20 -4.81
CA ASP A 81 -5.47 8.11 -3.88
C ASP A 81 -4.53 6.98 -4.22
N VAL A 82 -3.83 6.50 -3.22
CA VAL A 82 -2.90 5.39 -3.42
C VAL A 82 -3.25 4.25 -2.49
N GLN A 83 -3.58 3.09 -3.06
CA GLN A 83 -3.79 1.85 -2.33
C GLN A 83 -2.52 1.03 -2.50
N ILE A 84 -1.97 0.54 -1.40
CA ILE A 84 -0.66 -0.12 -1.41
C ILE A 84 -0.67 -1.36 -0.55
N SER A 85 -0.04 -2.41 -1.06
CA SER A 85 0.08 -3.66 -0.30
C SER A 85 1.44 -4.27 -0.55
N LEU A 86 1.86 -5.10 0.40
CA LEU A 86 3.08 -5.87 0.27
C LEU A 86 2.78 -7.32 0.57
N GLY A 87 3.17 -8.20 -0.32
CA GLY A 87 3.05 -9.65 -0.09
C GLY A 87 3.49 -10.48 -1.27
N ARG B 5 2.62 -12.43 23.47
CA ARG B 5 1.60 -13.49 23.19
C ARG B 5 0.42 -12.88 22.43
N PRO B 6 0.68 -12.38 21.21
CA PRO B 6 -0.36 -11.77 20.37
C PRO B 6 -1.52 -12.73 20.12
N LYS B 7 -2.71 -12.21 20.02
CA LYS B 7 -3.89 -13.09 19.79
C LYS B 7 -4.14 -13.22 18.28
N THR B 8 -4.56 -14.37 17.84
CA THR B 8 -4.81 -14.56 16.37
C THR B 8 -6.30 -14.43 16.10
N LEU B 9 -7.06 -13.95 17.05
CA LEU B 9 -8.52 -13.79 16.84
C LEU B 9 -8.82 -12.38 16.34
N PHE B 10 -8.99 -12.23 15.05
CA PHE B 10 -9.28 -10.87 14.50
C PHE B 10 -10.65 -10.88 13.83
N GLU B 11 -11.36 -9.78 13.89
CA GLU B 11 -12.71 -9.72 13.26
C GLU B 11 -12.89 -8.37 12.55
N PRO B 12 -13.83 -8.32 11.59
CA PRO B 12 -14.10 -7.10 10.84
C PRO B 12 -14.38 -5.90 11.75
N GLY B 13 -13.71 -4.81 11.54
CA GLY B 13 -13.94 -3.61 12.39
C GLY B 13 -12.97 -3.64 13.59
N GLU B 14 -12.16 -4.66 13.68
CA GLU B 14 -11.20 -4.75 14.81
C GLU B 14 -9.92 -3.97 14.45
N MET B 15 -9.40 -3.20 15.37
CA MET B 15 -8.17 -2.43 15.08
C MET B 15 -6.95 -3.35 15.23
N VAL B 16 -5.93 -3.14 14.45
CA VAL B 16 -4.72 -4.00 14.54
C VAL B 16 -3.47 -3.12 14.61
N ARG B 17 -2.31 -3.71 14.71
CA ARG B 17 -1.06 -2.91 14.78
C ARG B 17 -0.05 -3.46 13.77
N VAL B 18 0.64 -2.58 13.09
CA VAL B 18 1.65 -3.06 12.08
C VAL B 18 3.05 -2.82 12.63
N ASN B 19 3.90 -3.81 12.54
CA ASN B 19 5.29 -3.64 13.05
C ASN B 19 6.28 -4.21 12.03
N ASP B 20 5.87 -4.34 10.80
CA ASP B 20 6.79 -4.90 9.77
C ASP B 20 6.59 -4.15 8.45
N GLY B 21 7.63 -4.01 7.67
CA GLY B 21 7.49 -3.27 6.38
C GLY B 21 7.29 -1.78 6.65
N PRO B 22 7.21 -0.98 5.58
CA PRO B 22 7.01 0.47 5.69
C PRO B 22 5.76 0.80 6.52
N PHE B 23 4.85 -0.13 6.65
CA PHE B 23 3.62 0.14 7.45
C PHE B 23 3.89 -0.13 8.93
N ALA B 24 5.12 -0.40 9.28
CA ALA B 24 5.45 -0.67 10.70
C ALA B 24 5.23 0.59 11.53
N ASP B 25 4.86 0.45 12.77
CA ASP B 25 4.63 1.65 13.63
C ASP B 25 3.32 2.33 13.20
N PHE B 26 2.39 1.58 12.70
CA PHE B 26 1.10 2.20 12.28
C PHE B 26 -0.07 1.30 12.72
N ASN B 27 -1.21 1.88 12.95
CA ASN B 27 -2.38 1.06 13.38
C ASN B 27 -3.49 1.18 12.34
N GLY B 28 -4.46 0.30 12.38
CA GLY B 28 -5.57 0.36 11.40
C GLY B 28 -6.65 -0.65 11.79
N VAL B 29 -7.64 -0.82 10.96
CA VAL B 29 -8.73 -1.79 11.28
C VAL B 29 -8.80 -2.85 10.18
N VAL B 30 -9.24 -4.03 10.51
CA VAL B 30 -9.33 -5.11 9.49
C VAL B 30 -10.75 -5.15 8.91
N GLU B 31 -10.93 -4.55 7.76
CA GLU B 31 -12.28 -4.55 7.14
C GLU B 31 -12.63 -5.97 6.68
N GLU B 32 -11.67 -6.69 6.19
CA GLU B 32 -11.95 -8.08 5.72
C GLU B 32 -10.86 -9.03 6.25
N VAL B 33 -11.20 -10.27 6.49
CA VAL B 33 -10.20 -11.23 7.01
C VAL B 33 -10.18 -12.48 6.12
N ASP B 34 -9.05 -13.12 6.02
CA ASP B 34 -8.96 -14.34 5.17
C ASP B 34 -8.18 -15.43 5.91
N TYR B 35 -8.85 -16.22 6.70
CA TYR B 35 -8.15 -17.29 7.45
C TYR B 35 -7.60 -18.33 6.46
N GLU B 36 -8.33 -18.61 5.42
CA GLU B 36 -7.85 -19.61 4.42
C GLU B 36 -6.56 -19.11 3.79
N LYS B 37 -6.50 -17.86 3.42
CA LYS B 37 -5.26 -17.33 2.79
C LYS B 37 -4.32 -16.81 3.88
N SER B 38 -4.70 -16.92 5.12
CA SER B 38 -3.83 -16.44 6.22
C SER B 38 -3.42 -14.99 5.95
N ARG B 39 -4.37 -14.13 5.70
CA ARG B 39 -4.05 -12.71 5.42
C ARG B 39 -5.15 -11.81 6.00
N LEU B 40 -4.78 -10.70 6.58
CA LEU B 40 -5.81 -9.79 7.15
C LEU B 40 -5.93 -8.54 6.28
N LYS B 41 -7.13 -8.12 5.98
CA LYS B 41 -7.30 -6.91 5.13
C LYS B 41 -7.45 -5.68 6.03
N VAL B 42 -6.36 -5.01 6.30
CA VAL B 42 -6.43 -3.81 7.18
C VAL B 42 -5.84 -2.60 6.44
N SER B 43 -6.43 -1.45 6.61
CA SER B 43 -5.89 -0.24 5.92
C SER B 43 -5.18 0.66 6.94
N VAL B 44 -4.15 1.35 6.52
CA VAL B 44 -3.43 2.24 7.46
C VAL B 44 -3.72 3.70 7.13
N SER B 45 -4.04 4.50 8.11
CA SER B 45 -4.35 5.93 7.84
C SER B 45 -3.05 6.67 7.50
N ILE B 46 -2.65 6.63 6.26
CA ILE B 46 -1.39 7.33 5.85
C ILE B 46 -1.74 8.58 5.03
N PHE B 47 -1.05 9.66 5.25
CA PHE B 47 -1.33 10.90 4.48
C PHE B 47 -2.77 11.34 4.76
N GLY B 48 -3.36 10.86 5.80
CA GLY B 48 -4.76 11.26 6.13
C GLY B 48 -5.74 10.39 5.33
N ARG B 49 -5.24 9.41 4.62
CA ARG B 49 -6.14 8.54 3.82
C ARG B 49 -5.92 7.08 4.23
N ALA B 50 -6.95 6.29 4.24
CA ALA B 50 -6.80 4.86 4.62
C ALA B 50 -6.01 4.13 3.54
N THR B 51 -5.16 3.21 3.93
CA THR B 51 -4.37 2.46 2.92
C THR B 51 -4.58 0.96 3.11
N PRO B 52 -5.75 0.46 2.68
CA PRO B 52 -6.09 -0.97 2.80
C PRO B 52 -4.96 -1.87 2.32
N VAL B 53 -4.27 -2.50 3.22
CA VAL B 53 -3.14 -3.40 2.81
C VAL B 53 -3.31 -4.77 3.48
N GLU B 54 -2.77 -5.80 2.89
CA GLU B 54 -2.90 -7.15 3.49
C GLU B 54 -1.67 -7.45 4.35
N LEU B 55 -1.87 -7.76 5.60
CA LEU B 55 -0.72 -8.06 6.49
C LEU B 55 -0.92 -9.42 7.15
N ASP B 56 0.14 -10.13 7.41
CA ASP B 56 -0.01 -11.47 8.07
C ASP B 56 -0.32 -11.28 9.55
N PHE B 57 -0.76 -12.31 10.21
CA PHE B 57 -1.08 -12.20 11.66
C PHE B 57 0.19 -11.81 12.43
N SER B 58 1.31 -12.39 12.08
CA SER B 58 2.57 -12.05 12.80
C SER B 58 3.07 -10.69 12.32
N GLN B 59 2.72 -10.30 11.12
CA GLN B 59 3.19 -8.99 10.59
C GLN B 59 2.49 -7.87 11.36
N VAL B 60 1.33 -8.13 11.90
CA VAL B 60 0.60 -7.08 12.66
C VAL B 60 0.21 -7.63 14.04
N GLU B 61 -0.05 -6.76 14.98
CA GLU B 61 -0.44 -7.23 16.34
C GLU B 61 -1.89 -6.83 16.62
N LYS B 62 -2.58 -7.62 17.40
CA LYS B 62 -4.01 -7.29 17.70
C LYS B 62 -4.05 -6.06 18.61
N ALA B 63 -4.94 -5.14 18.33
CA ALA B 63 -5.03 -3.91 19.17
C ALA B 63 -6.23 -4.04 20.13
N ASN A 8 10.65 -12.87 -3.13
CA ASN A 8 9.52 -13.23 -3.97
C ASN A 8 8.26 -12.42 -3.71
N GLN A 9 8.41 -11.31 -2.97
CA GLN A 9 7.29 -10.42 -2.72
C GLN A 9 7.34 -9.25 -3.68
N ARG A 10 6.16 -8.68 -3.84
CA ARG A 10 5.91 -7.63 -4.79
C ARG A 10 5.15 -6.52 -4.05
N ILE A 11 5.45 -5.26 -4.38
CA ILE A 11 4.57 -4.15 -3.95
C ILE A 11 3.62 -3.85 -5.13
N ARG A 12 2.33 -3.93 -4.88
CA ARG A 12 1.33 -3.62 -5.90
C ARG A 12 0.66 -2.33 -5.53
N ILE A 13 0.60 -1.43 -6.49
CA ILE A 13 0.03 -0.10 -6.28
C ILE A 13 -1.02 0.18 -7.33
N ARG A 14 -2.15 0.71 -6.88
CA ARG A 14 -3.20 1.23 -7.75
C ARG A 14 -3.41 2.68 -7.39
N LEU A 15 -3.38 3.53 -8.41
CA LEU A 15 -3.60 4.96 -8.26
C LEU A 15 -4.92 5.33 -8.90
N LYS A 16 -5.60 6.29 -8.28
CA LYS A 16 -6.81 6.90 -8.85
C LYS A 16 -6.75 8.38 -8.65
N ALA A 17 -7.31 9.12 -9.59
CA ALA A 17 -7.41 10.59 -9.43
C ALA A 17 -8.42 11.11 -10.39
N PHE A 18 -9.07 12.22 -10.05
CA PHE A 18 -9.85 12.94 -11.05
C PHE A 18 -8.98 13.80 -11.98
N ASP A 19 -7.78 14.16 -11.55
CA ASP A 19 -6.88 15.01 -12.32
C ASP A 19 -5.75 14.17 -12.91
N HIS A 20 -5.72 14.03 -14.23
CA HIS A 20 -4.70 13.19 -14.87
C HIS A 20 -3.29 13.74 -14.65
N ARG A 21 -3.16 15.05 -14.50
CA ARG A 21 -1.83 15.62 -14.29
C ARG A 21 -1.27 15.14 -12.96
N LEU A 22 -2.13 15.10 -11.94
CA LEU A 22 -1.70 14.64 -10.61
C LEU A 22 -1.36 13.15 -10.67
N ILE A 23 -2.15 12.35 -11.38
CA ILE A 23 -1.93 10.91 -11.37
C ILE A 23 -0.62 10.59 -12.07
N ASP A 24 -0.31 11.28 -13.16
CA ASP A 24 0.93 10.98 -13.89
C ASP A 24 2.16 11.46 -13.13
N GLN A 25 2.03 12.57 -12.41
CA GLN A 25 3.12 13.03 -11.54
C GLN A 25 3.38 12.04 -10.39
N ALA A 26 2.31 11.54 -9.75
CA ALA A 26 2.47 10.63 -8.64
C ALA A 26 3.08 9.34 -9.16
N THR A 27 2.64 8.87 -10.33
CA THR A 27 3.17 7.66 -10.93
C THR A 27 4.65 7.81 -11.19
N ALA A 28 5.06 8.94 -11.77
CA ALA A 28 6.47 9.19 -12.02
C ALA A 28 7.30 9.21 -10.74
N GLU A 29 6.75 9.81 -9.69
CA GLU A 29 7.44 9.88 -8.42
C GLU A 29 7.65 8.51 -7.79
N ILE A 30 6.65 7.65 -7.88
CA ILE A 30 6.73 6.30 -7.37
C ILE A 30 7.78 5.50 -8.16
N VAL A 31 7.74 5.59 -9.48
CA VAL A 31 8.74 4.93 -10.32
C VAL A 31 10.15 5.36 -9.95
N GLU A 32 10.37 6.66 -9.83
CA GLU A 32 11.69 7.19 -9.55
C GLU A 32 12.15 6.71 -8.19
N THR A 33 11.27 6.75 -7.21
CA THR A 33 11.61 6.33 -5.85
C THR A 33 12.03 4.88 -5.83
N ALA A 34 11.30 4.03 -6.54
CA ALA A 34 11.59 2.61 -6.60
C ALA A 34 12.94 2.34 -7.26
N LYS A 35 13.16 2.93 -8.42
CA LYS A 35 14.37 2.70 -9.18
C LYS A 35 15.62 3.20 -8.45
N ARG A 36 15.53 4.32 -7.72
CA ARG A 36 16.69 4.89 -6.99
C ARG A 36 17.06 4.10 -5.75
N THR A 37 16.21 3.12 -5.50
CA THR A 37 16.06 2.32 -4.34
C THR A 37 16.72 0.97 -4.58
N GLY A 38 17.05 0.69 -5.84
CA GLY A 38 17.58 -0.61 -6.24
C GLY A 38 16.52 -1.65 -6.57
N ALA A 39 15.27 -1.21 -6.69
CA ALA A 39 14.12 -2.08 -7.03
C ALA A 39 13.77 -1.93 -8.49
N GLN A 40 12.94 -2.84 -8.98
CA GLN A 40 12.54 -2.81 -10.38
C GLN A 40 11.06 -2.48 -10.48
N VAL A 41 10.67 -1.89 -11.58
CA VAL A 41 9.31 -1.47 -11.79
C VAL A 41 8.69 -2.34 -12.86
N ARG A 42 7.43 -2.73 -12.66
CA ARG A 42 6.61 -3.33 -13.70
C ARG A 42 5.45 -2.41 -13.96
N GLY A 43 5.13 -2.19 -15.21
CA GLY A 43 4.26 -1.10 -15.60
C GLY A 43 5.08 0.18 -15.53
N PRO A 44 4.45 1.31 -15.20
CA PRO A 44 3.05 1.49 -14.88
C PRO A 44 2.20 1.40 -16.10
N ILE A 45 0.96 1.00 -15.93
CA ILE A 45 0.02 1.04 -17.03
C ILE A 45 -1.22 1.87 -16.70
N PRO A 46 -1.78 2.52 -17.70
CA PRO A 46 -3.08 3.17 -17.53
C PRO A 46 -4.19 2.19 -17.82
N LEU A 47 -5.28 2.32 -17.08
CA LEU A 47 -6.51 1.57 -17.39
C LEU A 47 -7.50 2.53 -18.03
N PRO A 48 -8.54 2.03 -18.71
CA PRO A 48 -9.55 2.97 -19.21
C PRO A 48 -10.15 3.78 -18.09
N THR A 49 -10.35 5.07 -18.35
CA THR A 49 -10.98 5.97 -17.38
C THR A 49 -12.42 5.57 -17.09
N ARG A 50 -12.80 5.57 -15.81
CA ARG A 50 -14.10 5.07 -15.37
C ARG A 50 -14.71 6.15 -14.50
N SER A 51 -15.93 6.56 -14.82
CA SER A 51 -16.61 7.60 -14.04
C SER A 51 -15.72 8.81 -13.79
N ARG A 52 -15.10 9.28 -14.86
CA ARG A 52 -14.21 10.47 -14.87
C ARG A 52 -12.99 10.32 -13.98
N THR A 53 -12.67 9.08 -13.61
CA THR A 53 -11.55 8.78 -12.73
C THR A 53 -10.48 8.12 -13.54
N HIS A 54 -9.30 8.69 -13.47
CA HIS A 54 -8.11 8.12 -14.08
C HIS A 54 -7.53 7.05 -13.18
N LEU A 55 -6.96 6.01 -13.78
CA LEU A 55 -6.51 4.85 -13.07
C LEU A 55 -5.16 4.44 -13.60
N ARG A 56 -4.25 4.10 -12.69
CA ARG A 56 -2.93 3.56 -13.06
C ARG A 56 -2.61 2.39 -12.16
N LEU A 57 -1.88 1.43 -12.71
CA LEU A 57 -1.34 0.31 -11.92
C LEU A 57 0.16 0.29 -12.06
N VAL A 58 0.86 0.03 -10.97
CA VAL A 58 2.30 -0.13 -11.05
C VAL A 58 2.72 -1.10 -9.97
N ASP A 59 3.72 -1.91 -10.26
CA ASP A 59 4.26 -2.83 -9.26
C ASP A 59 5.74 -2.61 -9.11
N ILE A 60 6.22 -2.94 -7.92
CA ILE A 60 7.65 -2.87 -7.62
C ILE A 60 8.12 -4.27 -7.25
N VAL A 61 9.04 -4.80 -8.04
CA VAL A 61 9.59 -6.11 -7.72
C VAL A 61 10.95 -5.96 -7.09
N GLU A 62 11.37 -7.03 -6.42
CA GLU A 62 12.60 -7.04 -5.61
C GLU A 62 12.70 -5.78 -4.74
N PRO A 63 11.63 -5.45 -4.01
CA PRO A 63 11.77 -4.31 -3.11
C PRO A 63 12.76 -4.61 -1.97
N THR A 64 13.46 -3.57 -1.54
CA THR A 64 14.36 -3.63 -0.39
C THR A 64 13.77 -2.82 0.76
N GLU A 65 14.39 -2.92 1.93
CA GLU A 65 14.03 -2.05 3.06
C GLU A 65 14.18 -0.60 2.66
N LYS A 66 15.25 -0.25 1.94
CA LYS A 66 15.43 1.16 1.45
C LYS A 66 14.25 1.61 0.52
N THR A 67 13.72 0.70 -0.32
CA THR A 67 12.52 0.97 -1.14
C THR A 67 11.31 1.32 -0.30
N VAL A 68 11.03 0.49 0.70
CA VAL A 68 9.86 0.70 1.57
C VAL A 68 10.01 2.03 2.31
N ASP A 69 11.20 2.29 2.83
CA ASP A 69 11.45 3.52 3.55
C ASP A 69 11.31 4.75 2.65
N ALA A 70 11.79 4.64 1.42
CA ALA A 70 11.68 5.74 0.47
C ALA A 70 10.22 6.00 0.08
N LEU A 71 9.44 4.94 -0.06
CA LEU A 71 8.03 5.10 -0.37
C LEU A 71 7.26 5.75 0.79
N MET A 72 7.62 5.39 2.01
CA MET A 72 6.96 5.99 3.15
C MET A 72 7.28 7.48 3.19
N ARG A 73 8.54 7.84 2.94
CA ARG A 73 8.95 9.25 3.02
C ARG A 73 8.32 10.09 1.92
N LEU A 74 8.05 9.48 0.77
CA LEU A 74 7.50 10.20 -0.37
C LEU A 74 6.17 10.84 0.01
N ASP A 75 6.03 12.14 -0.24
CA ASP A 75 4.75 12.84 -0.03
C ASP A 75 3.92 12.90 -1.28
N LEU A 76 2.83 12.14 -1.31
CA LEU A 76 2.00 12.07 -2.49
C LEU A 76 0.95 13.20 -2.43
N ALA A 77 0.77 13.89 -3.56
CA ALA A 77 -0.09 15.07 -3.66
C ALA A 77 -1.49 14.78 -3.18
N ALA A 78 -2.10 15.81 -2.61
CA ALA A 78 -3.54 15.77 -2.40
C ALA A 78 -4.22 15.54 -3.74
N GLY A 79 -5.26 14.73 -3.72
CA GLY A 79 -6.06 14.49 -4.89
C GLY A 79 -5.68 13.22 -5.63
N VAL A 80 -4.75 12.44 -5.10
CA VAL A 80 -4.46 11.12 -5.69
C VAL A 80 -4.67 10.07 -4.60
N ASP A 81 -5.40 9.03 -4.92
CA ASP A 81 -5.60 7.92 -4.03
C ASP A 81 -4.65 6.80 -4.39
N VAL A 82 -3.94 6.30 -3.40
CA VAL A 82 -3.01 5.21 -3.62
C VAL A 82 -3.33 4.04 -2.73
N GLN A 83 -3.65 2.89 -3.33
CA GLN A 83 -3.85 1.62 -2.65
C GLN A 83 -2.57 0.83 -2.82
N ILE A 84 -2.03 0.31 -1.73
CA ILE A 84 -0.70 -0.33 -1.76
C ILE A 84 -0.70 -1.60 -0.94
N SER A 85 -0.06 -2.62 -1.46
CA SER A 85 0.08 -3.89 -0.75
C SER A 85 1.45 -4.47 -1.00
N LEU A 86 1.87 -5.33 -0.07
CA LEU A 86 3.10 -6.07 -0.20
C LEU A 86 2.82 -7.54 0.05
N GLY A 87 3.23 -8.39 -0.87
CA GLY A 87 3.13 -9.84 -0.67
C GLY A 87 3.59 -10.63 -1.88
N ARG B 5 1.96 -12.40 24.07
CA ARG B 5 0.93 -13.45 23.75
C ARG B 5 -0.20 -12.82 22.94
N PRO B 6 0.12 -12.35 21.73
CA PRO B 6 -0.87 -11.73 20.83
C PRO B 6 -2.04 -12.67 20.54
N LYS B 7 -3.22 -12.13 20.39
CA LYS B 7 -4.40 -12.99 20.10
C LYS B 7 -4.58 -13.13 18.60
N THR B 8 -5.00 -14.29 18.14
CA THR B 8 -5.19 -14.49 16.68
C THR B 8 -6.67 -14.33 16.33
N LEU B 9 -7.46 -13.83 17.24
CA LEU B 9 -8.90 -13.65 16.97
C LEU B 9 -9.15 -12.24 16.44
N PHE B 10 -9.27 -12.10 15.15
CA PHE B 10 -9.51 -10.76 14.56
C PHE B 10 -10.87 -10.74 13.83
N GLU B 11 -11.55 -9.63 13.85
CA GLU B 11 -12.87 -9.56 13.16
C GLU B 11 -12.99 -8.22 12.44
N PRO B 12 -13.89 -8.16 11.44
CA PRO B 12 -14.11 -6.93 10.65
C PRO B 12 -14.40 -5.73 11.55
N GLY B 13 -13.70 -4.64 11.35
CA GLY B 13 -13.95 -3.44 12.19
C GLY B 13 -13.04 -3.47 13.41
N GLU B 14 -12.25 -4.50 13.56
CA GLU B 14 -11.34 -4.59 14.73
C GLU B 14 -10.04 -3.85 14.42
N MET B 15 -9.54 -3.07 15.34
CA MET B 15 -8.28 -2.33 15.10
C MET B 15 -7.08 -3.26 15.31
N VAL B 16 -6.03 -3.08 14.57
CA VAL B 16 -4.84 -3.96 14.73
C VAL B 16 -3.58 -3.10 14.84
N ARG B 17 -2.44 -3.70 15.01
CA ARG B 17 -1.18 -2.92 15.12
C ARG B 17 -0.14 -3.49 14.16
N VAL B 18 0.60 -2.64 13.49
CA VAL B 18 1.64 -3.14 12.54
C VAL B 18 3.02 -2.92 13.15
N ASN B 19 3.86 -3.92 13.10
CA ASN B 19 5.22 -3.77 13.67
C ASN B 19 6.25 -4.37 12.71
N ASP B 20 5.89 -4.52 11.46
CA ASP B 20 6.84 -5.10 10.47
C ASP B 20 6.71 -4.35 9.14
N GLY B 21 7.79 -4.24 8.41
CA GLY B 21 7.73 -3.53 7.10
C GLY B 21 7.52 -2.03 7.35
N PRO B 22 7.51 -1.23 6.27
CA PRO B 22 7.33 0.22 6.35
C PRO B 22 6.05 0.59 7.12
N PHE B 23 5.13 -0.33 7.23
CA PHE B 23 3.87 -0.03 7.97
C PHE B 23 4.07 -0.30 9.46
N ALA B 24 5.28 -0.58 9.86
CA ALA B 24 5.54 -0.84 11.30
C ALA B 24 5.30 0.44 12.10
N ASP B 25 4.87 0.32 13.34
CA ASP B 25 4.63 1.53 14.17
C ASP B 25 3.37 2.23 13.68
N PHE B 26 2.43 1.49 13.15
CA PHE B 26 1.17 2.12 12.65
C PHE B 26 -0.03 1.25 13.06
N ASN B 27 -1.17 1.85 13.23
CA ASN B 27 -2.37 1.06 13.63
C ASN B 27 -3.43 1.18 12.53
N GLY B 28 -4.42 0.31 12.54
CA GLY B 28 -5.49 0.38 11.51
C GLY B 28 -6.60 -0.61 11.86
N VAL B 29 -7.56 -0.77 10.98
CA VAL B 29 -8.68 -1.72 11.27
C VAL B 29 -8.71 -2.79 10.18
N VAL B 30 -9.18 -3.96 10.51
CA VAL B 30 -9.25 -5.05 9.49
C VAL B 30 -10.63 -5.07 8.85
N GLU B 31 -10.76 -4.49 7.70
CA GLU B 31 -12.09 -4.47 7.01
C GLU B 31 -12.44 -5.89 6.55
N GLU B 32 -11.47 -6.63 6.12
CA GLU B 32 -11.75 -8.02 5.65
C GLU B 32 -10.71 -8.98 6.24
N VAL B 33 -11.08 -10.20 6.47
CA VAL B 33 -10.11 -11.18 7.05
C VAL B 33 -10.07 -12.44 6.17
N ASP B 34 -8.95 -13.11 6.13
CA ASP B 34 -8.85 -14.33 5.30
C ASP B 34 -8.12 -15.42 6.09
N TYR B 35 -8.84 -16.19 6.85
CA TYR B 35 -8.18 -17.28 7.64
C TYR B 35 -7.62 -18.33 6.69
N GLU B 36 -8.30 -18.61 5.62
CA GLU B 36 -7.80 -19.63 4.66
C GLU B 36 -6.46 -19.16 4.07
N LYS B 37 -6.37 -17.91 3.69
CA LYS B 37 -5.10 -17.40 3.12
C LYS B 37 -4.19 -16.89 4.24
N SER B 38 -4.64 -16.98 5.47
CA SER B 38 -3.80 -16.50 6.60
C SER B 38 -3.35 -15.06 6.33
N ARG B 39 -4.29 -14.19 6.03
CA ARG B 39 -3.92 -12.78 5.75
C ARG B 39 -5.03 -11.86 6.27
N LEU B 40 -4.67 -10.75 6.84
CA LEU B 40 -5.70 -9.81 7.36
C LEU B 40 -5.77 -8.57 6.47
N LYS B 41 -6.95 -8.14 6.11
CA LYS B 41 -7.07 -6.93 5.25
C LYS B 41 -7.23 -5.69 6.13
N VAL B 42 -6.14 -5.03 6.44
CA VAL B 42 -6.24 -3.82 7.30
C VAL B 42 -5.59 -2.64 6.57
N SER B 43 -6.16 -1.47 6.70
CA SER B 43 -5.57 -0.28 6.02
C SER B 43 -4.89 0.62 7.06
N VAL B 44 -3.84 1.29 6.68
CA VAL B 44 -3.14 2.18 7.65
C VAL B 44 -3.39 3.64 7.28
N SER B 45 -3.74 4.45 8.24
CA SER B 45 -4.01 5.89 7.94
C SER B 45 -2.69 6.60 7.65
N ILE B 46 -2.23 6.55 6.43
CA ILE B 46 -0.95 7.22 6.07
C ILE B 46 -1.24 8.46 5.22
N PHE B 47 -0.53 9.53 5.46
CA PHE B 47 -0.77 10.77 4.67
C PHE B 47 -2.21 11.24 4.87
N GLY B 48 -2.85 10.78 5.90
CA GLY B 48 -4.25 11.20 6.16
C GLY B 48 -5.21 10.34 5.33
N ARG B 49 -4.70 9.36 4.65
CA ARG B 49 -5.58 8.47 3.83
C ARG B 49 -5.40 7.02 4.26
N ALA B 50 -6.45 6.25 4.23
CA ALA B 50 -6.34 4.82 4.64
C ALA B 50 -5.52 4.06 3.60
N THR B 51 -4.70 3.14 4.03
CA THR B 51 -3.87 2.36 3.06
C THR B 51 -4.13 0.87 3.26
N PRO B 52 -5.28 0.38 2.79
CA PRO B 52 -5.65 -1.04 2.91
C PRO B 52 -4.51 -1.96 2.48
N VAL B 53 -3.87 -2.60 3.42
CA VAL B 53 -2.75 -3.51 3.07
C VAL B 53 -2.97 -4.87 3.74
N GLU B 54 -2.41 -5.92 3.19
CA GLU B 54 -2.60 -7.27 3.81
C GLU B 54 -1.41 -7.58 4.72
N LEU B 55 -1.68 -7.86 5.97
CA LEU B 55 -0.56 -8.18 6.91
C LEU B 55 -0.82 -9.52 7.58
N ASP B 56 0.21 -10.24 7.90
CA ASP B 56 0.02 -11.57 8.55
C ASP B 56 -0.34 -11.36 10.02
N PHE B 57 -0.83 -12.38 10.67
CA PHE B 57 -1.22 -12.24 12.10
C PHE B 57 0.02 -11.86 12.92
N SER B 58 1.14 -12.47 12.63
CA SER B 58 2.37 -12.14 13.39
C SER B 58 2.92 -10.79 12.92
N GLN B 59 2.65 -10.42 11.71
CA GLN B 59 3.14 -9.11 11.19
C GLN B 59 2.43 -7.97 11.91
N VAL B 60 1.25 -8.21 12.40
CA VAL B 60 0.51 -7.14 13.11
C VAL B 60 0.04 -7.67 14.48
N GLU B 61 -0.24 -6.78 15.41
CA GLU B 61 -0.70 -7.23 16.75
C GLU B 61 -2.15 -6.81 16.97
N LYS B 62 -2.90 -7.57 17.72
CA LYS B 62 -4.32 -7.22 17.96
C LYS B 62 -4.39 -5.97 18.85
N ALA B 63 -5.24 -5.04 18.52
CA ALA B 63 -5.35 -3.80 19.35
C ALA B 63 -6.59 -3.90 20.24
N ASN A 8 10.92 -12.81 -2.83
CA ASN A 8 9.78 -13.20 -3.64
C ASN A 8 8.51 -12.39 -3.35
N GLN A 9 8.65 -11.27 -2.65
CA GLN A 9 7.54 -10.39 -2.38
C GLN A 9 7.56 -9.23 -3.36
N ARG A 10 6.38 -8.67 -3.52
CA ARG A 10 6.09 -7.64 -4.47
C ARG A 10 5.33 -6.52 -3.75
N ILE A 11 5.62 -5.27 -4.08
CA ILE A 11 4.74 -4.16 -3.67
C ILE A 11 3.76 -3.89 -4.83
N ARG A 12 2.48 -3.98 -4.56
CA ARG A 12 1.45 -3.70 -5.55
C ARG A 12 0.78 -2.40 -5.19
N ILE A 13 0.70 -1.52 -6.17
CA ILE A 13 0.12 -0.19 -5.97
C ILE A 13 -0.96 0.07 -7.00
N ARG A 14 -2.08 0.60 -6.54
CA ARG A 14 -3.15 1.08 -7.39
C ARG A 14 -3.37 2.54 -7.06
N LEU A 15 -3.36 3.38 -8.09
CA LEU A 15 -3.60 4.81 -7.96
C LEU A 15 -4.93 5.15 -8.58
N LYS A 16 -5.61 6.11 -7.95
CA LYS A 16 -6.84 6.69 -8.51
C LYS A 16 -6.78 8.18 -8.34
N ALA A 17 -7.38 8.91 -9.28
CA ALA A 17 -7.49 10.38 -9.14
C ALA A 17 -8.52 10.87 -10.09
N PHE A 18 -9.16 11.98 -9.75
CA PHE A 18 -9.99 12.68 -10.76
C PHE A 18 -9.15 13.53 -11.71
N ASP A 19 -7.93 13.91 -11.32
CA ASP A 19 -7.05 14.76 -12.12
C ASP A 19 -5.94 13.92 -12.72
N HIS A 20 -5.92 13.74 -14.04
CA HIS A 20 -4.91 12.91 -14.69
C HIS A 20 -3.50 13.48 -14.50
N ARG A 21 -3.38 14.79 -14.39
CA ARG A 21 -2.06 15.38 -14.20
C ARG A 21 -1.46 14.92 -12.87
N LEU A 22 -2.30 14.89 -11.84
CA LEU A 22 -1.84 14.46 -10.52
C LEU A 22 -1.49 12.98 -10.55
N ILE A 23 -2.27 12.15 -11.24
CA ILE A 23 -2.04 10.71 -11.20
C ILE A 23 -0.75 10.39 -11.93
N ASP A 24 -0.47 11.07 -13.03
CA ASP A 24 0.76 10.77 -13.77
C ASP A 24 1.99 11.27 -13.05
N GLN A 25 1.88 12.39 -12.35
CA GLN A 25 2.98 12.87 -11.52
C GLN A 25 3.26 11.91 -10.36
N ALA A 26 2.21 11.42 -9.69
CA ALA A 26 2.40 10.51 -8.56
C ALA A 26 3.02 9.23 -9.08
N THR A 27 2.56 8.74 -10.22
CA THR A 27 3.09 7.51 -10.81
C THR A 27 4.57 7.67 -11.10
N ALA A 28 4.96 8.80 -11.71
CA ALA A 28 6.35 9.06 -12.00
C ALA A 28 7.20 9.10 -10.74
N GLU A 29 6.68 9.73 -9.70
CA GLU A 29 7.39 9.82 -8.43
C GLU A 29 7.63 8.46 -7.79
N ILE A 30 6.63 7.59 -7.83
CA ILE A 30 6.73 6.25 -7.30
C ILE A 30 7.77 5.44 -8.10
N VAL A 31 7.71 5.52 -9.42
CA VAL A 31 8.70 4.85 -10.26
C VAL A 31 10.11 5.28 -9.93
N GLU A 32 10.32 6.60 -9.85
CA GLU A 32 11.64 7.14 -9.61
C GLU A 32 12.14 6.69 -8.25
N THR A 33 11.27 6.74 -7.24
CA THR A 33 11.64 6.35 -5.89
C THR A 33 12.07 4.90 -5.85
N ALA A 34 11.34 4.03 -6.54
CA ALA A 34 11.64 2.62 -6.58
C ALA A 34 12.97 2.35 -7.26
N LYS A 35 13.17 2.92 -8.44
CA LYS A 35 14.37 2.68 -9.21
C LYS A 35 15.63 3.21 -8.52
N ARG A 36 15.54 4.33 -7.81
CA ARG A 36 16.71 4.93 -7.11
C ARG A 36 17.12 4.17 -5.86
N THR A 37 16.27 3.19 -5.58
CA THR A 37 16.15 2.40 -4.41
C THR A 37 16.82 1.05 -4.64
N GLY A 38 17.13 0.76 -5.90
CA GLY A 38 17.67 -0.55 -6.28
C GLY A 38 16.61 -1.60 -6.57
N ALA A 39 15.35 -1.18 -6.68
CA ALA A 39 14.20 -2.06 -6.97
C ALA A 39 13.83 -1.94 -8.43
N GLN A 40 12.98 -2.86 -8.89
CA GLN A 40 12.56 -2.86 -10.28
C GLN A 40 11.08 -2.54 -10.35
N VAL A 41 10.66 -1.97 -11.45
CA VAL A 41 9.29 -1.57 -11.65
C VAL A 41 8.65 -2.46 -12.69
N ARG A 42 7.41 -2.86 -12.45
CA ARG A 42 6.57 -3.50 -13.47
C ARG A 42 5.40 -2.57 -13.71
N GLY A 43 5.05 -2.38 -14.97
CA GLY A 43 4.16 -1.31 -15.36
C GLY A 43 4.96 -0.02 -15.32
N PRO A 44 4.35 1.11 -15.00
CA PRO A 44 2.95 1.28 -14.65
C PRO A 44 2.07 1.16 -15.86
N ILE A 45 0.84 0.76 -15.64
CA ILE A 45 -0.12 0.77 -16.73
C ILE A 45 -1.36 1.58 -16.40
N PRO A 46 -1.96 2.21 -17.40
CA PRO A 46 -3.26 2.86 -17.21
C PRO A 46 -4.37 1.87 -17.46
N LEU A 47 -5.43 2.00 -16.70
CA LEU A 47 -6.66 1.23 -16.97
C LEU A 47 -7.67 2.18 -17.60
N PRO A 48 -8.72 1.65 -18.25
CA PRO A 48 -9.75 2.57 -18.75
C PRO A 48 -10.34 3.41 -17.63
N THR A 49 -10.56 4.68 -17.90
CA THR A 49 -11.18 5.60 -16.94
C THR A 49 -12.61 5.19 -16.61
N ARG A 50 -12.95 5.21 -15.32
CA ARG A 50 -14.25 4.71 -14.85
C ARG A 50 -14.84 5.78 -13.99
N SER A 51 -16.08 6.18 -14.29
CA SER A 51 -16.75 7.23 -13.51
C SER A 51 -15.87 8.45 -13.31
N ARG A 52 -15.27 8.91 -14.40
CA ARG A 52 -14.39 10.11 -14.44
C ARG A 52 -13.16 9.98 -13.58
N THR A 53 -12.82 8.76 -13.20
CA THR A 53 -11.68 8.47 -12.33
C THR A 53 -10.61 7.81 -13.15
N HIS A 54 -9.43 8.40 -13.12
CA HIS A 54 -8.25 7.82 -13.74
C HIS A 54 -7.65 6.78 -12.84
N LEU A 55 -7.08 5.73 -13.42
CA LEU A 55 -6.61 4.59 -12.71
C LEU A 55 -5.27 4.17 -13.26
N ARG A 56 -4.34 3.86 -12.37
CA ARG A 56 -3.03 3.33 -12.74
C ARG A 56 -2.67 2.18 -11.83
N LEU A 57 -1.94 1.22 -12.37
CA LEU A 57 -1.37 0.11 -11.59
C LEU A 57 0.12 0.10 -11.75
N VAL A 58 0.85 -0.13 -10.68
CA VAL A 58 2.28 -0.28 -10.78
C VAL A 58 2.74 -1.23 -9.70
N ASP A 59 3.74 -2.04 -9.99
CA ASP A 59 4.30 -2.93 -8.99
C ASP A 59 5.79 -2.69 -8.87
N ILE A 60 6.30 -3.01 -7.69
CA ILE A 60 7.73 -2.92 -7.42
C ILE A 60 8.22 -4.31 -7.04
N VAL A 61 9.13 -4.85 -7.84
CA VAL A 61 9.70 -6.15 -7.51
C VAL A 61 11.08 -5.97 -6.90
N GLU A 62 11.50 -7.02 -6.23
CA GLU A 62 12.76 -7.01 -5.45
C GLU A 62 12.87 -5.73 -4.60
N PRO A 63 11.81 -5.40 -3.85
CA PRO A 63 11.95 -4.24 -2.97
C PRO A 63 12.97 -4.51 -1.85
N THR A 64 13.66 -3.47 -1.45
CA THR A 64 14.59 -3.50 -0.32
C THR A 64 14.01 -2.67 0.83
N GLU A 65 14.65 -2.74 1.99
CA GLU A 65 14.32 -1.86 3.11
C GLU A 65 14.45 -0.40 2.68
N LYS A 66 15.50 -0.06 1.93
CA LYS A 66 15.65 1.33 1.41
C LYS A 66 14.45 1.76 0.51
N THR A 67 13.92 0.83 -0.31
CA THR A 67 12.70 1.07 -1.10
C THR A 67 11.52 1.43 -0.25
N VAL A 68 11.25 0.61 0.78
CA VAL A 68 10.10 0.83 1.65
C VAL A 68 10.25 2.17 2.38
N ASP A 69 11.45 2.45 2.87
CA ASP A 69 11.70 3.69 3.56
C ASP A 69 11.53 4.92 2.64
N ALA A 70 11.99 4.79 1.41
CA ALA A 70 11.84 5.87 0.44
C ALA A 70 10.38 6.10 0.08
N LEU A 71 9.61 5.04 -0.03
CA LEU A 71 8.18 5.17 -0.31
C LEU A 71 7.44 5.84 0.85
N MET A 72 7.82 5.52 2.07
CA MET A 72 7.19 6.12 3.21
C MET A 72 7.49 7.62 3.22
N ARG A 73 8.74 7.98 2.93
CA ARG A 73 9.14 9.39 2.97
C ARG A 73 8.48 10.21 1.89
N LEU A 74 8.20 9.58 0.74
CA LEU A 74 7.61 10.28 -0.39
C LEU A 74 6.28 10.90 0.01
N ASP A 75 6.13 12.20 -0.27
CA ASP A 75 4.84 12.90 -0.03
C ASP A 75 3.99 12.92 -1.28
N LEU A 76 2.90 12.16 -1.27
CA LEU A 76 2.05 12.06 -2.43
C LEU A 76 1.00 13.18 -2.36
N ALA A 77 0.80 13.86 -3.50
CA ALA A 77 -0.09 15.02 -3.60
C ALA A 77 -1.48 14.73 -3.09
N ALA A 78 -2.09 15.76 -2.52
CA ALA A 78 -3.52 15.72 -2.28
C ALA A 78 -4.23 15.46 -3.61
N GLY A 79 -5.25 14.64 -3.55
CA GLY A 79 -6.08 14.37 -4.69
C GLY A 79 -5.71 13.09 -5.42
N VAL A 80 -4.75 12.33 -4.90
CA VAL A 80 -4.45 11.00 -5.47
C VAL A 80 -4.64 9.96 -4.37
N ASP A 81 -5.37 8.91 -4.65
CA ASP A 81 -5.54 7.81 -3.73
C ASP A 81 -4.58 6.70 -4.10
N VAL A 82 -3.85 6.22 -3.11
CA VAL A 82 -2.91 5.15 -3.33
C VAL A 82 -3.22 3.98 -2.43
N GLN A 83 -3.53 2.83 -3.00
CA GLN A 83 -3.70 1.56 -2.28
C GLN A 83 -2.42 0.77 -2.48
N ILE A 84 -1.85 0.29 -1.39
CA ILE A 84 -0.52 -0.34 -1.43
C ILE A 84 -0.49 -1.60 -0.59
N SER A 85 0.15 -2.63 -1.11
CA SER A 85 0.32 -3.89 -0.38
C SER A 85 1.68 -4.46 -0.64
N LEU A 86 2.12 -5.29 0.29
CA LEU A 86 3.37 -6.04 0.15
C LEU A 86 3.11 -7.49 0.43
N GLY A 87 3.50 -8.36 -0.50
CA GLY A 87 3.41 -9.80 -0.27
C GLY A 87 3.86 -10.61 -1.46
N ARG B 5 1.86 -12.58 23.67
CA ARG B 5 0.83 -13.60 23.36
C ARG B 5 -0.31 -12.96 22.55
N PRO B 6 0.02 -12.46 21.34
CA PRO B 6 -0.96 -11.82 20.47
C PRO B 6 -2.15 -12.74 20.17
N LYS B 7 -3.32 -12.19 20.02
CA LYS B 7 -4.52 -13.02 19.73
C LYS B 7 -4.70 -13.13 18.21
N THR B 8 -5.14 -14.27 17.74
CA THR B 8 -5.33 -14.45 16.27
C THR B 8 -6.81 -14.27 15.94
N LEU B 9 -7.59 -13.76 16.86
CA LEU B 9 -9.04 -13.57 16.59
C LEU B 9 -9.27 -12.15 16.08
N PHE B 10 -9.38 -11.98 14.79
CA PHE B 10 -9.61 -10.62 14.23
C PHE B 10 -10.96 -10.58 13.51
N GLU B 11 -11.63 -9.46 13.55
CA GLU B 11 -12.95 -9.36 12.86
C GLU B 11 -13.06 -8.01 12.16
N PRO B 12 -13.95 -7.91 11.16
CA PRO B 12 -14.16 -6.68 10.40
C PRO B 12 -14.43 -5.48 11.32
N GLY B 13 -13.73 -4.41 11.13
CA GLY B 13 -13.95 -3.21 11.98
C GLY B 13 -13.03 -3.27 13.21
N GLU B 14 -12.26 -4.32 13.33
CA GLU B 14 -11.34 -4.43 14.51
C GLU B 14 -10.03 -3.71 14.20
N MET B 15 -9.53 -2.95 15.13
CA MET B 15 -8.26 -2.22 14.90
C MET B 15 -7.08 -3.17 15.10
N VAL B 16 -6.03 -2.99 14.35
CA VAL B 16 -4.84 -3.90 14.50
C VAL B 16 -3.57 -3.05 14.62
N ARG B 17 -2.44 -3.68 14.77
CA ARG B 17 -1.17 -2.92 14.89
C ARG B 17 -0.13 -3.48 13.92
N VAL B 18 0.60 -2.64 13.27
CA VAL B 18 1.64 -3.13 12.31
C VAL B 18 3.03 -2.94 12.90
N ASN B 19 3.85 -3.95 12.85
CA ASN B 19 5.23 -3.83 13.42
C ASN B 19 6.24 -4.43 12.44
N ASP B 20 5.87 -4.54 11.19
CA ASP B 20 6.82 -5.13 10.19
C ASP B 20 6.69 -4.36 8.87
N GLY B 21 7.77 -4.25 8.14
CA GLY B 21 7.71 -3.51 6.84
C GLY B 21 7.53 -2.01 7.11
N PRO B 22 7.52 -1.21 6.05
CA PRO B 22 7.36 0.24 6.16
C PRO B 22 6.09 0.62 6.93
N PHE B 23 5.15 -0.28 7.03
CA PHE B 23 3.90 0.03 7.77
C PHE B 23 4.10 -0.26 9.26
N ALA B 24 5.31 -0.58 9.66
CA ALA B 24 5.57 -0.87 11.10
C ALA B 24 5.35 0.40 11.92
N ASP B 25 4.93 0.27 13.14
CA ASP B 25 4.70 1.46 13.99
C ASP B 25 3.44 2.19 13.52
N PHE B 26 2.50 1.48 12.98
CA PHE B 26 1.24 2.13 12.50
C PHE B 26 0.03 1.27 12.89
N ASN B 27 -1.10 1.88 13.08
CA ASN B 27 -2.31 1.10 13.46
C ASN B 27 -3.38 1.26 12.38
N GLY B 28 -4.36 0.40 12.38
CA GLY B 28 -5.43 0.50 11.35
C GLY B 28 -6.57 -0.47 11.68
N VAL B 29 -7.52 -0.61 10.81
CA VAL B 29 -8.65 -1.55 11.08
C VAL B 29 -8.71 -2.60 9.98
N VAL B 30 -9.19 -3.77 10.29
CA VAL B 30 -9.27 -4.84 9.26
C VAL B 30 -10.66 -4.83 8.61
N GLU B 31 -10.80 -4.23 7.47
CA GLU B 31 -12.12 -4.18 6.79
C GLU B 31 -12.49 -5.59 6.30
N GLU B 32 -11.53 -6.35 5.86
CA GLU B 32 -11.83 -7.72 5.37
C GLU B 32 -10.80 -8.70 5.94
N VAL B 33 -11.19 -9.92 6.16
CA VAL B 33 -10.23 -10.93 6.71
C VAL B 33 -10.21 -12.16 5.82
N ASP B 34 -9.10 -12.84 5.76
CA ASP B 34 -9.01 -14.06 4.90
C ASP B 34 -8.30 -15.17 5.68
N TYR B 35 -9.03 -15.95 6.43
CA TYR B 35 -8.39 -17.05 7.21
C TYR B 35 -7.84 -18.09 6.24
N GLU B 36 -8.53 -18.35 5.16
CA GLU B 36 -8.04 -19.36 4.19
C GLU B 36 -6.70 -18.90 3.60
N LYS B 37 -6.59 -17.65 3.24
CA LYS B 37 -5.32 -17.15 2.67
C LYS B 37 -4.40 -16.67 3.80
N SER B 38 -4.84 -16.78 5.02
CA SER B 38 -3.99 -16.32 6.16
C SER B 38 -3.54 -14.88 5.91
N ARG B 39 -4.45 -14.01 5.63
CA ARG B 39 -4.07 -12.59 5.37
C ARG B 39 -5.16 -11.66 5.90
N LEU B 40 -4.79 -10.56 6.50
CA LEU B 40 -5.82 -9.62 7.04
C LEU B 40 -5.86 -8.36 6.17
N LYS B 41 -7.03 -7.91 5.82
CA LYS B 41 -7.13 -6.69 4.98
C LYS B 41 -7.28 -5.45 5.87
N VAL B 42 -6.19 -4.82 6.20
CA VAL B 42 -6.26 -3.62 7.07
C VAL B 42 -5.59 -2.43 6.37
N SER B 43 -6.15 -1.26 6.51
CA SER B 43 -5.54 -0.06 5.85
C SER B 43 -4.85 0.81 6.90
N VAL B 44 -3.79 1.47 6.53
CA VAL B 44 -3.07 2.33 7.50
C VAL B 44 -3.31 3.80 7.17
N SER B 45 -3.65 4.60 8.14
CA SER B 45 -3.89 6.05 7.87
C SER B 45 -2.56 6.74 7.58
N ILE B 46 -2.11 6.70 6.36
CA ILE B 46 -0.83 7.37 6.01
C ILE B 46 -1.10 8.62 5.18
N PHE B 47 -0.38 9.67 5.43
CA PHE B 47 -0.60 10.93 4.65
C PHE B 47 -2.02 11.42 4.87
N GLY B 48 -2.68 10.96 5.91
CA GLY B 48 -4.07 11.40 6.17
C GLY B 48 -5.04 10.56 5.33
N ARG B 49 -4.55 9.57 4.63
CA ARG B 49 -5.44 8.72 3.80
C ARG B 49 -5.28 7.26 4.20
N ALA B 50 -6.34 6.50 4.17
CA ALA B 50 -6.25 5.06 4.55
C ALA B 50 -5.43 4.31 3.49
N THR B 51 -4.63 3.38 3.91
CA THR B 51 -3.82 2.59 2.93
C THR B 51 -4.09 1.10 3.10
N PRO B 52 -5.25 0.64 2.62
CA PRO B 52 -5.65 -0.77 2.73
C PRO B 52 -4.51 -1.71 2.29
N VAL B 53 -3.88 -2.37 3.20
CA VAL B 53 -2.78 -3.30 2.84
C VAL B 53 -3.01 -4.66 3.50
N GLU B 54 -2.47 -5.70 2.92
CA GLU B 54 -2.67 -7.06 3.52
C GLU B 54 -1.49 -7.39 4.43
N LEU B 55 -1.75 -7.70 5.66
CA LEU B 55 -0.64 -8.04 6.60
C LEU B 55 -0.92 -9.39 7.25
N ASP B 56 0.11 -10.14 7.55
CA ASP B 56 -0.09 -11.48 8.19
C ASP B 56 -0.46 -11.28 9.66
N PHE B 57 -0.97 -12.31 10.29
CA PHE B 57 -1.34 -12.19 11.72
C PHE B 57 -0.10 -11.84 12.55
N SER B 58 1.02 -12.45 12.24
CA SER B 58 2.26 -12.15 13.01
C SER B 58 2.83 -10.81 12.56
N GLN B 59 2.54 -10.40 11.35
CA GLN B 59 3.05 -9.10 10.85
C GLN B 59 2.36 -7.96 11.59
N VAL B 60 1.18 -8.20 12.09
CA VAL B 60 0.45 -7.12 12.82
C VAL B 60 -0.02 -7.66 14.18
N GLU B 61 -0.28 -6.80 15.11
CA GLU B 61 -0.74 -7.26 16.45
C GLU B 61 -2.18 -6.82 16.68
N LYS B 62 -2.94 -7.58 17.42
CA LYS B 62 -4.36 -7.21 17.67
C LYS B 62 -4.41 -5.98 18.59
N ALA B 63 -5.25 -5.03 18.27
CA ALA B 63 -5.35 -3.81 19.12
C ALA B 63 -6.58 -3.90 20.02
N ASN A 8 11.20 -12.86 -3.41
CA ASN A 8 10.07 -13.22 -4.25
C ASN A 8 8.79 -12.45 -3.95
N GLN A 9 8.92 -11.35 -3.20
CA GLN A 9 7.79 -10.50 -2.92
C GLN A 9 7.80 -9.31 -3.85
N ARG A 10 6.61 -8.76 -4.00
CA ARG A 10 6.31 -7.70 -4.91
C ARG A 10 5.54 -6.62 -4.15
N ILE A 11 5.80 -5.35 -4.45
CA ILE A 11 4.91 -4.27 -4.00
C ILE A 11 3.93 -3.97 -5.16
N ARG A 12 2.65 -4.08 -4.90
CA ARG A 12 1.63 -3.78 -5.90
C ARG A 12 0.93 -2.51 -5.49
N ILE A 13 0.85 -1.60 -6.44
CA ILE A 13 0.24 -0.29 -6.20
C ILE A 13 -0.83 -0.01 -7.22
N ARG A 14 -1.97 0.49 -6.75
CA ARG A 14 -3.04 0.99 -7.59
C ARG A 14 -3.28 2.43 -7.21
N LEU A 15 -3.27 3.30 -8.21
CA LEU A 15 -3.54 4.73 -8.03
C LEU A 15 -4.88 5.08 -8.65
N LYS A 16 -5.56 6.00 -8.00
CA LYS A 16 -6.79 6.59 -8.54
C LYS A 16 -6.77 8.07 -8.32
N ALA A 17 -7.36 8.82 -9.23
CA ALA A 17 -7.50 10.28 -9.04
C ALA A 17 -8.54 10.80 -9.98
N PHE A 18 -9.19 11.87 -9.61
CA PHE A 18 -10.02 12.61 -10.59
C PHE A 18 -9.18 13.50 -11.50
N ASP A 19 -7.98 13.88 -11.09
CA ASP A 19 -7.11 14.77 -11.86
C ASP A 19 -5.96 13.97 -12.47
N HIS A 20 -5.94 13.85 -13.79
CA HIS A 20 -4.92 13.05 -14.47
C HIS A 20 -3.52 13.63 -14.26
N ARG A 21 -3.42 14.94 -14.09
CA ARG A 21 -2.09 15.54 -13.87
C ARG A 21 -1.51 15.04 -12.55
N LEU A 22 -2.35 14.96 -11.54
CA LEU A 22 -1.89 14.48 -10.22
C LEU A 22 -1.53 13.01 -10.30
N ILE A 23 -2.30 12.21 -11.03
CA ILE A 23 -2.05 10.78 -11.04
C ILE A 23 -0.74 10.49 -11.77
N ASP A 24 -0.46 11.21 -12.85
CA ASP A 24 0.78 10.95 -13.60
C ASP A 24 1.99 11.45 -12.84
N GLN A 25 1.85 12.54 -12.10
CA GLN A 25 2.95 13.01 -11.24
C GLN A 25 3.24 12.01 -10.12
N ALA A 26 2.19 11.48 -9.47
CA ALA A 26 2.38 10.55 -8.37
C ALA A 26 3.03 9.28 -8.94
N THR A 27 2.58 8.82 -10.10
CA THR A 27 3.13 7.63 -10.72
C THR A 27 4.61 7.83 -11.00
N ALA A 28 4.98 8.98 -11.57
CA ALA A 28 6.39 9.26 -11.83
C ALA A 28 7.22 9.27 -10.55
N GLU A 29 6.68 9.84 -9.51
CA GLU A 29 7.38 9.92 -8.22
C GLU A 29 7.63 8.53 -7.63
N ILE A 30 6.65 7.65 -7.72
CA ILE A 30 6.77 6.29 -7.24
C ILE A 30 7.82 5.53 -8.06
N VAL A 31 7.77 5.66 -9.38
CA VAL A 31 8.77 5.03 -10.24
C VAL A 31 10.17 5.47 -9.88
N GLU A 32 10.37 6.79 -9.74
CA GLU A 32 11.69 7.34 -9.46
C GLU A 32 12.17 6.85 -8.13
N THR A 33 11.29 6.85 -7.13
CA THR A 33 11.67 6.42 -5.78
C THR A 33 12.12 4.97 -5.80
N ALA A 34 11.40 4.12 -6.51
CA ALA A 34 11.73 2.71 -6.61
C ALA A 34 13.07 2.48 -7.29
N LYS A 35 13.26 3.11 -8.44
CA LYS A 35 14.47 2.91 -9.22
C LYS A 35 15.71 3.43 -8.49
N ARG A 36 15.60 4.53 -7.74
CA ARG A 36 16.77 5.11 -7.02
C ARG A 36 17.17 4.31 -5.79
N THR A 37 16.34 3.31 -5.55
CA THR A 37 16.23 2.48 -4.40
C THR A 37 16.92 1.14 -4.68
N GLY A 38 17.24 0.91 -5.95
CA GLY A 38 17.79 -0.37 -6.37
C GLY A 38 16.76 -1.43 -6.71
N ALA A 39 15.50 -1.03 -6.81
CA ALA A 39 14.36 -1.91 -7.15
C ALA A 39 13.98 -1.75 -8.61
N GLN A 40 13.18 -2.66 -9.11
CA GLN A 40 12.75 -2.62 -10.50
C GLN A 40 11.27 -2.33 -10.56
N VAL A 41 10.84 -1.72 -11.65
CA VAL A 41 9.47 -1.32 -11.83
C VAL A 41 8.86 -2.19 -12.92
N ARG A 42 7.62 -2.62 -12.71
CA ARG A 42 6.80 -3.22 -13.75
C ARG A 42 5.61 -2.31 -13.98
N GLY A 43 5.27 -2.08 -15.23
CA GLY A 43 4.37 -1.01 -15.58
C GLY A 43 5.16 0.29 -15.49
N PRO A 44 4.52 1.39 -15.13
CA PRO A 44 3.11 1.54 -14.79
C PRO A 44 2.24 1.45 -16.01
N ILE A 45 1.02 1.03 -15.82
CA ILE A 45 0.06 1.06 -16.91
C ILE A 45 -1.19 1.85 -16.56
N PRO A 46 -1.79 2.51 -17.54
CA PRO A 46 -3.10 3.11 -17.34
C PRO A 46 -4.19 2.12 -17.63
N LEU A 47 -5.26 2.21 -16.88
CA LEU A 47 -6.48 1.44 -17.19
C LEU A 47 -7.50 2.39 -17.79
N PRO A 48 -8.54 1.86 -18.48
CA PRO A 48 -9.58 2.79 -18.95
C PRO A 48 -10.19 3.58 -17.80
N THR A 49 -10.42 4.85 -18.03
CA THR A 49 -11.06 5.73 -17.04
C THR A 49 -12.49 5.29 -16.73
N ARG A 50 -12.84 5.26 -15.45
CA ARG A 50 -14.12 4.73 -15.00
C ARG A 50 -14.75 5.76 -14.11
N SER A 51 -15.99 6.15 -14.40
CA SER A 51 -16.68 7.16 -13.59
C SER A 51 -15.82 8.38 -13.34
N ARG A 52 -15.21 8.89 -14.40
CA ARG A 52 -14.37 10.10 -14.41
C ARG A 52 -13.12 9.96 -13.53
N THR A 53 -12.78 8.73 -13.20
CA THR A 53 -11.63 8.43 -12.33
C THR A 53 -10.54 7.81 -13.16
N HIS A 54 -9.39 8.42 -13.10
CA HIS A 54 -8.19 7.88 -13.74
C HIS A 54 -7.58 6.82 -12.86
N LEU A 55 -7.00 5.80 -13.49
CA LEU A 55 -6.51 4.64 -12.81
C LEU A 55 -5.15 4.26 -13.36
N ARG A 56 -4.23 3.93 -12.48
CA ARG A 56 -2.90 3.43 -12.86
C ARG A 56 -2.54 2.26 -11.99
N LEU A 57 -1.78 1.32 -12.56
CA LEU A 57 -1.21 0.20 -11.81
C LEU A 57 0.28 0.22 -11.96
N VAL A 58 1.00 -0.04 -10.88
CA VAL A 58 2.45 -0.17 -10.98
C VAL A 58 2.90 -1.15 -9.94
N ASP A 59 3.93 -1.94 -10.25
CA ASP A 59 4.49 -2.85 -9.27
C ASP A 59 5.97 -2.60 -9.13
N ILE A 60 6.47 -2.95 -7.96
CA ILE A 60 7.90 -2.85 -7.67
C ILE A 60 8.41 -4.23 -7.34
N VAL A 61 9.33 -4.74 -8.15
CA VAL A 61 9.92 -6.04 -7.86
C VAL A 61 11.29 -5.88 -7.24
N GLU A 62 11.73 -6.94 -6.60
CA GLU A 62 12.98 -6.94 -5.81
C GLU A 62 13.05 -5.68 -4.92
N PRO A 63 11.99 -5.40 -4.16
CA PRO A 63 12.11 -4.27 -3.25
C PRO A 63 13.13 -4.57 -2.13
N THR A 64 13.80 -3.52 -1.69
CA THR A 64 14.72 -3.58 -0.55
C THR A 64 14.11 -2.81 0.63
N GLU A 65 14.75 -2.91 1.79
CA GLU A 65 14.40 -2.08 2.93
C GLU A 65 14.51 -0.60 2.56
N LYS A 66 15.56 -0.22 1.84
CA LYS A 66 15.69 1.20 1.37
C LYS A 66 14.50 1.63 0.47
N THR A 67 13.98 0.73 -0.39
CA THR A 67 12.76 0.98 -1.19
C THR A 67 11.56 1.30 -0.32
N VAL A 68 11.31 0.43 0.67
CA VAL A 68 10.15 0.60 1.54
C VAL A 68 10.27 1.92 2.31
N ASP A 69 11.46 2.20 2.82
CA ASP A 69 11.69 3.42 3.57
C ASP A 69 11.51 4.67 2.69
N ALA A 70 11.98 4.59 1.46
CA ALA A 70 11.83 5.71 0.52
C ALA A 70 10.37 5.94 0.16
N LEU A 71 9.60 4.85 0.00
CA LEU A 71 8.19 4.98 -0.28
C LEU A 71 7.42 5.61 0.90
N MET A 72 7.80 5.23 2.11
CA MET A 72 7.15 5.79 3.27
C MET A 72 7.43 7.29 3.33
N ARG A 73 8.67 7.69 3.07
CA ARG A 73 9.06 9.10 3.17
C ARG A 73 8.39 9.94 2.10
N LEU A 74 8.12 9.35 0.94
CA LEU A 74 7.54 10.09 -0.18
C LEU A 74 6.19 10.68 0.23
N ASP A 75 6.02 11.98 0.00
CA ASP A 75 4.72 12.65 0.25
C ASP A 75 3.88 12.70 -1.00
N LEU A 76 2.81 11.93 -1.02
CA LEU A 76 1.97 11.85 -2.19
C LEU A 76 0.90 12.96 -2.10
N ALA A 77 0.69 13.67 -3.21
CA ALA A 77 -0.21 14.82 -3.28
C ALA A 77 -1.59 14.50 -2.79
N ALA A 78 -2.23 15.49 -2.19
CA ALA A 78 -3.66 15.42 -1.96
C ALA A 78 -4.35 15.20 -3.30
N GLY A 79 -5.37 14.36 -3.28
CA GLY A 79 -6.17 14.13 -4.44
C GLY A 79 -5.79 12.88 -5.21
N VAL A 80 -4.82 12.11 -4.71
CA VAL A 80 -4.50 10.81 -5.32
C VAL A 80 -4.68 9.74 -4.26
N ASP A 81 -5.39 8.68 -4.59
CA ASP A 81 -5.55 7.55 -3.71
C ASP A 81 -4.57 6.46 -4.11
N VAL A 82 -3.84 5.96 -3.13
CA VAL A 82 -2.89 4.91 -3.39
C VAL A 82 -3.18 3.71 -2.53
N GLN A 83 -3.47 2.57 -3.15
CA GLN A 83 -3.64 1.28 -2.47
C GLN A 83 -2.34 0.52 -2.68
N ILE A 84 -1.77 -0.01 -1.61
CA ILE A 84 -0.43 -0.62 -1.67
C ILE A 84 -0.38 -1.89 -0.87
N SER A 85 0.27 -2.90 -1.42
CA SER A 85 0.46 -4.18 -0.73
C SER A 85 1.83 -4.73 -1.01
N LEU A 86 2.27 -5.58 -0.10
CA LEU A 86 3.53 -6.30 -0.26
C LEU A 86 3.29 -7.77 -0.03
N GLY A 87 3.70 -8.59 -0.99
CA GLY A 87 3.63 -10.05 -0.81
C GLY A 87 4.10 -10.81 -2.04
N ARG B 5 1.96 -12.22 23.86
CA ARG B 5 0.91 -13.25 23.58
C ARG B 5 -0.23 -12.62 22.77
N PRO B 6 0.07 -12.16 21.55
CA PRO B 6 -0.91 -11.53 20.67
C PRO B 6 -2.11 -12.45 20.41
N LYS B 7 -3.28 -11.90 20.27
CA LYS B 7 -4.48 -12.75 20.02
C LYS B 7 -4.69 -12.90 18.52
N THR B 8 -5.14 -14.05 18.08
CA THR B 8 -5.36 -14.26 16.62
C THR B 8 -6.84 -14.08 16.30
N LEU B 9 -7.59 -13.57 17.22
CA LEU B 9 -9.05 -13.37 16.97
C LEU B 9 -9.29 -11.95 16.42
N PHE B 10 -9.42 -11.83 15.14
CA PHE B 10 -9.65 -10.48 14.54
C PHE B 10 -11.01 -10.45 13.84
N GLU B 11 -11.68 -9.34 13.86
CA GLU B 11 -13.01 -9.25 13.19
C GLU B 11 -13.12 -7.91 12.45
N PRO B 12 -14.04 -7.85 11.47
CA PRO B 12 -14.26 -6.63 10.68
C PRO B 12 -14.52 -5.41 11.57
N GLY B 13 -13.81 -4.34 11.34
CA GLY B 13 -14.02 -3.11 12.17
C GLY B 13 -13.08 -3.15 13.38
N GLU B 14 -12.30 -4.19 13.52
CA GLU B 14 -11.37 -4.29 14.68
C GLU B 14 -10.07 -3.57 14.34
N MET B 15 -9.55 -2.79 15.24
CA MET B 15 -8.28 -2.07 14.97
C MET B 15 -7.09 -3.02 15.18
N VAL B 16 -6.05 -2.86 14.41
CA VAL B 16 -4.87 -3.76 14.56
C VAL B 16 -3.60 -2.92 14.64
N ARG B 17 -2.46 -3.55 14.79
CA ARG B 17 -1.19 -2.78 14.87
C ARG B 17 -0.17 -3.37 13.90
N VAL B 18 0.56 -2.55 13.21
CA VAL B 18 1.58 -3.07 12.24
C VAL B 18 2.98 -2.88 12.82
N ASN B 19 3.80 -3.89 12.78
CA ASN B 19 5.18 -3.75 13.32
C ASN B 19 6.17 -4.38 12.34
N ASP B 20 5.79 -4.53 11.11
CA ASP B 20 6.72 -5.13 10.11
C ASP B 20 6.57 -4.40 8.77
N GLY B 21 7.63 -4.31 8.02
CA GLY B 21 7.56 -3.61 6.70
C GLY B 21 7.40 -2.11 6.94
N PRO B 22 7.36 -1.32 5.85
CA PRO B 22 7.22 0.13 5.92
C PRO B 22 5.96 0.53 6.71
N PHE B 23 5.02 -0.37 6.84
CA PHE B 23 3.78 -0.04 7.59
C PHE B 23 4.00 -0.30 9.08
N ALA B 24 5.22 -0.60 9.47
CA ALA B 24 5.49 -0.85 10.91
C ALA B 24 5.30 0.44 11.71
N ASP B 25 4.88 0.34 12.94
CA ASP B 25 4.68 1.56 13.76
C ASP B 25 3.41 2.28 13.30
N PHE B 26 2.45 1.55 12.79
CA PHE B 26 1.20 2.20 12.31
C PHE B 26 0.00 1.35 12.74
N ASN B 27 -1.13 1.96 12.93
CA ASN B 27 -2.34 1.20 13.35
C ASN B 27 -3.42 1.33 12.28
N GLY B 28 -4.42 0.48 12.32
CA GLY B 28 -5.50 0.55 11.30
C GLY B 28 -6.62 -0.41 11.68
N VAL B 29 -7.60 -0.57 10.83
CA VAL B 29 -8.73 -1.49 11.14
C VAL B 29 -8.80 -2.58 10.07
N VAL B 30 -9.29 -3.74 10.42
CA VAL B 30 -9.39 -4.84 9.42
C VAL B 30 -10.78 -4.83 8.80
N GLU B 31 -10.92 -4.27 7.63
CA GLU B 31 -12.26 -4.23 6.97
C GLU B 31 -12.65 -5.65 6.53
N GLU B 32 -11.69 -6.42 6.09
CA GLU B 32 -12.01 -7.80 5.65
C GLU B 32 -10.97 -8.77 6.22
N VAL B 33 -11.36 -9.99 6.48
CA VAL B 33 -10.40 -10.98 7.05
C VAL B 33 -10.39 -12.24 6.19
N ASP B 34 -9.28 -12.92 6.13
CA ASP B 34 -9.21 -14.16 5.31
C ASP B 34 -8.49 -15.26 6.09
N TYR B 35 -9.20 -16.01 6.88
CA TYR B 35 -8.55 -17.10 7.67
C TYR B 35 -8.02 -18.17 6.72
N GLU B 36 -8.72 -18.44 5.66
CA GLU B 36 -8.26 -19.48 4.70
C GLU B 36 -6.93 -19.04 4.09
N LYS B 37 -6.83 -17.80 3.70
CA LYS B 37 -5.56 -17.32 3.09
C LYS B 37 -4.62 -16.80 4.19
N SER B 38 -5.04 -16.89 5.43
CA SER B 38 -4.17 -16.41 6.54
C SER B 38 -3.72 -14.98 6.25
N ARG B 39 -4.64 -14.10 5.95
CA ARG B 39 -4.25 -12.68 5.66
C ARG B 39 -5.34 -11.75 6.18
N LEU B 40 -4.95 -10.63 6.74
CA LEU B 40 -5.97 -9.67 7.27
C LEU B 40 -6.02 -8.44 6.37
N LYS B 41 -7.20 -8.00 6.02
CA LYS B 41 -7.31 -6.80 5.15
C LYS B 41 -7.44 -5.54 6.01
N VAL B 42 -6.34 -4.90 6.31
CA VAL B 42 -6.40 -3.68 7.16
C VAL B 42 -5.74 -2.50 6.41
N SER B 43 -6.29 -1.32 6.53
CA SER B 43 -5.70 -0.15 5.83
C SER B 43 -4.98 0.74 6.85
N VAL B 44 -3.93 1.39 6.44
CA VAL B 44 -3.20 2.28 7.38
C VAL B 44 -3.44 3.74 7.01
N SER B 45 -3.75 4.57 7.96
CA SER B 45 -4.00 6.00 7.65
C SER B 45 -2.68 6.69 7.33
N ILE B 46 -2.24 6.61 6.10
CA ILE B 46 -0.96 7.26 5.72
C ILE B 46 -1.25 8.49 4.86
N PHE B 47 -0.52 9.56 5.07
CA PHE B 47 -0.75 10.79 4.27
C PHE B 47 -2.17 11.30 4.49
N GLY B 48 -2.80 10.85 5.54
CA GLY B 48 -4.20 11.30 5.82
C GLY B 48 -5.18 10.44 5.01
N ARG B 49 -4.70 9.44 4.34
CA ARG B 49 -5.61 8.57 3.53
C ARG B 49 -5.45 7.12 3.98
N ALA B 50 -6.51 6.37 3.98
CA ALA B 50 -6.40 4.94 4.40
C ALA B 50 -5.61 4.15 3.36
N THR B 51 -4.80 3.23 3.78
CA THR B 51 -4.01 2.42 2.80
C THR B 51 -4.29 0.93 3.02
N PRO B 52 -5.45 0.46 2.58
CA PRO B 52 -5.85 -0.95 2.72
C PRO B 52 -4.73 -1.91 2.28
N VAL B 53 -4.08 -2.54 3.22
CA VAL B 53 -2.98 -3.48 2.86
C VAL B 53 -3.21 -4.82 3.55
N GLU B 54 -2.68 -5.88 3.00
CA GLU B 54 -2.88 -7.22 3.63
C GLU B 54 -1.68 -7.53 4.52
N LEU B 55 -1.93 -7.80 5.78
CA LEU B 55 -0.80 -8.13 6.71
C LEU B 55 -1.07 -9.46 7.39
N ASP B 56 -0.04 -10.20 7.70
CA ASP B 56 -0.24 -11.52 8.37
C ASP B 56 -0.58 -11.29 9.85
N PHE B 57 -1.07 -12.29 10.52
CA PHE B 57 -1.43 -12.13 11.95
C PHE B 57 -0.17 -11.76 12.74
N SER B 58 0.94 -12.38 12.45
CA SER B 58 2.19 -12.07 13.18
C SER B 58 2.75 -10.74 12.68
N GLN B 59 2.45 -10.38 11.47
CA GLN B 59 2.96 -9.08 10.93
C GLN B 59 2.28 -7.93 11.65
N VAL B 60 1.10 -8.14 12.17
CA VAL B 60 0.40 -7.05 12.89
C VAL B 60 -0.06 -7.55 14.26
N GLU B 61 -0.31 -6.65 15.18
CA GLU B 61 -0.75 -7.08 16.53
C GLU B 61 -2.19 -6.64 16.77
N LYS B 62 -2.93 -7.38 17.55
CA LYS B 62 -4.34 -6.99 17.82
C LYS B 62 -4.38 -5.74 18.70
N ALA B 63 -5.22 -4.80 18.36
CA ALA B 63 -5.30 -3.55 19.18
C ALA B 63 -6.52 -3.63 20.10
N ASN A 8 10.46 -13.01 -3.41
CA ASN A 8 9.33 -13.35 -4.27
C ASN A 8 8.07 -12.54 -3.99
N GLN A 9 8.23 -11.44 -3.24
CA GLN A 9 7.12 -10.54 -2.98
C GLN A 9 7.19 -9.36 -3.91
N ARG A 10 6.02 -8.76 -4.08
CA ARG A 10 5.79 -7.69 -5.01
C ARG A 10 5.03 -6.58 -4.27
N ILE A 11 5.34 -5.33 -4.56
CA ILE A 11 4.47 -4.23 -4.13
C ILE A 11 3.54 -3.89 -5.30
N ARG A 12 2.24 -3.96 -5.07
CA ARG A 12 1.26 -3.62 -6.08
C ARG A 12 0.60 -2.33 -5.70
N ILE A 13 0.55 -1.41 -6.65
CA ILE A 13 0.00 -0.09 -6.42
C ILE A 13 -1.06 0.23 -7.46
N ARG A 14 -2.17 0.77 -7.02
CA ARG A 14 -3.21 1.29 -7.88
C ARG A 14 -3.41 2.75 -7.51
N LEU A 15 -3.36 3.62 -8.51
CA LEU A 15 -3.57 5.05 -8.34
C LEU A 15 -4.89 5.44 -8.97
N LYS A 16 -5.56 6.39 -8.34
CA LYS A 16 -6.76 7.02 -8.91
C LYS A 16 -6.68 8.50 -8.69
N ALA A 17 -7.23 9.26 -9.62
CA ALA A 17 -7.32 10.73 -9.44
C ALA A 17 -8.31 11.28 -10.40
N PHE A 18 -8.95 12.39 -10.04
CA PHE A 18 -9.72 13.14 -11.03
C PHE A 18 -8.84 14.00 -11.94
N ASP A 19 -7.64 14.34 -11.50
CA ASP A 19 -6.72 15.20 -12.25
C ASP A 19 -5.60 14.35 -12.84
N HIS A 20 -5.56 14.23 -14.17
CA HIS A 20 -4.54 13.40 -14.82
C HIS A 20 -3.13 13.94 -14.58
N ARG A 21 -2.98 15.24 -14.41
CA ARG A 21 -1.65 15.79 -14.17
C ARG A 21 -1.10 15.28 -12.85
N LEU A 22 -1.98 15.23 -11.84
CA LEU A 22 -1.55 14.74 -10.52
C LEU A 22 -1.24 13.26 -10.59
N ILE A 23 -2.02 12.48 -11.33
CA ILE A 23 -1.82 11.03 -11.33
C ILE A 23 -0.51 10.70 -12.03
N ASP A 24 -0.18 11.41 -13.10
CA ASP A 24 1.07 11.11 -13.83
C ASP A 24 2.28 11.57 -13.05
N GLN A 25 2.17 12.67 -12.32
CA GLN A 25 3.25 13.10 -11.44
C GLN A 25 3.49 12.09 -10.31
N ALA A 26 2.41 11.60 -9.68
CA ALA A 26 2.55 10.66 -8.58
C ALA A 26 3.17 9.37 -9.12
N THR A 27 2.72 8.92 -10.29
CA THR A 27 3.24 7.71 -10.91
C THR A 27 4.73 7.86 -11.15
N ALA A 28 5.16 8.98 -11.72
CA ALA A 28 6.57 9.23 -11.95
C ALA A 28 7.39 9.22 -10.67
N GLU A 29 6.84 9.81 -9.62
CA GLU A 29 7.52 9.86 -8.34
C GLU A 29 7.71 8.47 -7.73
N ILE A 30 6.70 7.62 -7.84
CA ILE A 30 6.76 6.26 -7.36
C ILE A 30 7.81 5.46 -8.14
N VAL A 31 7.78 5.59 -9.47
CA VAL A 31 8.78 4.92 -10.31
C VAL A 31 10.19 5.32 -9.92
N GLU A 32 10.43 6.64 -9.79
CA GLU A 32 11.76 7.14 -9.48
C GLU A 32 12.19 6.63 -8.13
N THR A 33 11.30 6.66 -7.16
CA THR A 33 11.63 6.22 -5.80
C THR A 33 12.04 4.76 -5.81
N ALA A 34 11.30 3.93 -6.53
CA ALA A 34 11.58 2.51 -6.62
C ALA A 34 12.92 2.24 -7.27
N LYS A 35 13.17 2.85 -8.42
CA LYS A 35 14.39 2.61 -9.17
C LYS A 35 15.62 3.09 -8.43
N ARG A 36 15.54 4.20 -7.68
CA ARG A 36 16.71 4.74 -6.94
C ARG A 36 17.06 3.93 -5.70
N THR A 37 16.19 2.96 -5.48
CA THR A 37 16.03 2.13 -4.33
C THR A 37 16.68 0.78 -4.59
N GLY A 38 17.02 0.53 -5.85
CA GLY A 38 17.54 -0.78 -6.26
C GLY A 38 16.46 -1.81 -6.62
N ALA A 39 15.22 -1.35 -6.75
CA ALA A 39 14.06 -2.20 -7.10
C ALA A 39 13.73 -2.02 -8.56
N GLN A 40 12.89 -2.91 -9.08
CA GLN A 40 12.49 -2.85 -10.48
C GLN A 40 11.03 -2.51 -10.58
N VAL A 41 10.65 -1.89 -11.67
CA VAL A 41 9.29 -1.45 -11.88
C VAL A 41 8.67 -2.30 -12.97
N ARG A 42 7.41 -2.69 -12.79
CA ARG A 42 6.58 -3.27 -13.85
C ARG A 42 5.44 -2.32 -14.09
N GLY A 43 5.13 -2.08 -15.35
CA GLY A 43 4.28 -0.98 -15.72
C GLY A 43 5.10 0.29 -15.63
N PRO A 44 4.50 1.42 -15.28
CA PRO A 44 3.09 1.61 -14.96
C PRO A 44 2.24 1.56 -16.20
N ILE A 45 1.00 1.17 -16.03
CA ILE A 45 0.07 1.24 -17.14
C ILE A 45 -1.16 2.06 -16.82
N PRO A 46 -1.71 2.74 -17.81
CA PRO A 46 -3.01 3.40 -17.64
C PRO A 46 -4.13 2.45 -17.95
N LEU A 47 -5.22 2.57 -17.21
CA LEU A 47 -6.45 1.84 -17.54
C LEU A 47 -7.42 2.82 -18.17
N PRO A 48 -8.47 2.33 -18.87
CA PRO A 48 -9.47 3.30 -19.37
C PRO A 48 -10.07 4.10 -18.22
N THR A 49 -10.25 5.39 -18.46
CA THR A 49 -10.88 6.29 -17.49
C THR A 49 -12.33 5.89 -17.21
N ARG A 50 -12.71 5.88 -15.94
CA ARG A 50 -14.03 5.39 -15.51
C ARG A 50 -14.63 6.45 -14.63
N SER A 51 -15.84 6.88 -14.96
CA SER A 51 -16.51 7.91 -14.15
C SER A 51 -15.62 9.11 -13.88
N ARG A 52 -14.98 9.59 -14.94
CA ARG A 52 -14.09 10.77 -14.93
C ARG A 52 -12.87 10.60 -14.03
N THR A 53 -12.57 9.35 -13.68
CA THR A 53 -11.46 9.02 -12.80
C THR A 53 -10.38 8.36 -13.61
N HIS A 54 -9.19 8.93 -13.53
CA HIS A 54 -8.00 8.34 -14.14
C HIS A 54 -7.45 7.27 -13.25
N LEU A 55 -6.89 6.23 -13.86
CA LEU A 55 -6.45 5.05 -13.18
C LEU A 55 -5.10 4.62 -13.70
N ARG A 56 -4.21 4.26 -12.80
CA ARG A 56 -2.89 3.71 -13.16
C ARG A 56 -2.59 2.53 -12.27
N LEU A 57 -1.85 1.57 -12.82
CA LEU A 57 -1.33 0.43 -12.06
C LEU A 57 0.16 0.40 -12.19
N VAL A 58 0.86 0.12 -11.10
CA VAL A 58 2.29 -0.06 -11.17
C VAL A 58 2.69 -1.05 -10.10
N ASP A 59 3.69 -1.87 -10.40
CA ASP A 59 4.21 -2.81 -9.41
C ASP A 59 5.69 -2.60 -9.25
N ILE A 60 6.16 -2.97 -8.07
CA ILE A 60 7.58 -2.91 -7.75
C ILE A 60 8.04 -4.32 -7.40
N VAL A 61 8.97 -4.85 -8.19
CA VAL A 61 9.49 -6.17 -7.89
C VAL A 61 10.87 -6.05 -7.25
N GLU A 62 11.26 -7.13 -6.60
CA GLU A 62 12.49 -7.16 -5.78
C GLU A 62 12.59 -5.92 -4.89
N PRO A 63 11.52 -5.59 -4.15
CA PRO A 63 11.66 -4.46 -3.24
C PRO A 63 12.64 -4.80 -2.09
N THR A 64 13.35 -3.77 -1.64
CA THR A 64 14.24 -3.86 -0.49
C THR A 64 13.64 -3.07 0.67
N GLU A 65 14.26 -3.19 1.84
CA GLU A 65 13.91 -2.34 2.98
C GLU A 65 14.07 -0.87 2.60
N LYS A 66 15.15 -0.52 1.90
CA LYS A 66 15.35 0.89 1.43
C LYS A 66 14.17 1.36 0.51
N THR A 67 13.65 0.47 -0.35
CA THR A 67 12.45 0.77 -1.17
C THR A 67 11.25 1.12 -0.33
N VAL A 68 10.95 0.28 0.66
CA VAL A 68 9.78 0.48 1.50
C VAL A 68 9.94 1.80 2.27
N ASP A 69 11.12 2.04 2.80
CA ASP A 69 11.37 3.25 3.55
C ASP A 69 11.26 4.51 2.67
N ALA A 70 11.74 4.41 1.44
CA ALA A 70 11.65 5.52 0.50
C ALA A 70 10.21 5.79 0.12
N LEU A 71 9.41 4.75 -0.05
CA LEU A 71 8.00 4.93 -0.36
C LEU A 71 7.24 5.58 0.80
N MET A 72 7.58 5.19 2.02
CA MET A 72 6.92 5.78 3.16
C MET A 72 7.25 7.26 3.23
N ARG A 73 8.52 7.62 2.99
CA ARG A 73 8.94 9.01 3.09
C ARG A 73 8.32 9.89 2.01
N LEU A 74 8.07 9.29 0.84
CA LEU A 74 7.52 10.04 -0.29
C LEU A 74 6.20 10.69 0.09
N ASP A 75 6.07 11.99 -0.13
CA ASP A 75 4.80 12.70 0.08
C ASP A 75 3.98 12.79 -1.18
N LEU A 76 2.88 12.04 -1.23
CA LEU A 76 2.06 12.00 -2.41
C LEU A 76 1.03 13.14 -2.34
N ALA A 77 0.86 13.85 -3.45
CA ALA A 77 0.01 15.04 -3.54
C ALA A 77 -1.39 14.77 -3.07
N ALA A 78 -2.01 15.78 -2.50
CA ALA A 78 -3.44 15.75 -2.30
C ALA A 78 -4.11 15.56 -3.65
N GLY A 79 -5.16 14.76 -3.65
CA GLY A 79 -5.95 14.55 -4.82
C GLY A 79 -5.59 13.28 -5.58
N VAL A 80 -4.67 12.49 -5.05
CA VAL A 80 -4.38 11.17 -5.67
C VAL A 80 -4.61 10.11 -4.60
N ASP A 81 -5.36 9.07 -4.94
CA ASP A 81 -5.57 7.95 -4.07
C ASP A 81 -4.63 6.83 -4.44
N VAL A 82 -3.93 6.31 -3.45
CA VAL A 82 -3.01 5.22 -3.69
C VAL A 82 -3.36 4.03 -2.82
N GLN A 83 -3.68 2.90 -3.44
CA GLN A 83 -3.89 1.62 -2.78
C GLN A 83 -2.62 0.81 -2.97
N ILE A 84 -2.09 0.28 -1.88
CA ILE A 84 -0.78 -0.38 -1.91
C ILE A 84 -0.79 -1.66 -1.10
N SER A 85 -0.16 -2.68 -1.64
CA SER A 85 -0.04 -3.97 -0.95
C SER A 85 1.33 -4.56 -1.19
N LEU A 86 1.73 -5.44 -0.28
CA LEU A 86 2.96 -6.19 -0.41
C LEU A 86 2.66 -7.65 -0.19
N GLY A 87 3.07 -8.49 -1.13
CA GLY A 87 2.94 -9.95 -0.95
C GLY A 87 3.42 -10.72 -2.17
N ARG B 5 2.10 -11.99 24.27
CA ARG B 5 1.11 -13.06 23.99
C ARG B 5 -0.04 -12.50 23.16
N PRO B 6 0.27 -12.03 21.94
CA PRO B 6 -0.73 -11.45 21.04
C PRO B 6 -1.87 -12.43 20.76
N LYS B 7 -3.06 -11.93 20.58
CA LYS B 7 -4.22 -12.83 20.31
C LYS B 7 -4.39 -13.01 18.81
N THR B 8 -4.77 -14.18 18.37
CA THR B 8 -4.96 -14.42 16.91
C THR B 8 -6.44 -14.31 16.56
N LEU B 9 -7.24 -13.82 17.46
CA LEU B 9 -8.70 -13.69 17.18
C LEU B 9 -8.98 -12.29 16.62
N PHE B 10 -9.10 -12.18 15.32
CA PHE B 10 -9.38 -10.85 14.72
C PHE B 10 -10.72 -10.89 13.99
N GLU B 11 -11.44 -9.80 13.98
CA GLU B 11 -12.76 -9.78 13.29
C GLU B 11 -12.92 -8.46 12.54
N PRO B 12 -13.81 -8.44 11.54
CA PRO B 12 -14.07 -7.24 10.73
C PRO B 12 -14.40 -6.02 11.60
N GLY B 13 -13.74 -4.93 11.38
CA GLY B 13 -14.02 -3.71 12.19
C GLY B 13 -13.11 -3.70 13.42
N GLU B 14 -12.29 -4.70 13.58
CA GLU B 14 -11.38 -4.73 14.77
C GLU B 14 -10.09 -3.97 14.45
N MET B 15 -9.64 -3.15 15.35
CA MET B 15 -8.39 -2.38 15.10
C MET B 15 -7.17 -3.28 15.33
N VAL B 16 -6.12 -3.07 14.59
CA VAL B 16 -4.91 -3.92 14.78
C VAL B 16 -3.68 -3.01 14.87
N ARG B 17 -2.52 -3.59 15.05
CA ARG B 17 -1.28 -2.77 15.15
C ARG B 17 -0.22 -3.33 14.21
N VAL B 18 0.50 -2.47 13.53
CA VAL B 18 1.55 -2.95 12.59
C VAL B 18 2.93 -2.69 13.19
N ASN B 19 3.79 -3.66 13.17
CA ASN B 19 5.16 -3.46 13.74
C ASN B 19 6.20 -4.05 12.79
N ASP B 20 5.85 -4.22 11.55
CA ASP B 20 6.82 -4.80 10.57
C ASP B 20 6.67 -4.08 9.23
N GLY B 21 7.75 -3.95 8.49
CA GLY B 21 7.66 -3.26 7.17
C GLY B 21 7.43 -1.77 7.39
N PRO B 22 7.39 -0.99 6.29
CA PRO B 22 7.17 0.46 6.36
C PRO B 22 5.88 0.80 7.11
N PHE B 23 4.98 -0.14 7.23
CA PHE B 23 3.71 0.13 7.96
C PHE B 23 3.91 -0.10 9.46
N ALA B 24 5.13 -0.33 9.87
CA ALA B 24 5.39 -0.56 11.32
C ALA B 24 5.12 0.72 12.09
N ASP B 25 4.69 0.61 13.32
CA ASP B 25 4.40 1.83 14.13
C ASP B 25 3.12 2.49 13.63
N PHE B 26 2.20 1.71 13.11
CA PHE B 26 0.93 2.29 12.60
C PHE B 26 -0.24 1.40 13.01
N ASN B 27 -1.40 1.97 13.18
CA ASN B 27 -2.58 1.14 13.57
C ASN B 27 -3.65 1.22 12.48
N GLY B 28 -4.60 0.32 12.51
CA GLY B 28 -5.66 0.34 11.47
C GLY B 28 -6.75 -0.68 11.83
N VAL B 29 -7.70 -0.88 10.96
CA VAL B 29 -8.78 -1.85 11.25
C VAL B 29 -8.79 -2.96 10.20
N VAL B 30 -9.23 -4.13 10.54
CA VAL B 30 -9.26 -5.24 9.55
C VAL B 30 -10.64 -5.31 8.90
N GLU B 31 -10.78 -4.75 7.73
CA GLU B 31 -12.11 -4.79 7.05
C GLU B 31 -12.42 -6.22 6.60
N GLU B 32 -11.43 -6.94 6.18
CA GLU B 32 -11.66 -8.35 5.75
C GLU B 32 -10.60 -9.26 6.36
N VAL B 33 -10.94 -10.49 6.62
CA VAL B 33 -9.94 -11.44 7.21
C VAL B 33 -9.86 -12.70 6.36
N ASP B 34 -8.72 -13.34 6.34
CA ASP B 34 -8.58 -14.58 5.53
C ASP B 34 -7.81 -15.63 6.33
N TYR B 35 -8.52 -16.41 7.11
CA TYR B 35 -7.84 -17.46 7.92
C TYR B 35 -7.23 -18.52 7.00
N GLU B 36 -7.91 -18.83 5.93
CA GLU B 36 -7.37 -19.86 4.98
C GLU B 36 -6.05 -19.35 4.40
N LYS B 37 -6.00 -18.12 4.00
CA LYS B 37 -4.73 -17.58 3.41
C LYS B 37 -3.85 -17.02 4.53
N SER B 38 -4.30 -17.11 5.75
CA SER B 38 -3.47 -16.58 6.88
C SER B 38 -3.07 -15.13 6.59
N ARG B 39 -4.02 -14.29 6.26
CA ARG B 39 -3.70 -12.88 5.97
C ARG B 39 -4.84 -11.98 6.46
N LEU B 40 -4.51 -10.85 7.01
CA LEU B 40 -5.58 -9.93 7.51
C LEU B 40 -5.67 -8.70 6.60
N LYS B 41 -6.86 -8.32 6.23
CA LYS B 41 -7.01 -7.13 5.34
C LYS B 41 -7.21 -5.88 6.20
N VAL B 42 -6.15 -5.19 6.50
CA VAL B 42 -6.28 -3.96 7.34
C VAL B 42 -5.66 -2.77 6.60
N SER B 43 -6.27 -1.61 6.70
CA SER B 43 -5.71 -0.42 6.00
C SER B 43 -5.07 0.51 7.03
N VAL B 44 -4.03 1.21 6.63
CA VAL B 44 -3.35 2.13 7.58
C VAL B 44 -3.66 3.59 7.18
N SER B 45 -4.03 4.40 8.13
CA SER B 45 -4.34 5.82 7.81
C SER B 45 -3.03 6.57 7.50
N ILE B 46 -2.57 6.50 6.28
CA ILE B 46 -1.32 7.21 5.92
C ILE B 46 -1.64 8.42 5.04
N PHE B 47 -0.96 9.51 5.27
CA PHE B 47 -1.23 10.73 4.44
C PHE B 47 -2.68 11.17 4.64
N GLY B 48 -3.31 10.70 5.68
CA GLY B 48 -4.73 11.10 5.92
C GLY B 48 -5.66 10.19 5.11
N ARG B 49 -5.12 9.21 4.45
CA ARG B 49 -5.97 8.29 3.64
C ARG B 49 -5.75 6.84 4.09
N ALA B 50 -6.78 6.04 4.08
CA ALA B 50 -6.62 4.62 4.52
C ALA B 50 -5.77 3.86 3.49
N THR B 51 -4.94 2.97 3.94
CA THR B 51 -4.08 2.21 2.99
C THR B 51 -4.29 0.71 3.22
N PRO B 52 -5.43 0.18 2.75
CA PRO B 52 -5.77 -1.24 2.89
C PRO B 52 -4.59 -2.15 2.49
N VAL B 53 -3.94 -2.74 3.45
CA VAL B 53 -2.79 -3.63 3.11
C VAL B 53 -2.97 -4.98 3.81
N GLU B 54 -2.39 -6.02 3.28
CA GLU B 54 -2.53 -7.36 3.91
C GLU B 54 -1.34 -7.62 4.84
N LEU B 55 -1.60 -7.89 6.09
CA LEU B 55 -0.48 -8.15 7.04
C LEU B 55 -0.70 -9.49 7.74
N ASP B 56 0.36 -10.18 8.07
CA ASP B 56 0.20 -11.50 8.75
C ASP B 56 -0.18 -11.28 10.21
N PHE B 57 -0.65 -12.30 10.89
CA PHE B 57 -1.04 -12.14 12.31
C PHE B 57 0.19 -11.71 13.13
N SER B 58 1.33 -12.29 12.85
CA SER B 58 2.55 -11.91 13.61
C SER B 58 3.07 -10.55 13.11
N GLN B 59 2.77 -10.21 11.89
CA GLN B 59 3.23 -8.90 11.35
C GLN B 59 2.49 -7.77 12.05
N VAL B 60 1.31 -8.04 12.55
CA VAL B 60 0.53 -6.97 13.24
C VAL B 60 0.08 -7.49 14.60
N GLU B 61 -0.23 -6.60 15.51
CA GLU B 61 -0.67 -7.03 16.86
C GLU B 61 -2.15 -6.65 17.06
N LYS B 62 -2.86 -7.42 17.83
CA LYS B 62 -4.30 -7.10 18.06
C LYS B 62 -4.41 -5.84 18.94
N ALA B 63 -5.29 -4.94 18.59
CA ALA B 63 -5.43 -3.70 19.39
C ALA B 63 -6.68 -3.80 20.27
N ASN A 8 11.43 -12.80 -3.60
CA ASN A 8 10.31 -13.17 -4.44
C ASN A 8 9.02 -12.43 -4.14
N GLN A 9 9.13 -11.34 -3.38
CA GLN A 9 7.99 -10.50 -3.09
C GLN A 9 7.98 -9.29 -4.00
N ARG A 10 6.78 -8.77 -4.14
CA ARG A 10 6.48 -7.70 -5.06
C ARG A 10 5.68 -6.64 -4.28
N ILE A 11 5.93 -5.36 -4.56
CA ILE A 11 5.01 -4.31 -4.10
C ILE A 11 4.05 -4.00 -5.26
N ARG A 12 2.75 -4.14 -5.02
CA ARG A 12 1.73 -3.84 -6.01
C ARG A 12 1.02 -2.58 -5.59
N ILE A 13 0.93 -1.66 -6.52
CA ILE A 13 0.30 -0.37 -6.27
C ILE A 13 -0.77 -0.08 -7.30
N ARG A 14 -1.92 0.39 -6.83
CA ARG A 14 -2.99 0.89 -7.67
C ARG A 14 -3.25 2.31 -7.27
N LEU A 15 -3.26 3.20 -8.26
CA LEU A 15 -3.54 4.61 -8.07
C LEU A 15 -4.87 4.95 -8.68
N LYS A 16 -5.59 5.86 -8.02
CA LYS A 16 -6.83 6.44 -8.57
C LYS A 16 -6.83 7.92 -8.33
N ALA A 17 -7.42 8.67 -9.23
CA ALA A 17 -7.58 10.12 -9.03
C ALA A 17 -8.62 10.64 -9.97
N PHE A 18 -9.30 11.70 -9.58
CA PHE A 18 -10.12 12.43 -10.55
C PHE A 18 -9.29 13.35 -11.46
N ASP A 19 -8.11 13.75 -11.03
CA ASP A 19 -7.24 14.65 -11.77
C ASP A 19 -6.08 13.88 -12.39
N HIS A 20 -6.06 13.77 -13.72
CA HIS A 20 -5.01 13.01 -14.40
C HIS A 20 -3.63 13.60 -14.17
N ARG A 21 -3.54 14.91 -13.98
CA ARG A 21 -2.24 15.53 -13.75
C ARG A 21 -1.64 15.02 -12.44
N LEU A 22 -2.50 14.91 -11.43
CA LEU A 22 -2.04 14.43 -10.11
C LEU A 22 -1.64 12.96 -10.21
N ILE A 23 -2.40 12.15 -10.96
CA ILE A 23 -2.12 10.72 -10.99
C ILE A 23 -0.82 10.47 -11.71
N ASP A 24 -0.53 11.21 -12.77
CA ASP A 24 0.72 10.99 -13.52
C ASP A 24 1.92 11.48 -12.75
N GLN A 25 1.75 12.57 -12.00
CA GLN A 25 2.84 13.05 -11.13
C GLN A 25 3.13 12.03 -10.01
N ALA A 26 2.10 11.47 -9.38
CA ALA A 26 2.29 10.52 -8.30
C ALA A 26 2.96 9.28 -8.87
N THR A 27 2.53 8.83 -10.04
CA THR A 27 3.10 7.66 -10.69
C THR A 27 4.57 7.88 -10.94
N ALA A 28 4.93 9.04 -11.49
CA ALA A 28 6.33 9.35 -11.75
C ALA A 28 7.16 9.36 -10.47
N GLU A 29 6.61 9.91 -9.40
CA GLU A 29 7.29 9.97 -8.12
C GLU A 29 7.56 8.58 -7.55
N ILE A 30 6.60 7.69 -7.65
CA ILE A 30 6.73 6.32 -7.19
C ILE A 30 7.81 5.60 -8.01
N VAL A 31 7.76 5.74 -9.33
CA VAL A 31 8.78 5.13 -10.19
C VAL A 31 10.17 5.60 -9.82
N GLU A 32 10.34 6.92 -9.66
CA GLU A 32 11.65 7.48 -9.38
C GLU A 32 12.13 6.98 -8.03
N THR A 33 11.25 6.95 -7.04
CA THR A 33 11.63 6.50 -5.70
C THR A 33 12.10 5.07 -5.74
N ALA A 34 11.39 4.22 -6.46
CA ALA A 34 11.74 2.81 -6.58
C ALA A 34 13.09 2.61 -7.25
N LYS A 35 13.28 3.25 -8.40
CA LYS A 35 14.50 3.08 -9.16
C LYS A 35 15.73 3.62 -8.43
N ARG A 36 15.60 4.71 -7.66
CA ARG A 36 16.75 5.29 -6.93
C ARG A 36 17.15 4.49 -5.70
N THR A 37 16.35 3.47 -5.49
CA THR A 37 16.23 2.62 -4.35
C THR A 37 16.94 1.31 -4.64
N GLY A 38 17.28 1.09 -5.91
CA GLY A 38 17.85 -0.18 -6.35
C GLY A 38 16.83 -1.26 -6.70
N ALA A 39 15.56 -0.86 -6.81
CA ALA A 39 14.44 -1.76 -7.17
C ALA A 39 14.08 -1.58 -8.62
N GLN A 40 13.28 -2.50 -9.14
CA GLN A 40 12.87 -2.45 -10.53
C GLN A 40 11.38 -2.17 -10.61
N VAL A 41 10.96 -1.56 -11.68
CA VAL A 41 9.58 -1.18 -11.87
C VAL A 41 8.99 -2.04 -12.97
N ARG A 42 7.75 -2.49 -12.77
CA ARG A 42 6.94 -3.10 -13.84
C ARG A 42 5.75 -2.20 -14.05
N GLY A 43 5.40 -1.96 -15.30
CA GLY A 43 4.50 -0.90 -15.64
C GLY A 43 5.26 0.41 -15.53
N PRO A 44 4.60 1.50 -15.17
CA PRO A 44 3.19 1.62 -14.83
C PRO A 44 2.33 1.53 -16.05
N ILE A 45 1.11 1.08 -15.88
CA ILE A 45 0.16 1.13 -16.97
C ILE A 45 -1.10 1.89 -16.62
N PRO A 46 -1.70 2.55 -17.59
CA PRO A 46 -3.02 3.14 -17.39
C PRO A 46 -4.09 2.13 -17.71
N LEU A 47 -5.19 2.19 -16.95
CA LEU A 47 -6.37 1.41 -17.28
C LEU A 47 -7.41 2.35 -17.88
N PRO A 48 -8.43 1.82 -18.57
CA PRO A 48 -9.49 2.74 -19.03
C PRO A 48 -10.12 3.50 -17.88
N THR A 49 -10.37 4.78 -18.10
CA THR A 49 -11.02 5.63 -17.11
C THR A 49 -12.45 5.16 -16.81
N ARG A 50 -12.81 5.11 -15.53
CA ARG A 50 -14.09 4.55 -15.10
C ARG A 50 -14.73 5.56 -14.19
N SER A 51 -15.97 5.93 -14.50
CA SER A 51 -16.68 6.92 -13.67
C SER A 51 -15.85 8.16 -13.39
N ARG A 52 -15.25 8.69 -14.45
CA ARG A 52 -14.41 9.91 -14.43
C ARG A 52 -13.18 9.78 -13.55
N THR A 53 -12.81 8.55 -13.23
CA THR A 53 -11.68 8.26 -12.36
C THR A 53 -10.57 7.66 -13.19
N HIS A 54 -9.42 8.29 -13.12
CA HIS A 54 -8.21 7.77 -13.76
C HIS A 54 -7.58 6.71 -12.89
N LEU A 55 -6.98 5.72 -13.52
CA LEU A 55 -6.48 4.55 -12.85
C LEU A 55 -5.12 4.20 -13.41
N ARG A 56 -4.20 3.87 -12.52
CA ARG A 56 -2.86 3.39 -12.90
C ARG A 56 -2.49 2.21 -12.05
N LEU A 57 -1.72 1.30 -12.62
CA LEU A 57 -1.12 0.17 -11.89
C LEU A 57 0.37 0.22 -12.03
N VAL A 58 1.08 -0.05 -10.95
CA VAL A 58 2.53 -0.15 -11.04
C VAL A 58 3.00 -1.14 -10.01
N ASP A 59 4.03 -1.90 -10.33
CA ASP A 59 4.60 -2.82 -9.36
C ASP A 59 6.08 -2.55 -9.21
N ILE A 60 6.59 -2.90 -8.05
CA ILE A 60 8.00 -2.79 -7.74
C ILE A 60 8.53 -4.18 -7.42
N VAL A 61 9.48 -4.65 -8.24
CA VAL A 61 10.08 -5.94 -7.96
C VAL A 61 11.44 -5.76 -7.33
N GLU A 62 11.89 -6.84 -6.71
CA GLU A 62 13.13 -6.82 -5.90
C GLU A 62 13.18 -5.58 -4.99
N PRO A 63 12.12 -5.31 -4.24
CA PRO A 63 12.22 -4.21 -3.30
C PRO A 63 13.22 -4.51 -2.18
N THR A 64 13.88 -3.46 -1.72
CA THR A 64 14.79 -3.51 -0.58
C THR A 64 14.17 -2.77 0.60
N GLU A 65 14.81 -2.87 1.76
CA GLU A 65 14.44 -2.06 2.91
C GLU A 65 14.52 -0.58 2.55
N LYS A 66 15.57 -0.18 1.85
CA LYS A 66 15.69 1.25 1.39
C LYS A 66 14.49 1.68 0.50
N THR A 67 13.99 0.78 -0.37
CA THR A 67 12.77 1.03 -1.17
C THR A 67 11.57 1.31 -0.31
N VAL A 68 11.31 0.43 0.67
CA VAL A 68 10.15 0.57 1.54
C VAL A 68 10.25 1.88 2.32
N ASP A 69 11.43 2.17 2.84
CA ASP A 69 11.63 3.40 3.60
C ASP A 69 11.45 4.64 2.75
N ALA A 70 11.92 4.60 1.51
CA ALA A 70 11.76 5.72 0.59
C ALA A 70 10.30 5.92 0.23
N LEU A 71 9.55 4.84 0.05
CA LEU A 71 8.13 4.96 -0.24
C LEU A 71 7.36 5.54 0.94
N MET A 72 7.73 5.16 2.15
CA MET A 72 7.05 5.69 3.31
C MET A 72 7.32 7.19 3.40
N ARG A 73 8.55 7.61 3.15
CA ARG A 73 8.92 9.02 3.27
C ARG A 73 8.24 9.88 2.21
N LEU A 74 8.00 9.30 1.03
CA LEU A 74 7.40 10.03 -0.08
C LEU A 74 6.05 10.61 0.33
N ASP A 75 5.85 11.90 0.13
CA ASP A 75 4.56 12.55 0.36
C ASP A 75 3.71 12.61 -0.88
N LEU A 76 2.66 11.82 -0.92
CA LEU A 76 1.82 11.76 -2.10
C LEU A 76 0.73 12.83 -2.00
N ALA A 77 0.52 13.55 -3.10
CA ALA A 77 -0.40 14.70 -3.15
C ALA A 77 -1.78 14.34 -2.68
N ALA A 78 -2.43 15.33 -2.07
CA ALA A 78 -3.86 15.22 -1.86
C ALA A 78 -4.54 15.01 -3.20
N GLY A 79 -5.55 14.16 -3.19
CA GLY A 79 -6.34 13.94 -4.37
C GLY A 79 -5.93 12.70 -5.15
N VAL A 80 -4.96 11.94 -4.66
CA VAL A 80 -4.61 10.65 -5.28
C VAL A 80 -4.78 9.56 -4.23
N ASP A 81 -5.48 8.50 -4.59
CA ASP A 81 -5.62 7.35 -3.72
C ASP A 81 -4.63 6.29 -4.12
N VAL A 82 -3.90 5.78 -3.15
CA VAL A 82 -2.93 4.74 -3.42
C VAL A 82 -3.21 3.53 -2.57
N GLN A 83 -3.47 2.39 -3.20
CA GLN A 83 -3.62 1.09 -2.55
C GLN A 83 -2.31 0.36 -2.77
N ILE A 84 -1.74 -0.17 -1.70
CA ILE A 84 -0.39 -0.76 -1.76
C ILE A 84 -0.33 -2.05 -0.97
N SER A 85 0.34 -3.04 -1.54
CA SER A 85 0.54 -4.32 -0.86
C SER A 85 1.93 -4.84 -1.14
N LEU A 86 2.38 -5.71 -0.24
CA LEU A 86 3.64 -6.40 -0.40
C LEU A 86 3.42 -7.89 -0.19
N GLY A 87 3.86 -8.68 -1.16
CA GLY A 87 3.81 -10.15 -1.00
C GLY A 87 4.30 -10.87 -2.23
N ARG B 5 1.91 -12.30 23.82
CA ARG B 5 0.85 -13.31 23.56
C ARG B 5 -0.29 -12.65 22.76
N PRO B 6 0.02 -12.20 21.54
CA PRO B 6 -0.98 -11.56 20.66
C PRO B 6 -2.19 -12.45 20.42
N LYS B 7 -3.35 -11.88 20.28
CA LYS B 7 -4.57 -12.70 20.04
C LYS B 7 -4.79 -12.85 18.53
N THR B 8 -5.26 -13.99 18.10
CA THR B 8 -5.49 -14.20 16.65
C THR B 8 -6.98 -13.98 16.34
N LEU B 9 -7.73 -13.45 17.27
CA LEU B 9 -9.17 -13.22 17.03
C LEU B 9 -9.38 -11.81 16.49
N PHE B 10 -9.53 -11.67 15.19
CA PHE B 10 -9.73 -10.32 14.60
C PHE B 10 -11.10 -10.27 13.92
N GLU B 11 -11.75 -9.13 13.94
CA GLU B 11 -13.08 -9.02 13.28
C GLU B 11 -13.17 -7.69 12.55
N PRO B 12 -14.09 -7.59 11.57
CA PRO B 12 -14.29 -6.38 10.78
C PRO B 12 -14.51 -5.15 11.67
N GLY B 13 -13.78 -4.09 11.43
CA GLY B 13 -13.96 -2.87 12.26
C GLY B 13 -13.01 -2.93 13.46
N GLU B 14 -12.26 -3.98 13.59
CA GLU B 14 -11.32 -4.09 14.75
C GLU B 14 -10.00 -3.41 14.40
N MET B 15 -9.46 -2.64 15.30
CA MET B 15 -8.18 -1.94 15.01
C MET B 15 -7.01 -2.92 15.21
N VAL B 16 -5.98 -2.78 14.44
CA VAL B 16 -4.81 -3.71 14.58
C VAL B 16 -3.52 -2.89 14.65
N ARG B 17 -2.40 -3.55 14.79
CA ARG B 17 -1.11 -2.80 14.86
C ARG B 17 -0.11 -3.43 13.88
N VAL B 18 0.64 -2.62 13.18
CA VAL B 18 1.63 -3.16 12.22
C VAL B 18 3.04 -2.99 12.78
N ASN B 19 3.83 -4.02 12.73
CA ASN B 19 5.22 -3.91 13.25
C ASN B 19 6.21 -4.56 12.27
N ASP B 20 5.80 -4.70 11.04
CA ASP B 20 6.71 -5.33 10.04
C ASP B 20 6.57 -4.60 8.70
N GLY B 21 7.63 -4.53 7.94
CA GLY B 21 7.56 -3.83 6.62
C GLY B 21 7.42 -2.31 6.85
N PRO B 22 7.40 -1.54 5.77
CA PRO B 22 7.27 -0.08 5.84
C PRO B 22 6.04 0.35 6.64
N PHE B 23 5.09 -0.53 6.77
CA PHE B 23 3.85 -0.18 7.54
C PHE B 23 4.08 -0.43 9.03
N ALA B 24 5.29 -0.76 9.41
CA ALA B 24 5.58 -1.02 10.85
C ALA B 24 5.42 0.28 11.64
N ASP B 25 5.02 0.18 12.88
CA ASP B 25 4.84 1.41 13.70
C ASP B 25 3.58 2.16 13.24
N PHE B 26 2.61 1.45 12.74
CA PHE B 26 1.36 2.12 12.27
C PHE B 26 0.15 1.30 12.72
N ASN B 27 -0.97 1.94 12.92
CA ASN B 27 -2.19 1.20 13.35
C ASN B 27 -3.28 1.35 12.28
N GLY B 28 -4.28 0.52 12.33
CA GLY B 28 -5.38 0.62 11.32
C GLY B 28 -6.51 -0.32 11.71
N VAL B 29 -7.50 -0.45 10.87
CA VAL B 29 -8.65 -1.36 11.19
C VAL B 29 -8.75 -2.44 10.12
N VAL B 30 -9.26 -3.59 10.47
CA VAL B 30 -9.39 -4.69 9.47
C VAL B 30 -10.79 -4.66 8.87
N GLU B 31 -10.93 -4.08 7.71
CA GLU B 31 -12.27 -4.02 7.06
C GLU B 31 -12.69 -5.43 6.62
N GLU B 32 -11.76 -6.22 6.16
CA GLU B 32 -12.10 -7.61 5.73
C GLU B 32 -11.08 -8.60 6.29
N VAL B 33 -11.50 -9.80 6.56
CA VAL B 33 -10.55 -10.81 7.12
C VAL B 33 -10.57 -12.07 6.26
N ASP B 34 -9.48 -12.78 6.19
CA ASP B 34 -9.45 -14.02 5.37
C ASP B 34 -8.74 -15.13 6.15
N TYR B 35 -9.46 -15.87 6.94
CA TYR B 35 -8.84 -16.96 7.72
C TYR B 35 -8.33 -18.05 6.78
N GLU B 36 -9.06 -18.32 5.72
CA GLU B 36 -8.61 -19.36 4.76
C GLU B 36 -7.28 -18.95 4.13
N LYS B 37 -7.15 -17.71 3.74
CA LYS B 37 -5.88 -17.26 3.13
C LYS B 37 -4.93 -16.76 4.22
N SER B 38 -5.33 -16.83 5.45
CA SER B 38 -4.45 -16.37 6.56
C SER B 38 -3.97 -14.95 6.26
N ARG B 39 -4.87 -14.05 5.98
CA ARG B 39 -4.45 -12.65 5.68
C ARG B 39 -5.52 -11.68 6.21
N LEU B 40 -5.10 -10.58 6.77
CA LEU B 40 -6.09 -9.60 7.30
C LEU B 40 -6.13 -8.37 6.40
N LYS B 41 -7.29 -7.90 6.06
CA LYS B 41 -7.39 -6.69 5.19
C LYS B 41 -7.48 -5.44 6.06
N VAL B 42 -6.38 -4.82 6.34
CA VAL B 42 -6.39 -3.59 7.18
C VAL B 42 -5.73 -2.44 6.43
N SER B 43 -6.25 -1.25 6.56
CA SER B 43 -5.64 -0.09 5.85
C SER B 43 -4.89 0.79 6.86
N VAL B 44 -3.83 1.42 6.44
CA VAL B 44 -3.06 2.29 7.38
C VAL B 44 -3.28 3.75 7.00
N SER B 45 -3.57 4.59 7.96
CA SER B 45 -3.79 6.03 7.66
C SER B 45 -2.45 6.69 7.32
N ILE B 46 -2.03 6.60 6.09
CA ILE B 46 -0.74 7.23 5.70
C ILE B 46 -1.01 8.46 4.84
N PHE B 47 -0.25 9.51 5.04
CA PHE B 47 -0.46 10.75 4.24
C PHE B 47 -1.88 11.28 4.48
N GLY B 48 -2.51 10.85 5.54
CA GLY B 48 -3.89 11.33 5.82
C GLY B 48 -4.90 10.50 5.03
N ARG B 49 -4.44 9.48 4.34
CA ARG B 49 -5.37 8.63 3.55
C ARG B 49 -5.23 7.18 4.00
N ALA B 50 -6.31 6.45 4.01
CA ALA B 50 -6.24 5.01 4.43
C ALA B 50 -5.48 4.21 3.37
N THR B 51 -4.69 3.27 3.79
CA THR B 51 -3.91 2.45 2.82
C THR B 51 -4.23 0.97 3.03
N PRO B 52 -5.41 0.51 2.60
CA PRO B 52 -5.83 -0.88 2.75
C PRO B 52 -4.73 -1.86 2.30
N VAL B 53 -4.09 -2.50 3.23
CA VAL B 53 -3.01 -3.46 2.87
C VAL B 53 -3.27 -4.80 3.56
N GLU B 54 -2.77 -5.87 3.01
CA GLU B 54 -2.98 -7.21 3.63
C GLU B 54 -1.78 -7.55 4.53
N LEU B 55 -2.02 -7.82 5.78
CA LEU B 55 -0.90 -8.16 6.69
C LEU B 55 -1.19 -9.49 7.39
N ASP B 56 -0.18 -10.26 7.69
CA ASP B 56 -0.39 -11.56 8.36
C ASP B 56 -0.72 -11.33 9.84
N PHE B 57 -1.23 -12.32 10.51
CA PHE B 57 -1.56 -12.15 11.95
C PHE B 57 -0.30 -11.81 12.73
N SER B 58 0.79 -12.46 12.42
CA SER B 58 2.06 -12.17 13.14
C SER B 58 2.65 -10.84 12.65
N GLN B 59 2.34 -10.47 11.43
CA GLN B 59 2.88 -9.19 10.88
C GLN B 59 2.23 -8.02 11.62
N VAL B 60 1.05 -8.21 12.14
CA VAL B 60 0.37 -7.10 12.86
C VAL B 60 -0.08 -7.60 14.24
N GLU B 61 -0.30 -6.70 15.16
CA GLU B 61 -0.74 -7.11 16.52
C GLU B 61 -2.17 -6.64 16.77
N LYS B 62 -2.93 -7.36 17.55
CA LYS B 62 -4.33 -6.95 17.83
C LYS B 62 -4.32 -5.70 18.71
N ALA B 63 -5.15 -4.74 18.39
CA ALA B 63 -5.19 -3.49 19.20
C ALA B 63 -6.41 -3.53 20.13
N ASN A 8 10.34 -12.86 -2.44
CA ASN A 8 9.20 -13.22 -3.25
C ASN A 8 7.95 -12.37 -3.00
N GLN A 9 8.13 -11.24 -2.31
CA GLN A 9 7.05 -10.31 -2.07
C GLN A 9 7.11 -9.18 -3.07
N ARG A 10 5.94 -8.59 -3.24
CA ARG A 10 5.70 -7.57 -4.23
C ARG A 10 4.98 -6.41 -3.53
N ILE A 11 5.30 -5.17 -3.90
CA ILE A 11 4.45 -4.03 -3.51
C ILE A 11 3.49 -3.75 -4.68
N ARG A 12 2.20 -3.80 -4.42
CA ARG A 12 1.19 -3.50 -5.43
C ARG A 12 0.56 -2.17 -5.09
N ILE A 13 0.51 -1.32 -6.09
CA ILE A 13 -0.03 0.03 -5.92
C ILE A 13 -1.09 0.30 -6.96
N ARG A 14 -2.20 0.87 -6.52
CA ARG A 14 -3.26 1.38 -7.39
C ARG A 14 -3.42 2.85 -7.09
N LEU A 15 -3.38 3.66 -8.14
CA LEU A 15 -3.57 5.10 -8.05
C LEU A 15 -4.89 5.48 -8.67
N LYS A 16 -5.55 6.47 -8.08
CA LYS A 16 -6.75 7.08 -8.66
C LYS A 16 -6.65 8.57 -8.52
N ALA A 17 -7.21 9.29 -9.47
CA ALA A 17 -7.28 10.77 -9.37
C ALA A 17 -8.29 11.28 -10.33
N PHE A 18 -8.90 12.41 -10.03
CA PHE A 18 -9.69 13.12 -11.04
C PHE A 18 -8.82 13.91 -12.01
N ASP A 19 -7.60 14.26 -11.62
CA ASP A 19 -6.69 15.07 -12.43
C ASP A 19 -5.59 14.18 -13.01
N HIS A 20 -5.58 13.98 -14.33
CA HIS A 20 -4.60 13.09 -14.94
C HIS A 20 -3.17 13.62 -14.78
N ARG A 21 -3.01 14.93 -14.68
CA ARG A 21 -1.66 15.48 -14.50
C ARG A 21 -1.09 15.03 -13.16
N LEU A 22 -1.94 15.06 -12.13
CA LEU A 22 -1.49 14.63 -10.80
C LEU A 22 -1.19 13.14 -10.79
N ILE A 23 -2.01 12.33 -11.47
CA ILE A 23 -1.82 10.89 -11.40
C ILE A 23 -0.53 10.50 -12.11
N ASP A 24 -0.21 11.14 -13.23
CA ASP A 24 1.01 10.79 -13.97
C ASP A 24 2.24 11.26 -13.24
N GLN A 25 2.16 12.41 -12.56
CA GLN A 25 3.27 12.88 -11.73
C GLN A 25 3.53 11.93 -10.56
N ALA A 26 2.46 11.48 -9.87
CA ALA A 26 2.61 10.60 -8.73
C ALA A 26 3.19 9.28 -9.21
N THR A 27 2.72 8.78 -10.35
CA THR A 27 3.21 7.52 -10.91
C THR A 27 4.70 7.64 -11.20
N ALA A 28 5.12 8.73 -11.83
CA ALA A 28 6.53 8.95 -12.12
C ALA A 28 7.37 8.99 -10.84
N GLU A 29 6.85 9.65 -9.82
CA GLU A 29 7.57 9.75 -8.55
C GLU A 29 7.76 8.40 -7.89
N ILE A 30 6.74 7.56 -7.91
CA ILE A 30 6.79 6.23 -7.35
C ILE A 30 7.80 5.37 -8.13
N VAL A 31 7.76 5.42 -9.46
CA VAL A 31 8.72 4.70 -10.27
C VAL A 31 10.15 5.10 -9.95
N GLU A 32 10.41 6.41 -9.89
CA GLU A 32 11.74 6.92 -9.65
C GLU A 32 12.21 6.48 -8.28
N THR A 33 11.34 6.58 -7.28
CA THR A 33 11.70 6.21 -5.92
C THR A 33 12.09 4.74 -5.86
N ALA A 34 11.32 3.89 -6.52
CA ALA A 34 11.58 2.46 -6.52
C ALA A 34 12.90 2.13 -7.19
N LYS A 35 13.13 2.68 -8.39
CA LYS A 35 14.32 2.37 -9.14
C LYS A 35 15.59 2.88 -8.46
N ARG A 36 15.54 4.03 -7.77
CA ARG A 36 16.72 4.59 -7.09
C ARG A 36 17.10 3.85 -5.81
N THR A 37 16.22 2.90 -5.52
CA THR A 37 16.08 2.14 -4.33
C THR A 37 16.70 0.78 -4.52
N GLY A 38 17.01 0.45 -5.78
CA GLY A 38 17.50 -0.89 -6.13
C GLY A 38 16.41 -1.92 -6.40
N ALA A 39 15.17 -1.45 -6.53
CA ALA A 39 13.99 -2.31 -6.81
C ALA A 39 13.63 -2.21 -8.27
N GLN A 40 12.76 -3.10 -8.71
CA GLN A 40 12.34 -3.12 -10.11
C GLN A 40 10.87 -2.77 -10.18
N VAL A 41 10.48 -2.21 -11.30
CA VAL A 41 9.12 -1.75 -11.51
C VAL A 41 8.46 -2.66 -12.55
N ARG A 42 7.20 -3.01 -12.30
CA ARG A 42 6.35 -3.64 -13.31
C ARG A 42 5.20 -2.69 -13.58
N GLY A 43 4.87 -2.51 -14.84
CA GLY A 43 4.02 -1.42 -15.26
C GLY A 43 4.87 -0.16 -15.25
N PRO A 44 4.28 0.99 -14.95
CA PRO A 44 2.89 1.22 -14.61
C PRO A 44 2.01 1.11 -15.82
N ILE A 45 0.76 0.75 -15.61
CA ILE A 45 -0.19 0.76 -16.71
C ILE A 45 -1.40 1.63 -16.39
N PRO A 46 -1.97 2.26 -17.41
CA PRO A 46 -3.24 2.94 -17.24
C PRO A 46 -4.40 1.98 -17.48
N LEU A 47 -5.46 2.15 -16.73
CA LEU A 47 -6.70 1.43 -16.98
C LEU A 47 -7.68 2.39 -17.65
N PRO A 48 -8.74 1.88 -18.30
CA PRO A 48 -9.75 2.83 -18.81
C PRO A 48 -10.31 3.70 -17.71
N THR A 49 -10.49 4.98 -18.02
CA THR A 49 -11.08 5.94 -17.09
C THR A 49 -12.53 5.58 -16.75
N ARG A 50 -12.88 5.64 -15.46
CA ARG A 50 -14.19 5.19 -14.99
C ARG A 50 -14.76 6.30 -14.15
N SER A 51 -15.97 6.73 -14.46
CA SER A 51 -16.61 7.82 -13.71
C SER A 51 -15.70 9.01 -13.53
N ARG A 52 -15.08 9.43 -14.62
CA ARG A 52 -14.17 10.59 -14.70
C ARG A 52 -12.94 10.46 -13.82
N THR A 53 -12.64 9.23 -13.41
CA THR A 53 -11.51 8.93 -12.53
C THR A 53 -10.46 8.21 -13.33
N HIS A 54 -9.27 8.77 -13.31
CA HIS A 54 -8.10 8.13 -13.91
C HIS A 54 -7.54 7.10 -12.98
N LEU A 55 -7.00 6.02 -13.55
CA LEU A 55 -6.57 4.88 -12.80
C LEU A 55 -5.24 4.40 -13.34
N ARG A 56 -4.33 4.08 -12.43
CA ARG A 56 -3.03 3.50 -12.79
C ARG A 56 -2.72 2.36 -11.85
N LEU A 57 -2.01 1.36 -12.37
CA LEU A 57 -1.48 0.26 -11.56
C LEU A 57 0.01 0.20 -11.71
N VAL A 58 0.72 -0.03 -10.62
CA VAL A 58 2.15 -0.23 -10.72
C VAL A 58 2.57 -1.17 -9.61
N ASP A 59 3.55 -2.02 -9.88
CA ASP A 59 4.08 -2.91 -8.85
C ASP A 59 5.57 -2.72 -8.74
N ILE A 60 6.06 -3.02 -7.55
CA ILE A 60 7.49 -2.96 -7.27
C ILE A 60 7.94 -4.36 -6.85
N VAL A 61 8.84 -4.95 -7.63
CA VAL A 61 9.37 -6.25 -7.27
C VAL A 61 10.75 -6.11 -6.67
N GLU A 62 11.14 -7.17 -5.96
CA GLU A 62 12.38 -7.17 -5.18
C GLU A 62 12.53 -5.88 -4.35
N PRO A 63 11.48 -5.49 -3.62
CA PRO A 63 11.66 -4.33 -2.77
C PRO A 63 12.66 -4.61 -1.63
N THR A 64 13.38 -3.56 -1.25
CA THR A 64 14.30 -3.61 -0.12
C THR A 64 13.75 -2.74 1.00
N GLU A 65 14.39 -2.81 2.17
CA GLU A 65 14.07 -1.89 3.27
C GLU A 65 14.24 -0.44 2.81
N LYS A 66 15.30 -0.15 2.06
CA LYS A 66 15.51 1.23 1.51
C LYS A 66 14.32 1.66 0.59
N THR A 67 13.77 0.74 -0.20
CA THR A 67 12.56 1.00 -1.01
C THR A 67 11.38 1.41 -0.17
N VAL A 68 11.09 0.64 0.87
CA VAL A 68 9.95 0.90 1.74
C VAL A 68 10.14 2.25 2.43
N ASP A 69 11.33 2.51 2.92
CA ASP A 69 11.62 3.76 3.58
C ASP A 69 11.50 4.96 2.64
N ALA A 70 11.96 4.79 1.41
CA ALA A 70 11.85 5.86 0.42
C ALA A 70 10.41 6.13 0.05
N LEU A 71 9.59 5.09 -0.04
CA LEU A 71 8.17 5.26 -0.33
C LEU A 71 7.45 5.98 0.80
N MET A 72 7.82 5.66 2.03
CA MET A 72 7.19 6.32 3.16
C MET A 72 7.54 7.81 3.14
N ARG A 73 8.80 8.13 2.85
CA ARG A 73 9.25 9.52 2.87
C ARG A 73 8.61 10.33 1.75
N LEU A 74 8.33 9.69 0.63
CA LEU A 74 7.77 10.38 -0.53
C LEU A 74 6.46 11.06 -0.16
N ASP A 75 6.34 12.35 -0.45
CA ASP A 75 5.09 13.09 -0.24
C ASP A 75 4.24 13.11 -1.50
N LEU A 76 3.14 12.39 -1.47
CA LEU A 76 2.28 12.30 -2.63
C LEU A 76 1.25 13.45 -2.60
N ALA A 77 1.08 14.10 -3.75
CA ALA A 77 0.24 15.29 -3.89
C ALA A 77 -1.16 15.06 -3.38
N ALA A 78 -1.74 16.12 -2.83
CA ALA A 78 -3.17 16.12 -2.60
C ALA A 78 -3.88 15.86 -3.93
N GLY A 79 -4.94 15.07 -3.85
CA GLY A 79 -5.75 14.81 -5.00
C GLY A 79 -5.43 13.50 -5.69
N VAL A 80 -4.50 12.72 -5.15
CA VAL A 80 -4.24 11.36 -5.69
C VAL A 80 -4.47 10.37 -4.56
N ASP A 81 -5.23 9.34 -4.84
CA ASP A 81 -5.44 8.26 -3.89
C ASP A 81 -4.52 7.11 -4.22
N VAL A 82 -3.81 6.63 -3.22
CA VAL A 82 -2.90 5.52 -3.42
C VAL A 82 -3.25 4.38 -2.48
N GLN A 83 -3.59 3.23 -3.04
CA GLN A 83 -3.82 1.98 -2.30
C GLN A 83 -2.55 1.16 -2.47
N ILE A 84 -2.00 0.67 -1.37
CA ILE A 84 -0.69 0.00 -1.38
C ILE A 84 -0.71 -1.23 -0.51
N SER A 85 -0.10 -2.30 -1.01
CA SER A 85 0.03 -3.54 -0.25
C SER A 85 1.38 -4.16 -0.49
N LEU A 86 1.79 -4.99 0.46
CA LEU A 86 3.00 -5.77 0.34
C LEU A 86 2.69 -7.22 0.66
N GLY A 87 3.07 -8.11 -0.25
CA GLY A 87 2.92 -9.55 0.01
C GLY A 87 3.36 -10.40 -1.17
N ARG B 5 2.35 -12.37 23.70
CA ARG B 5 1.34 -13.44 23.40
C ARG B 5 0.18 -12.84 22.60
N PRO B 6 0.47 -12.35 21.39
CA PRO B 6 -0.55 -11.74 20.52
C PRO B 6 -1.71 -12.72 20.25
N LYS B 7 -2.90 -12.21 20.11
CA LYS B 7 -4.06 -13.10 19.84
C LYS B 7 -4.26 -13.23 18.33
N THR B 8 -4.66 -14.39 17.88
CA THR B 8 -4.87 -14.58 16.41
C THR B 8 -6.36 -14.46 16.09
N LEU B 9 -7.14 -13.99 17.02
CA LEU B 9 -8.60 -13.84 16.78
C LEU B 9 -8.89 -12.43 16.25
N PHE B 10 -9.03 -12.28 14.96
CA PHE B 10 -9.31 -10.94 14.40
C PHE B 10 -10.68 -10.96 13.69
N GLU B 11 -11.39 -9.86 13.73
CA GLU B 11 -12.72 -9.81 13.06
C GLU B 11 -12.88 -8.48 12.34
N PRO B 12 -13.80 -8.43 11.37
CA PRO B 12 -14.06 -7.21 10.59
C PRO B 12 -14.37 -6.01 11.50
N GLY B 13 -13.71 -4.91 11.29
CA GLY B 13 -13.97 -3.71 12.14
C GLY B 13 -13.03 -3.73 13.35
N GLU B 14 -12.22 -4.75 13.48
CA GLU B 14 -11.28 -4.82 14.63
C GLU B 14 -10.01 -4.05 14.31
N MET B 15 -9.52 -3.27 15.23
CA MET B 15 -8.27 -2.49 14.97
C MET B 15 -7.05 -3.40 15.16
N VAL B 16 -6.02 -3.18 14.40
CA VAL B 16 -4.81 -4.04 14.53
C VAL B 16 -3.56 -3.14 14.63
N ARG B 17 -2.41 -3.73 14.77
CA ARG B 17 -1.16 -2.91 14.86
C ARG B 17 -0.13 -3.46 13.89
N VAL B 18 0.58 -2.59 13.21
CA VAL B 18 1.61 -3.05 12.24
C VAL B 18 3.01 -2.81 12.82
N ASN B 19 3.86 -3.79 12.76
CA ASN B 19 5.23 -3.61 13.31
C ASN B 19 6.25 -4.18 12.33
N ASP B 20 5.88 -4.32 11.09
CA ASP B 20 6.83 -4.87 10.08
C ASP B 20 6.66 -4.12 8.75
N GLY B 21 7.72 -3.98 8.00
CA GLY B 21 7.62 -3.27 6.70
C GLY B 21 7.39 -1.77 6.96
N PRO B 22 7.33 -0.98 5.88
CA PRO B 22 7.12 0.48 5.98
C PRO B 22 5.85 0.82 6.78
N PHE B 23 4.95 -0.13 6.90
CA PHE B 23 3.70 0.14 7.65
C PHE B 23 3.93 -0.13 9.13
N ALA B 24 5.15 -0.39 9.52
CA ALA B 24 5.44 -0.65 10.96
C ALA B 24 5.19 0.62 11.77
N ASP B 25 4.79 0.47 13.00
CA ASP B 25 4.52 1.67 13.85
C ASP B 25 3.23 2.35 13.39
N PHE B 26 2.30 1.59 12.87
CA PHE B 26 1.02 2.19 12.40
C PHE B 26 -0.14 1.30 12.82
N ASN B 27 -1.29 1.86 13.01
CA ASN B 27 -2.48 1.04 13.41
C ASN B 27 -3.56 1.15 12.34
N GLY B 28 -4.51 0.25 12.37
CA GLY B 28 -5.60 0.30 11.34
C GLY B 28 -6.69 -0.71 11.71
N VAL B 29 -7.65 -0.89 10.85
CA VAL B 29 -8.75 -1.86 11.15
C VAL B 29 -8.78 -2.94 10.06
N VAL B 30 -9.22 -4.12 10.39
CA VAL B 30 -9.28 -5.20 9.36
C VAL B 30 -10.67 -5.25 8.74
N GLU B 31 -10.83 -4.66 7.59
CA GLU B 31 -12.16 -4.68 6.93
C GLU B 31 -12.49 -6.09 6.47
N GLU B 32 -11.51 -6.81 6.01
CA GLU B 32 -11.76 -8.21 5.54
C GLU B 32 -10.69 -9.14 6.11
N VAL B 33 -11.03 -10.38 6.34
CA VAL B 33 -10.03 -11.34 6.89
C VAL B 33 -9.98 -12.59 6.01
N ASP B 34 -8.84 -13.23 5.94
CA ASP B 34 -8.72 -14.44 5.09
C ASP B 34 -7.96 -15.52 5.87
N TYR B 35 -8.65 -16.31 6.64
CA TYR B 35 -7.95 -17.38 7.41
C TYR B 35 -7.37 -18.42 6.44
N GLU B 36 -8.06 -18.71 5.39
CA GLU B 36 -7.56 -19.71 4.40
C GLU B 36 -6.25 -19.21 3.80
N LYS B 37 -6.19 -17.96 3.43
CA LYS B 37 -4.94 -17.41 2.84
C LYS B 37 -4.03 -16.89 3.94
N SER B 38 -4.45 -17.01 5.17
CA SER B 38 -3.60 -16.50 6.31
C SER B 38 -3.20 -15.06 6.04
N ARG B 39 -4.16 -14.20 5.75
CA ARG B 39 -3.83 -12.78 5.49
C ARG B 39 -4.95 -11.89 6.02
N LEU B 40 -4.61 -10.76 6.60
CA LEU B 40 -5.66 -9.86 7.14
C LEU B 40 -5.76 -8.62 6.26
N LYS B 41 -6.96 -8.22 5.92
CA LYS B 41 -7.12 -7.01 5.07
C LYS B 41 -7.30 -5.78 5.96
N VAL B 42 -6.22 -5.09 6.26
CA VAL B 42 -6.33 -3.89 7.13
C VAL B 42 -5.72 -2.68 6.40
N SER B 43 -6.31 -1.53 6.55
CA SER B 43 -5.77 -0.32 5.86
C SER B 43 -5.09 0.59 6.90
N VAL B 44 -4.07 1.29 6.50
CA VAL B 44 -3.36 2.19 7.46
C VAL B 44 -3.66 3.64 7.11
N SER B 45 -4.01 4.44 8.08
CA SER B 45 -4.31 5.87 7.80
C SER B 45 -3.02 6.62 7.49
N ILE B 46 -2.58 6.57 6.26
CA ILE B 46 -1.33 7.29 5.89
C ILE B 46 -1.66 8.52 5.05
N PHE B 47 -0.97 9.61 5.28
CA PHE B 47 -1.25 10.84 4.50
C PHE B 47 -2.70 11.28 4.73
N GLY B 48 -3.31 10.80 5.78
CA GLY B 48 -4.72 11.19 6.05
C GLY B 48 -5.67 10.31 5.24
N ARG B 49 -5.15 9.34 4.54
CA ARG B 49 -6.02 8.45 3.73
C ARG B 49 -5.80 6.99 4.14
N ALA B 50 -6.83 6.20 4.13
CA ALA B 50 -6.68 4.76 4.52
C ALA B 50 -5.86 4.04 3.46
N THR B 51 -5.01 3.13 3.87
CA THR B 51 -4.19 2.38 2.89
C THR B 51 -4.40 0.87 3.09
N PRO B 52 -5.55 0.36 2.63
CA PRO B 52 -5.89 -1.06 2.74
C PRO B 52 -4.73 -1.97 2.29
N VAL B 53 -4.05 -2.58 3.22
CA VAL B 53 -2.91 -3.48 2.85
C VAL B 53 -3.10 -4.84 3.51
N GLU B 54 -2.53 -5.87 2.94
CA GLU B 54 -2.67 -7.22 3.54
C GLU B 54 -1.46 -7.51 4.45
N LEU B 55 -1.69 -7.81 5.69
CA LEU B 55 -0.56 -8.10 6.61
C LEU B 55 -0.77 -9.45 7.28
N ASP B 56 0.29 -10.17 7.58
CA ASP B 56 0.14 -11.50 8.22
C ASP B 56 -0.22 -11.31 9.70
N PHE B 57 -0.67 -12.34 10.35
CA PHE B 57 -1.03 -12.21 11.79
C PHE B 57 0.21 -11.81 12.59
N SER B 58 1.34 -12.39 12.28
CA SER B 58 2.58 -12.03 13.02
C SER B 58 3.09 -10.67 12.55
N GLN B 59 2.78 -10.30 11.34
CA GLN B 59 3.23 -8.98 10.82
C GLN B 59 2.51 -7.86 11.56
N VAL B 60 1.34 -8.13 12.08
CA VAL B 60 0.58 -7.08 12.82
C VAL B 60 0.15 -7.62 14.18
N GLU B 61 -0.13 -6.76 15.11
CA GLU B 61 -0.56 -7.23 16.46
C GLU B 61 -2.01 -6.84 16.70
N LYS B 62 -2.73 -7.63 17.46
CA LYS B 62 -4.16 -7.30 17.74
C LYS B 62 -4.24 -6.06 18.64
N ALA B 63 -5.12 -5.16 18.32
CA ALA B 63 -5.25 -3.93 19.15
C ALA B 63 -6.46 -4.06 20.07
N ASN A 8 11.88 -12.55 -3.41
CA ASN A 8 10.75 -12.98 -4.21
C ASN A 8 9.44 -12.24 -3.89
N GLN A 9 9.56 -11.13 -3.15
CA GLN A 9 8.40 -10.30 -2.84
C GLN A 9 8.35 -9.13 -3.79
N ARG A 10 7.15 -8.62 -3.92
CA ARG A 10 6.79 -7.58 -4.84
C ARG A 10 6.00 -6.52 -4.07
N ILE A 11 6.21 -5.25 -4.39
CA ILE A 11 5.29 -4.20 -3.93
C ILE A 11 4.28 -3.94 -5.07
N ARG A 12 3.01 -4.10 -4.77
CA ARG A 12 1.95 -3.84 -5.74
C ARG A 12 1.22 -2.58 -5.34
N ILE A 13 1.08 -1.69 -6.29
CA ILE A 13 0.44 -0.40 -6.05
C ILE A 13 -0.67 -0.17 -7.05
N ARG A 14 -1.81 0.30 -6.55
CA ARG A 14 -2.91 0.76 -7.37
C ARG A 14 -3.20 2.20 -7.00
N LEU A 15 -3.25 3.05 -8.02
CA LEU A 15 -3.55 4.46 -7.85
C LEU A 15 -4.90 4.76 -8.42
N LYS A 16 -5.62 5.68 -7.77
CA LYS A 16 -6.89 6.21 -8.29
C LYS A 16 -6.90 7.70 -8.09
N ALA A 17 -7.54 8.41 -9.00
CA ALA A 17 -7.72 9.87 -8.82
C ALA A 17 -8.79 10.33 -9.75
N PHE A 18 -9.48 11.40 -9.36
CA PHE A 18 -10.35 12.09 -10.33
C PHE A 18 -9.58 13.00 -11.28
N ASP A 19 -8.37 13.42 -10.90
CA ASP A 19 -7.55 14.33 -11.70
C ASP A 19 -6.40 13.56 -12.34
N HIS A 20 -6.41 13.41 -13.66
CA HIS A 20 -5.39 12.65 -14.35
C HIS A 20 -4.00 13.28 -14.18
N ARG A 21 -3.93 14.59 -14.03
CA ARG A 21 -2.63 15.24 -13.87
C ARG A 21 -1.99 14.78 -12.56
N LEU A 22 -2.80 14.68 -11.52
CA LEU A 22 -2.29 14.24 -10.21
C LEU A 22 -1.88 12.78 -10.28
N ILE A 23 -2.64 11.94 -10.97
CA ILE A 23 -2.34 10.51 -10.98
C ILE A 23 -1.05 10.26 -11.74
N ASP A 24 -0.81 10.98 -12.84
CA ASP A 24 0.41 10.75 -13.61
C ASP A 24 1.62 11.30 -12.90
N GLN A 25 1.47 12.39 -12.16
CA GLN A 25 2.57 12.92 -11.35
C GLN A 25 2.93 11.94 -10.21
N ALA A 26 1.91 11.38 -9.53
CA ALA A 26 2.17 10.46 -8.43
C ALA A 26 2.83 9.22 -8.99
N THR A 27 2.37 8.73 -10.14
CA THR A 27 2.94 7.55 -10.77
C THR A 27 4.41 7.79 -11.08
N ALA A 28 4.72 8.94 -11.67
CA ALA A 28 6.11 9.27 -11.98
C ALA A 28 6.98 9.33 -10.73
N GLU A 29 6.45 9.89 -9.67
CA GLU A 29 7.19 10.01 -8.41
C GLU A 29 7.50 8.64 -7.81
N ILE A 30 6.54 7.73 -7.86
CA ILE A 30 6.72 6.38 -7.36
C ILE A 30 7.77 5.64 -8.19
N VAL A 31 7.68 5.74 -9.51
CA VAL A 31 8.68 5.14 -10.40
C VAL A 31 10.08 5.64 -10.08
N GLU A 32 10.23 6.96 -9.97
CA GLU A 32 11.53 7.56 -9.74
C GLU A 32 12.07 7.10 -8.40
N THR A 33 11.21 7.08 -7.39
CA THR A 33 11.65 6.68 -6.04
C THR A 33 12.14 5.25 -6.05
N ALA A 34 11.43 4.37 -6.73
CA ALA A 34 11.81 2.96 -6.82
C ALA A 34 13.14 2.79 -7.54
N LYS A 35 13.28 3.39 -8.70
CA LYS A 35 14.47 3.22 -9.50
C LYS A 35 15.71 3.79 -8.82
N ARG A 36 15.59 4.90 -8.09
CA ARG A 36 16.74 5.53 -7.40
C ARG A 36 17.22 4.76 -6.17
N THR A 37 16.43 3.73 -5.90
CA THR A 37 16.37 2.92 -4.74
C THR A 37 17.09 1.60 -5.02
N GLY A 38 17.39 1.36 -6.29
CA GLY A 38 17.98 0.09 -6.71
C GLY A 38 16.96 -1.01 -7.01
N ALA A 39 15.69 -0.64 -7.09
CA ALA A 39 14.57 -1.57 -7.37
C ALA A 39 14.16 -1.44 -8.81
N GLN A 40 13.36 -2.38 -9.29
CA GLN A 40 12.90 -2.37 -10.66
C GLN A 40 11.40 -2.13 -10.70
N VAL A 41 10.94 -1.55 -11.77
CA VAL A 41 9.54 -1.20 -11.93
C VAL A 41 8.93 -2.11 -12.99
N ARG A 42 7.71 -2.57 -12.74
CA ARG A 42 6.88 -3.22 -13.75
C ARG A 42 5.66 -2.35 -13.94
N GLY A 43 5.28 -2.15 -15.20
CA GLY A 43 4.34 -1.12 -15.53
C GLY A 43 5.08 0.21 -15.49
N PRO A 44 4.41 1.30 -15.13
CA PRO A 44 3.01 1.40 -14.75
C PRO A 44 2.11 1.27 -15.94
N ILE A 45 0.91 0.80 -15.71
CA ILE A 45 -0.07 0.80 -16.78
C ILE A 45 -1.33 1.54 -16.40
N PRO A 46 -1.98 2.16 -17.37
CA PRO A 46 -3.31 2.74 -17.15
C PRO A 46 -4.38 1.71 -17.39
N LEU A 47 -5.44 1.76 -16.61
CA LEU A 47 -6.63 0.95 -16.87
C LEU A 47 -7.69 1.86 -17.46
N PRO A 48 -8.73 1.30 -18.11
CA PRO A 48 -9.82 2.18 -18.57
C PRO A 48 -10.42 2.97 -17.41
N THR A 49 -10.70 4.23 -17.65
CA THR A 49 -11.34 5.10 -16.65
C THR A 49 -12.75 4.61 -16.31
N ARG A 50 -13.07 4.59 -15.01
CA ARG A 50 -14.32 4.02 -14.52
C ARG A 50 -14.95 5.04 -13.62
N SER A 51 -16.21 5.39 -13.89
CA SER A 51 -16.91 6.39 -13.08
C SER A 51 -16.08 7.64 -12.86
N ARG A 52 -15.53 8.15 -13.94
CA ARG A 52 -14.71 9.39 -13.99
C ARG A 52 -13.45 9.31 -13.15
N THR A 53 -13.05 8.09 -12.80
CA THR A 53 -11.88 7.84 -11.96
C THR A 53 -10.81 7.25 -12.82
N HIS A 54 -9.65 7.90 -12.80
CA HIS A 54 -8.46 7.38 -13.47
C HIS A 54 -7.79 6.35 -12.59
N LEU A 55 -7.19 5.35 -13.22
CA LEU A 55 -6.64 4.21 -12.54
C LEU A 55 -5.30 3.86 -13.13
N ARG A 56 -4.34 3.59 -12.26
CA ARG A 56 -3.01 3.12 -12.68
C ARG A 56 -2.58 1.97 -11.80
N LEU A 57 -1.81 1.06 -12.37
CA LEU A 57 -1.18 -0.04 -11.63
C LEU A 57 0.31 0.02 -11.83
N VAL A 58 1.07 -0.19 -10.76
CA VAL A 58 2.50 -0.28 -10.90
C VAL A 58 3.03 -1.22 -9.85
N ASP A 59 4.06 -1.98 -10.18
CA ASP A 59 4.68 -2.87 -9.21
C ASP A 59 6.17 -2.56 -9.12
N ILE A 60 6.71 -2.87 -7.96
CA ILE A 60 8.13 -2.73 -7.71
C ILE A 60 8.71 -4.09 -7.37
N VAL A 61 9.62 -4.58 -8.20
CA VAL A 61 10.26 -5.85 -7.90
C VAL A 61 11.64 -5.62 -7.33
N GLU A 62 12.13 -6.67 -6.69
CA GLU A 62 13.40 -6.62 -5.93
C GLU A 62 13.46 -5.35 -5.06
N PRO A 63 12.40 -5.09 -4.28
CA PRO A 63 12.52 -3.95 -3.38
C PRO A 63 13.56 -4.20 -2.29
N THR A 64 14.22 -3.12 -1.87
CA THR A 64 15.17 -3.13 -0.76
C THR A 64 14.57 -2.37 0.42
N GLU A 65 15.25 -2.43 1.56
CA GLU A 65 14.90 -1.59 2.71
C GLU A 65 14.94 -0.12 2.31
N LYS A 66 15.96 0.28 1.55
CA LYS A 66 16.04 1.70 1.06
C LYS A 66 14.79 2.08 0.19
N THR A 67 14.29 1.15 -0.64
CA THR A 67 13.04 1.36 -1.41
C THR A 67 11.86 1.64 -0.51
N VAL A 68 11.66 0.79 0.50
CA VAL A 68 10.52 0.92 1.40
C VAL A 68 10.63 2.26 2.15
N ASP A 69 11.81 2.58 2.62
CA ASP A 69 12.02 3.83 3.34
C ASP A 69 11.78 5.06 2.46
N ALA A 70 12.22 4.97 1.20
CA ALA A 70 12.01 6.07 0.26
C ALA A 70 10.53 6.24 -0.06
N LEU A 71 9.80 5.14 -0.18
CA LEU A 71 8.36 5.22 -0.42
C LEU A 71 7.61 5.83 0.76
N MET A 72 8.03 5.49 1.97
CA MET A 72 7.39 6.04 3.13
C MET A 72 7.63 7.55 3.18
N ARG A 73 8.86 7.98 2.88
CA ARG A 73 9.19 9.40 2.95
C ARG A 73 8.46 10.21 1.88
N LEU A 74 8.20 9.60 0.74
CA LEU A 74 7.55 10.29 -0.37
C LEU A 74 6.20 10.86 0.06
N ASP A 75 5.98 12.13 -0.17
CA ASP A 75 4.67 12.77 0.09
C ASP A 75 3.78 12.78 -1.12
N LEU A 76 2.75 11.97 -1.11
CA LEU A 76 1.87 11.85 -2.26
C LEU A 76 0.76 12.92 -2.15
N ALA A 77 0.51 13.61 -3.26
CA ALA A 77 -0.43 14.74 -3.32
C ALA A 77 -1.79 14.37 -2.79
N ALA A 78 -2.44 15.35 -2.18
CA ALA A 78 -3.86 15.23 -1.92
C ALA A 78 -4.58 14.97 -3.24
N GLY A 79 -5.57 14.11 -3.17
CA GLY A 79 -6.40 13.83 -4.31
C GLY A 79 -5.99 12.58 -5.08
N VAL A 80 -4.99 11.85 -4.59
CA VAL A 80 -4.64 10.55 -5.20
C VAL A 80 -4.75 9.49 -4.11
N ASP A 81 -5.44 8.41 -4.41
CA ASP A 81 -5.55 7.28 -3.51
C ASP A 81 -4.54 6.22 -3.92
N VAL A 82 -3.76 5.76 -2.96
CA VAL A 82 -2.79 4.73 -3.23
C VAL A 82 -3.01 3.54 -2.34
N GLN A 83 -3.28 2.37 -2.94
CA GLN A 83 -3.38 1.09 -2.24
C GLN A 83 -2.06 0.38 -2.48
N ILE A 84 -1.45 -0.12 -1.42
CA ILE A 84 -0.10 -0.69 -1.50
C ILE A 84 0.01 -1.95 -0.69
N SER A 85 0.69 -2.93 -1.25
CA SER A 85 0.93 -4.20 -0.54
C SER A 85 2.32 -4.71 -0.86
N LEU A 86 2.82 -5.53 0.05
CA LEU A 86 4.08 -6.21 -0.14
C LEU A 86 3.90 -7.69 0.12
N GLY A 87 4.32 -8.51 -0.83
CA GLY A 87 4.30 -9.97 -0.64
C GLY A 87 4.76 -10.73 -1.86
N ARG B 5 0.95 -12.84 23.84
CA ARG B 5 -0.14 -13.79 23.50
C ARG B 5 -1.21 -13.08 22.67
N PRO B 6 -0.83 -12.60 21.47
CA PRO B 6 -1.75 -11.89 20.57
C PRO B 6 -2.99 -12.74 20.24
N LYS B 7 -4.12 -12.12 20.07
CA LYS B 7 -5.36 -12.88 19.75
C LYS B 7 -5.51 -12.99 18.23
N THR B 8 -6.01 -14.10 17.75
CA THR B 8 -6.18 -14.25 16.28
C THR B 8 -7.65 -13.98 15.91
N LEU B 9 -8.41 -13.44 16.82
CA LEU B 9 -9.84 -13.15 16.52
C LEU B 9 -9.97 -11.72 16.00
N PHE B 10 -10.05 -11.55 14.71
CA PHE B 10 -10.17 -10.17 14.15
C PHE B 10 -11.50 -10.05 13.40
N GLU B 11 -12.11 -8.89 13.42
CA GLU B 11 -13.40 -8.71 12.71
C GLU B 11 -13.40 -7.36 12.00
N PRO B 12 -14.28 -7.21 10.99
CA PRO B 12 -14.39 -5.96 10.22
C PRO B 12 -14.61 -4.76 11.13
N GLY B 13 -13.83 -3.72 10.96
CA GLY B 13 -13.99 -2.51 11.82
C GLY B 13 -13.12 -2.63 13.06
N GLU B 14 -12.40 -3.71 13.20
CA GLU B 14 -11.53 -3.89 14.39
C GLU B 14 -10.17 -3.26 14.11
N MET B 15 -9.65 -2.52 15.06
CA MET B 15 -8.32 -1.87 14.86
C MET B 15 -7.21 -2.90 15.08
N VAL B 16 -6.13 -2.78 14.36
CA VAL B 16 -5.00 -3.75 14.53
C VAL B 16 -3.69 -2.99 14.68
N ARG B 17 -2.60 -3.69 14.85
CA ARG B 17 -1.28 -3.00 15.00
C ARG B 17 -0.26 -3.64 14.05
N VAL B 18 0.54 -2.84 13.41
CA VAL B 18 1.56 -3.39 12.47
C VAL B 18 2.94 -3.29 13.10
N ASN B 19 3.70 -4.36 13.06
CA ASN B 19 5.07 -4.31 13.66
C ASN B 19 6.06 -4.98 12.71
N ASP B 20 5.73 -5.08 11.45
CA ASP B 20 6.64 -5.71 10.47
C ASP B 20 6.60 -4.94 9.15
N GLY B 21 7.69 -4.88 8.44
CA GLY B 21 7.71 -4.15 7.14
C GLY B 21 7.62 -2.65 7.41
N PRO B 22 7.68 -1.84 6.34
CA PRO B 22 7.61 -0.38 6.46
C PRO B 22 6.36 0.07 7.20
N PHE B 23 5.36 -0.77 7.27
CA PHE B 23 4.11 -0.39 7.99
C PHE B 23 4.26 -0.68 9.48
N ALA B 24 5.44 -1.07 9.90
CA ALA B 24 5.65 -1.38 11.35
C ALA B 24 5.49 -0.10 12.16
N ASP B 25 5.02 -0.21 13.39
CA ASP B 25 4.86 1.01 14.24
C ASP B 25 3.66 1.81 13.74
N PHE B 26 2.68 1.16 13.17
CA PHE B 26 1.48 1.88 12.66
C PHE B 26 0.22 1.10 13.02
N ASN B 27 -0.88 1.78 13.20
CA ASN B 27 -2.15 1.07 13.54
C ASN B 27 -3.18 1.29 12.44
N GLY B 28 -4.22 0.50 12.42
CA GLY B 28 -5.26 0.67 11.37
C GLY B 28 -6.45 -0.24 11.67
N VAL B 29 -7.40 -0.31 10.78
CA VAL B 29 -8.59 -1.18 11.03
C VAL B 29 -8.68 -2.23 9.93
N VAL B 30 -9.25 -3.37 10.22
CA VAL B 30 -9.37 -4.43 9.19
C VAL B 30 -10.74 -4.33 8.52
N GLU B 31 -10.81 -3.73 7.37
CA GLU B 31 -12.11 -3.60 6.66
C GLU B 31 -12.56 -4.97 6.17
N GLU B 32 -11.64 -5.79 5.74
CA GLU B 32 -12.02 -7.15 5.24
C GLU B 32 -11.07 -8.18 5.84
N VAL B 33 -11.53 -9.39 6.05
CA VAL B 33 -10.65 -10.44 6.62
C VAL B 33 -10.69 -11.68 5.72
N ASP B 34 -9.62 -12.43 5.69
CA ASP B 34 -9.58 -13.65 4.83
C ASP B 34 -8.96 -14.81 5.62
N TYR B 35 -9.75 -15.53 6.36
CA TYR B 35 -9.19 -16.67 7.14
C TYR B 35 -8.69 -17.75 6.20
N GLU B 36 -9.37 -17.96 5.10
CA GLU B 36 -8.93 -19.00 4.13
C GLU B 36 -7.55 -18.62 3.58
N LYS B 37 -7.36 -17.38 3.23
CA LYS B 37 -6.04 -16.96 2.68
C LYS B 37 -5.12 -16.54 3.82
N SER B 38 -5.60 -16.62 5.05
CA SER B 38 -4.74 -16.22 6.20
C SER B 38 -4.19 -14.81 5.96
N ARG B 39 -5.05 -13.88 5.66
CA ARG B 39 -4.57 -12.48 5.41
C ARG B 39 -5.61 -11.49 5.92
N LEU B 40 -5.19 -10.42 6.53
CA LEU B 40 -6.17 -9.41 7.04
C LEU B 40 -6.11 -8.15 6.17
N LYS B 41 -7.25 -7.63 5.80
CA LYS B 41 -7.26 -6.40 4.95
C LYS B 41 -7.34 -5.17 5.85
N VAL B 42 -6.22 -4.60 6.20
CA VAL B 42 -6.24 -3.39 7.07
C VAL B 42 -5.49 -2.26 6.38
N SER B 43 -5.97 -1.05 6.52
CA SER B 43 -5.28 0.11 5.87
C SER B 43 -4.56 0.93 6.94
N VAL B 44 -3.45 1.52 6.59
CA VAL B 44 -2.70 2.34 7.58
C VAL B 44 -2.85 3.83 7.23
N SER B 45 -3.15 4.65 8.20
CA SER B 45 -3.29 6.10 7.93
C SER B 45 -1.92 6.72 7.67
N ILE B 46 -1.45 6.65 6.45
CA ILE B 46 -0.12 7.23 6.14
C ILE B 46 -0.29 8.49 5.30
N PHE B 47 0.49 9.51 5.57
CA PHE B 47 0.36 10.78 4.79
C PHE B 47 -1.04 11.35 4.98
N GLY B 48 -1.74 10.92 5.99
CA GLY B 48 -3.11 11.45 6.22
C GLY B 48 -4.11 10.68 5.37
N ARG B 49 -3.66 9.66 4.68
CA ARG B 49 -4.59 8.87 3.82
C ARG B 49 -4.52 7.39 4.22
N ALA B 50 -5.63 6.70 4.17
CA ALA B 50 -5.64 5.26 4.55
C ALA B 50 -4.86 4.46 3.52
N THR B 51 -4.12 3.48 3.95
CA THR B 51 -3.33 2.65 2.98
C THR B 51 -3.70 1.18 3.15
N PRO B 52 -4.88 0.78 2.65
CA PRO B 52 -5.36 -0.60 2.74
C PRO B 52 -4.28 -1.60 2.32
N VAL B 53 -3.71 -2.30 3.26
CA VAL B 53 -2.66 -3.29 2.91
C VAL B 53 -3.00 -4.64 3.57
N GLU B 54 -2.51 -5.72 3.00
CA GLU B 54 -2.79 -7.05 3.58
C GLU B 54 -1.66 -7.47 4.52
N LEU B 55 -1.97 -7.75 5.76
CA LEU B 55 -0.90 -8.15 6.72
C LEU B 55 -1.27 -9.50 7.36
N ASP B 56 -0.30 -10.30 7.68
CA ASP B 56 -0.60 -11.62 8.31
C ASP B 56 -0.99 -11.41 9.78
N PHE B 57 -1.57 -12.40 10.40
CA PHE B 57 -1.96 -12.25 11.83
C PHE B 57 -0.72 -11.98 12.67
N SER B 58 0.36 -12.66 12.39
CA SER B 58 1.60 -12.44 13.19
C SER B 58 2.26 -11.13 12.75
N GLN B 59 2.03 -10.71 11.53
CA GLN B 59 2.63 -9.45 11.05
C GLN B 59 2.01 -8.26 11.78
N VAL B 60 0.79 -8.42 12.24
CA VAL B 60 0.11 -7.31 12.96
C VAL B 60 -0.42 -7.82 14.30
N GLU B 61 -0.65 -6.93 15.24
CA GLU B 61 -1.16 -7.36 16.56
C GLU B 61 -2.59 -6.84 16.76
N LYS B 62 -3.39 -7.56 17.48
CA LYS B 62 -4.80 -7.10 17.71
C LYS B 62 -4.79 -5.87 18.62
N ALA B 63 -5.57 -4.87 18.29
CA ALA B 63 -5.60 -3.64 19.13
C ALA B 63 -6.86 -3.65 19.99
#